data_3AKB
# 
_entry.id   3AKB 
# 
_audit_conform.dict_name       mmcif_pdbx.dic 
_audit_conform.dict_version    5.388 
_audit_conform.dict_location   http://mmcif.pdb.org/dictionaries/ascii/mmcif_pdbx.dic 
# 
loop_
_database_2.database_id 
_database_2.database_code 
_database_2.pdbx_database_accession 
_database_2.pdbx_DOI 
PDB   3AKB         pdb_00003akb 10.2210/pdb3akb/pdb 
RCSB  RCSB029357   ?            ?                   
WWPDB D_1000029357 ?            ?                   
# 
loop_
_pdbx_audit_revision_history.ordinal 
_pdbx_audit_revision_history.data_content_type 
_pdbx_audit_revision_history.major_revision 
_pdbx_audit_revision_history.minor_revision 
_pdbx_audit_revision_history.revision_date 
1 'Structure model' 1 0 2011-01-26 
2 'Structure model' 1 1 2011-07-13 
3 'Structure model' 1 2 2024-03-13 
# 
_pdbx_audit_revision_details.ordinal             1 
_pdbx_audit_revision_details.revision_ordinal    1 
_pdbx_audit_revision_details.data_content_type   'Structure model' 
_pdbx_audit_revision_details.provider            repository 
_pdbx_audit_revision_details.type                'Initial release' 
_pdbx_audit_revision_details.description         ? 
_pdbx_audit_revision_details.details             ? 
# 
loop_
_pdbx_audit_revision_group.ordinal 
_pdbx_audit_revision_group.revision_ordinal 
_pdbx_audit_revision_group.data_content_type 
_pdbx_audit_revision_group.group 
1 2 'Structure model' 'Version format compliance' 
2 3 'Structure model' 'Data collection'           
3 3 'Structure model' 'Database references'       
4 3 'Structure model' 'Derived calculations'      
# 
loop_
_pdbx_audit_revision_category.ordinal 
_pdbx_audit_revision_category.revision_ordinal 
_pdbx_audit_revision_category.data_content_type 
_pdbx_audit_revision_category.category 
1 3 'Structure model' chem_comp_atom         
2 3 'Structure model' chem_comp_bond         
3 3 'Structure model' database_2             
4 3 'Structure model' pdbx_struct_conn_angle 
5 3 'Structure model' struct_conn            
6 3 'Structure model' struct_ref_seq_dif     
7 3 'Structure model' struct_site            
# 
loop_
_pdbx_audit_revision_item.ordinal 
_pdbx_audit_revision_item.revision_ordinal 
_pdbx_audit_revision_item.data_content_type 
_pdbx_audit_revision_item.item 
1  3 'Structure model' '_database_2.pdbx_DOI'                        
2  3 'Structure model' '_database_2.pdbx_database_accession'         
3  3 'Structure model' '_pdbx_struct_conn_angle.ptnr1_auth_comp_id'  
4  3 'Structure model' '_pdbx_struct_conn_angle.ptnr1_auth_seq_id'   
5  3 'Structure model' '_pdbx_struct_conn_angle.ptnr1_label_asym_id' 
6  3 'Structure model' '_pdbx_struct_conn_angle.ptnr1_label_atom_id' 
7  3 'Structure model' '_pdbx_struct_conn_angle.ptnr1_label_comp_id' 
8  3 'Structure model' '_pdbx_struct_conn_angle.ptnr1_label_seq_id'  
9  3 'Structure model' '_pdbx_struct_conn_angle.ptnr2_auth_seq_id'   
10 3 'Structure model' '_pdbx_struct_conn_angle.ptnr2_label_asym_id' 
11 3 'Structure model' '_pdbx_struct_conn_angle.ptnr3_auth_comp_id'  
12 3 'Structure model' '_pdbx_struct_conn_angle.ptnr3_auth_seq_id'   
13 3 'Structure model' '_pdbx_struct_conn_angle.ptnr3_label_asym_id' 
14 3 'Structure model' '_pdbx_struct_conn_angle.ptnr3_label_atom_id' 
15 3 'Structure model' '_pdbx_struct_conn_angle.ptnr3_label_comp_id' 
16 3 'Structure model' '_pdbx_struct_conn_angle.ptnr3_label_seq_id'  
17 3 'Structure model' '_pdbx_struct_conn_angle.value'               
18 3 'Structure model' '_struct_conn.pdbx_dist_value'                
19 3 'Structure model' '_struct_conn.ptnr1_auth_comp_id'             
20 3 'Structure model' '_struct_conn.ptnr1_auth_seq_id'              
21 3 'Structure model' '_struct_conn.ptnr1_label_asym_id'            
22 3 'Structure model' '_struct_conn.ptnr1_label_atom_id'            
23 3 'Structure model' '_struct_conn.ptnr1_label_comp_id'            
24 3 'Structure model' '_struct_conn.ptnr1_label_seq_id'             
25 3 'Structure model' '_struct_conn.ptnr2_auth_comp_id'             
26 3 'Structure model' '_struct_conn.ptnr2_auth_seq_id'              
27 3 'Structure model' '_struct_conn.ptnr2_label_asym_id'            
28 3 'Structure model' '_struct_conn.ptnr2_label_atom_id'            
29 3 'Structure model' '_struct_conn.ptnr2_label_comp_id'            
30 3 'Structure model' '_struct_conn.ptnr2_label_seq_id'             
31 3 'Structure model' '_struct_ref_seq_dif.details'                 
32 3 'Structure model' '_struct_site.pdbx_auth_asym_id'              
33 3 'Structure model' '_struct_site.pdbx_auth_comp_id'              
34 3 'Structure model' '_struct_site.pdbx_auth_seq_id'               
# 
_pdbx_database_status.status_code                     REL 
_pdbx_database_status.entry_id                        3AKB 
_pdbx_database_status.recvd_initial_deposition_date   2010-07-09 
_pdbx_database_status.deposit_site                    PDBJ 
_pdbx_database_status.process_site                    PDBJ 
_pdbx_database_status.status_code_sf                  REL 
_pdbx_database_status.status_code_mr                  ? 
_pdbx_database_status.SG_entry                        ? 
_pdbx_database_status.status_code_cs                  ? 
_pdbx_database_status.pdb_format_compatible           Y 
_pdbx_database_status.status_code_nmr_data            ? 
_pdbx_database_status.methods_development_category    ? 
# 
_pdbx_database_related.db_name        PDB 
_pdbx_database_related.db_id          3AKA 
_pdbx_database_related.details        . 
_pdbx_database_related.content_type   unspecified 
# 
loop_
_audit_author.name 
_audit_author.pdbx_ordinal 
'Zhao, X.'    1 
'Pang, H.'    2 
'Wang, S.'    3 
'Zhou, W.'    4 
'Yang, K.'    5 
'Bartlam, M.' 6 
# 
_citation.id                        primary 
_citation.title                     
'Structural basis for prokaryotic calciummediated regulation by a Streptomyces coelicolor calcium binding protein' 
_citation.journal_abbrev            'Protein Cell' 
_citation.journal_volume            1 
_citation.page_first                771 
_citation.page_last                 779 
_citation.year                      2010 
_citation.journal_id_ASTM           ? 
_citation.country                   CN 
_citation.journal_id_ISSN           1674-800X 
_citation.journal_id_CSD            ? 
_citation.book_publisher            ? 
_citation.pdbx_database_id_PubMed   21203918 
_citation.pdbx_database_id_DOI      10.1007/s13238-010-0085-z 
# 
loop_
_citation_author.citation_id 
_citation_author.name 
_citation_author.ordinal 
_citation_author.identifier_ORCID 
primary 'Zhao, X.'    1 ? 
primary 'Pang, H.'    2 ? 
primary 'Wang, S.'    3 ? 
primary 'Zhou, W.'    4 ? 
primary 'Yang, K.'    5 ? 
primary 'Bartlam, M.' 6 ? 
# 
loop_
_entity.id 
_entity.type 
_entity.src_method 
_entity.pdbx_description 
_entity.formula_weight 
_entity.pdbx_number_of_molecules 
_entity.pdbx_ec 
_entity.pdbx_mutation 
_entity.pdbx_fragment 
_entity.details 
1 polymer     man 'Putative calcium binding protein' 17702.514 1   ? 'L37M, I99M' 'UNP residues 5-169' ? 
2 non-polymer syn 'CALCIUM ION'                      40.078    11  ? ?            ?                    ? 
3 water       nat water                              18.015    202 ? ?            ?                    ? 
# 
_entity_poly.entity_id                      1 
_entity_poly.type                           'polypeptide(L)' 
_entity_poly.nstd_linkage                   no 
_entity_poly.nstd_monomer                   no 
_entity_poly.pdbx_seq_one_letter_code       
;EYERRIAARFTTFDQDGNGHIDRSDFSGAAKAMLAEFGVAARSDRGQALYGGAEALWQGLAGIADRDGDQRITREEFVTG
AVKRLRDKPDRFAEMARPFLHAALGVADTDGDGAVTVADTARALTAFGVPEDLARQAAAALDTDGDGKVGETEIVPAFAR
YFTVPA
;
_entity_poly.pdbx_seq_one_letter_code_can   
;EYERRIAARFTTFDQDGNGHIDRSDFSGAAKAMLAEFGVAARSDRGQALYGGAEALWQGLAGIADRDGDQRITREEFVTG
AVKRLRDKPDRFAEMARPFLHAALGVADTDGDGAVTVADTARALTAFGVPEDLARQAAAALDTDGDGKVGETEIVPAFAR
YFTVPA
;
_entity_poly.pdbx_strand_id                 A 
_entity_poly.pdbx_target_identifier         ? 
# 
loop_
_pdbx_entity_nonpoly.entity_id 
_pdbx_entity_nonpoly.name 
_pdbx_entity_nonpoly.comp_id 
2 'CALCIUM ION' CA  
3 water         HOH 
# 
loop_
_entity_poly_seq.entity_id 
_entity_poly_seq.num 
_entity_poly_seq.mon_id 
_entity_poly_seq.hetero 
1 1   GLU n 
1 2   TYR n 
1 3   GLU n 
1 4   ARG n 
1 5   ARG n 
1 6   ILE n 
1 7   ALA n 
1 8   ALA n 
1 9   ARG n 
1 10  PHE n 
1 11  THR n 
1 12  THR n 
1 13  PHE n 
1 14  ASP n 
1 15  GLN n 
1 16  ASP n 
1 17  GLY n 
1 18  ASN n 
1 19  GLY n 
1 20  HIS n 
1 21  ILE n 
1 22  ASP n 
1 23  ARG n 
1 24  SER n 
1 25  ASP n 
1 26  PHE n 
1 27  SER n 
1 28  GLY n 
1 29  ALA n 
1 30  ALA n 
1 31  LYS n 
1 32  ALA n 
1 33  MET n 
1 34  LEU n 
1 35  ALA n 
1 36  GLU n 
1 37  PHE n 
1 38  GLY n 
1 39  VAL n 
1 40  ALA n 
1 41  ALA n 
1 42  ARG n 
1 43  SER n 
1 44  ASP n 
1 45  ARG n 
1 46  GLY n 
1 47  GLN n 
1 48  ALA n 
1 49  LEU n 
1 50  TYR n 
1 51  GLY n 
1 52  GLY n 
1 53  ALA n 
1 54  GLU n 
1 55  ALA n 
1 56  LEU n 
1 57  TRP n 
1 58  GLN n 
1 59  GLY n 
1 60  LEU n 
1 61  ALA n 
1 62  GLY n 
1 63  ILE n 
1 64  ALA n 
1 65  ASP n 
1 66  ARG n 
1 67  ASP n 
1 68  GLY n 
1 69  ASP n 
1 70  GLN n 
1 71  ARG n 
1 72  ILE n 
1 73  THR n 
1 74  ARG n 
1 75  GLU n 
1 76  GLU n 
1 77  PHE n 
1 78  VAL n 
1 79  THR n 
1 80  GLY n 
1 81  ALA n 
1 82  VAL n 
1 83  LYS n 
1 84  ARG n 
1 85  LEU n 
1 86  ARG n 
1 87  ASP n 
1 88  LYS n 
1 89  PRO n 
1 90  ASP n 
1 91  ARG n 
1 92  PHE n 
1 93  ALA n 
1 94  GLU n 
1 95  MET n 
1 96  ALA n 
1 97  ARG n 
1 98  PRO n 
1 99  PHE n 
1 100 LEU n 
1 101 HIS n 
1 102 ALA n 
1 103 ALA n 
1 104 LEU n 
1 105 GLY n 
1 106 VAL n 
1 107 ALA n 
1 108 ASP n 
1 109 THR n 
1 110 ASP n 
1 111 GLY n 
1 112 ASP n 
1 113 GLY n 
1 114 ALA n 
1 115 VAL n 
1 116 THR n 
1 117 VAL n 
1 118 ALA n 
1 119 ASP n 
1 120 THR n 
1 121 ALA n 
1 122 ARG n 
1 123 ALA n 
1 124 LEU n 
1 125 THR n 
1 126 ALA n 
1 127 PHE n 
1 128 GLY n 
1 129 VAL n 
1 130 PRO n 
1 131 GLU n 
1 132 ASP n 
1 133 LEU n 
1 134 ALA n 
1 135 ARG n 
1 136 GLN n 
1 137 ALA n 
1 138 ALA n 
1 139 ALA n 
1 140 ALA n 
1 141 LEU n 
1 142 ASP n 
1 143 THR n 
1 144 ASP n 
1 145 GLY n 
1 146 ASP n 
1 147 GLY n 
1 148 LYS n 
1 149 VAL n 
1 150 GLY n 
1 151 GLU n 
1 152 THR n 
1 153 GLU n 
1 154 ILE n 
1 155 VAL n 
1 156 PRO n 
1 157 ALA n 
1 158 PHE n 
1 159 ALA n 
1 160 ARG n 
1 161 TYR n 
1 162 PHE n 
1 163 THR n 
1 164 VAL n 
1 165 PRO n 
1 166 ALA n 
# 
_entity_src_gen.entity_id                          1 
_entity_src_gen.pdbx_src_id                        1 
_entity_src_gen.pdbx_alt_source_flag               sample 
_entity_src_gen.pdbx_seq_type                      ? 
_entity_src_gen.pdbx_beg_seq_num                   ? 
_entity_src_gen.pdbx_end_seq_num                   ? 
_entity_src_gen.gene_src_common_name               ? 
_entity_src_gen.gene_src_genus                     ? 
_entity_src_gen.pdbx_gene_src_gene                 'cabd, SC6F11.09, SCO4411' 
_entity_src_gen.gene_src_species                   ? 
_entity_src_gen.gene_src_strain                    'A3(2)' 
_entity_src_gen.gene_src_tissue                    ? 
_entity_src_gen.gene_src_tissue_fraction           ? 
_entity_src_gen.gene_src_details                   ? 
_entity_src_gen.pdbx_gene_src_fragment             ? 
_entity_src_gen.pdbx_gene_src_scientific_name      'Streptomyces coelicolor' 
_entity_src_gen.pdbx_gene_src_ncbi_taxonomy_id     100226 
_entity_src_gen.pdbx_gene_src_variant              ? 
_entity_src_gen.pdbx_gene_src_cell_line            ? 
_entity_src_gen.pdbx_gene_src_atcc                 ? 
_entity_src_gen.pdbx_gene_src_organ                ? 
_entity_src_gen.pdbx_gene_src_organelle            ? 
_entity_src_gen.pdbx_gene_src_cell                 ? 
_entity_src_gen.pdbx_gene_src_cellular_location    ? 
_entity_src_gen.host_org_common_name               ? 
_entity_src_gen.pdbx_host_org_scientific_name      'Escherichia coli' 
_entity_src_gen.pdbx_host_org_ncbi_taxonomy_id     562 
_entity_src_gen.host_org_genus                     ? 
_entity_src_gen.pdbx_host_org_gene                 ? 
_entity_src_gen.pdbx_host_org_organ                ? 
_entity_src_gen.host_org_species                   ? 
_entity_src_gen.pdbx_host_org_tissue               ? 
_entity_src_gen.pdbx_host_org_tissue_fraction      ? 
_entity_src_gen.pdbx_host_org_strain               'BL21(DE3)' 
_entity_src_gen.pdbx_host_org_variant              ? 
_entity_src_gen.pdbx_host_org_cell_line            ? 
_entity_src_gen.pdbx_host_org_atcc                 ? 
_entity_src_gen.pdbx_host_org_culture_collection   ? 
_entity_src_gen.pdbx_host_org_cell                 ? 
_entity_src_gen.pdbx_host_org_organelle            ? 
_entity_src_gen.pdbx_host_org_cellular_location    ? 
_entity_src_gen.pdbx_host_org_vector_type          plasmid 
_entity_src_gen.pdbx_host_org_vector               ? 
_entity_src_gen.host_org_details                   ? 
_entity_src_gen.expression_system_id               ? 
_entity_src_gen.plasmid_name                       pGEX-6p-1 
_entity_src_gen.plasmid_details                    ? 
_entity_src_gen.pdbx_description                   ? 
# 
loop_
_chem_comp.id 
_chem_comp.type 
_chem_comp.mon_nstd_flag 
_chem_comp.name 
_chem_comp.pdbx_synonyms 
_chem_comp.formula 
_chem_comp.formula_weight 
ALA 'L-peptide linking' y ALANINE         ? 'C3 H7 N O2'     89.093  
ARG 'L-peptide linking' y ARGININE        ? 'C6 H15 N4 O2 1' 175.209 
ASN 'L-peptide linking' y ASPARAGINE      ? 'C4 H8 N2 O3'    132.118 
ASP 'L-peptide linking' y 'ASPARTIC ACID' ? 'C4 H7 N O4'     133.103 
CA  non-polymer         . 'CALCIUM ION'   ? 'Ca 2'           40.078  
GLN 'L-peptide linking' y GLUTAMINE       ? 'C5 H10 N2 O3'   146.144 
GLU 'L-peptide linking' y 'GLUTAMIC ACID' ? 'C5 H9 N O4'     147.129 
GLY 'peptide linking'   y GLYCINE         ? 'C2 H5 N O2'     75.067  
HIS 'L-peptide linking' y HISTIDINE       ? 'C6 H10 N3 O2 1' 156.162 
HOH non-polymer         . WATER           ? 'H2 O'           18.015  
ILE 'L-peptide linking' y ISOLEUCINE      ? 'C6 H13 N O2'    131.173 
LEU 'L-peptide linking' y LEUCINE         ? 'C6 H13 N O2'    131.173 
LYS 'L-peptide linking' y LYSINE          ? 'C6 H15 N2 O2 1' 147.195 
MET 'L-peptide linking' y METHIONINE      ? 'C5 H11 N O2 S'  149.211 
PHE 'L-peptide linking' y PHENYLALANINE   ? 'C9 H11 N O2'    165.189 
PRO 'L-peptide linking' y PROLINE         ? 'C5 H9 N O2'     115.130 
SER 'L-peptide linking' y SERINE          ? 'C3 H7 N O3'     105.093 
THR 'L-peptide linking' y THREONINE       ? 'C4 H9 N O3'     119.119 
TRP 'L-peptide linking' y TRYPTOPHAN      ? 'C11 H12 N2 O2'  204.225 
TYR 'L-peptide linking' y TYROSINE        ? 'C9 H11 N O3'    181.189 
VAL 'L-peptide linking' y VALINE          ? 'C5 H11 N O2'    117.146 
# 
loop_
_pdbx_poly_seq_scheme.asym_id 
_pdbx_poly_seq_scheme.entity_id 
_pdbx_poly_seq_scheme.seq_id 
_pdbx_poly_seq_scheme.mon_id 
_pdbx_poly_seq_scheme.ndb_seq_num 
_pdbx_poly_seq_scheme.pdb_seq_num 
_pdbx_poly_seq_scheme.auth_seq_num 
_pdbx_poly_seq_scheme.pdb_mon_id 
_pdbx_poly_seq_scheme.auth_mon_id 
_pdbx_poly_seq_scheme.pdb_strand_id 
_pdbx_poly_seq_scheme.pdb_ins_code 
_pdbx_poly_seq_scheme.hetero 
A 1 1   GLU 1   5   5   GLU GLU A . n 
A 1 2   TYR 2   6   6   TYR TYR A . n 
A 1 3   GLU 3   7   7   GLU GLU A . n 
A 1 4   ARG 4   8   8   ARG ARG A . n 
A 1 5   ARG 5   9   9   ARG ARG A . n 
A 1 6   ILE 6   10  10  ILE ILE A . n 
A 1 7   ALA 7   11  11  ALA ALA A . n 
A 1 8   ALA 8   12  12  ALA ALA A . n 
A 1 9   ARG 9   13  13  ARG ARG A . n 
A 1 10  PHE 10  14  14  PHE PHE A . n 
A 1 11  THR 11  15  15  THR THR A . n 
A 1 12  THR 12  16  16  THR THR A . n 
A 1 13  PHE 13  17  17  PHE PHE A . n 
A 1 14  ASP 14  18  18  ASP ASP A . n 
A 1 15  GLN 15  19  19  GLN GLN A . n 
A 1 16  ASP 16  20  20  ASP ASP A . n 
A 1 17  GLY 17  21  21  GLY GLY A . n 
A 1 18  ASN 18  22  22  ASN ASN A . n 
A 1 19  GLY 19  23  23  GLY GLY A . n 
A 1 20  HIS 20  24  24  HIS HIS A . n 
A 1 21  ILE 21  25  25  ILE ILE A . n 
A 1 22  ASP 22  26  26  ASP ASP A . n 
A 1 23  ARG 23  27  27  ARG ARG A . n 
A 1 24  SER 24  28  28  SER SER A . n 
A 1 25  ASP 25  29  29  ASP ASP A . n 
A 1 26  PHE 26  30  30  PHE PHE A . n 
A 1 27  SER 27  31  31  SER SER A . n 
A 1 28  GLY 28  32  32  GLY GLY A . n 
A 1 29  ALA 29  33  33  ALA ALA A . n 
A 1 30  ALA 30  34  34  ALA ALA A . n 
A 1 31  LYS 31  35  35  LYS LYS A . n 
A 1 32  ALA 32  36  36  ALA ALA A . n 
A 1 33  MET 33  37  37  MET MET A . n 
A 1 34  LEU 34  38  38  LEU LEU A . n 
A 1 35  ALA 35  39  39  ALA ALA A . n 
A 1 36  GLU 36  40  40  GLU GLU A . n 
A 1 37  PHE 37  41  41  PHE PHE A . n 
A 1 38  GLY 38  42  42  GLY GLY A . n 
A 1 39  VAL 39  43  43  VAL VAL A . n 
A 1 40  ALA 40  44  44  ALA ALA A . n 
A 1 41  ALA 41  45  45  ALA ALA A . n 
A 1 42  ARG 42  46  46  ARG ARG A . n 
A 1 43  SER 43  47  47  SER SER A . n 
A 1 44  ASP 44  48  48  ASP ASP A . n 
A 1 45  ARG 45  49  49  ARG ARG A . n 
A 1 46  GLY 46  50  50  GLY GLY A . n 
A 1 47  GLN 47  51  51  GLN GLN A . n 
A 1 48  ALA 48  52  52  ALA ALA A . n 
A 1 49  LEU 49  53  53  LEU LEU A . n 
A 1 50  TYR 50  54  54  TYR TYR A . n 
A 1 51  GLY 51  55  55  GLY GLY A . n 
A 1 52  GLY 52  56  56  GLY GLY A . n 
A 1 53  ALA 53  57  57  ALA ALA A . n 
A 1 54  GLU 54  58  58  GLU GLU A . n 
A 1 55  ALA 55  59  59  ALA ALA A . n 
A 1 56  LEU 56  60  60  LEU LEU A . n 
A 1 57  TRP 57  61  61  TRP TRP A . n 
A 1 58  GLN 58  62  62  GLN GLN A . n 
A 1 59  GLY 59  63  63  GLY GLY A . n 
A 1 60  LEU 60  64  64  LEU LEU A . n 
A 1 61  ALA 61  65  65  ALA ALA A . n 
A 1 62  GLY 62  66  66  GLY GLY A . n 
A 1 63  ILE 63  67  67  ILE ILE A . n 
A 1 64  ALA 64  68  68  ALA ALA A . n 
A 1 65  ASP 65  69  69  ASP ASP A . n 
A 1 66  ARG 66  70  70  ARG ARG A . n 
A 1 67  ASP 67  71  71  ASP ASP A . n 
A 1 68  GLY 68  72  72  GLY GLY A . n 
A 1 69  ASP 69  73  73  ASP ASP A . n 
A 1 70  GLN 70  74  74  GLN GLN A . n 
A 1 71  ARG 71  75  75  ARG ARG A . n 
A 1 72  ILE 72  76  76  ILE ILE A . n 
A 1 73  THR 73  77  77  THR THR A . n 
A 1 74  ARG 74  78  78  ARG ARG A . n 
A 1 75  GLU 75  79  79  GLU GLU A . n 
A 1 76  GLU 76  80  80  GLU GLU A . n 
A 1 77  PHE 77  81  81  PHE PHE A . n 
A 1 78  VAL 78  82  82  VAL VAL A . n 
A 1 79  THR 79  83  83  THR THR A . n 
A 1 80  GLY 80  84  84  GLY GLY A . n 
A 1 81  ALA 81  85  85  ALA ALA A . n 
A 1 82  VAL 82  86  86  VAL VAL A . n 
A 1 83  LYS 83  87  87  LYS LYS A . n 
A 1 84  ARG 84  88  88  ARG ARG A . n 
A 1 85  LEU 85  89  89  LEU LEU A . n 
A 1 86  ARG 86  90  90  ARG ARG A . n 
A 1 87  ASP 87  91  91  ASP ASP A . n 
A 1 88  LYS 88  92  92  LYS LYS A . n 
A 1 89  PRO 89  93  93  PRO PRO A . n 
A 1 90  ASP 90  94  94  ASP ASP A . n 
A 1 91  ARG 91  95  95  ARG ARG A . n 
A 1 92  PHE 92  96  96  PHE PHE A . n 
A 1 93  ALA 93  97  97  ALA ALA A . n 
A 1 94  GLU 94  98  98  GLU GLU A . n 
A 1 95  MET 95  99  99  MET MET A . n 
A 1 96  ALA 96  100 100 ALA ALA A . n 
A 1 97  ARG 97  101 101 ARG ARG A . n 
A 1 98  PRO 98  102 102 PRO PRO A . n 
A 1 99  PHE 99  103 103 PHE PHE A . n 
A 1 100 LEU 100 104 104 LEU LEU A . n 
A 1 101 HIS 101 105 105 HIS HIS A . n 
A 1 102 ALA 102 106 106 ALA ALA A . n 
A 1 103 ALA 103 107 107 ALA ALA A . n 
A 1 104 LEU 104 108 108 LEU LEU A . n 
A 1 105 GLY 105 109 109 GLY GLY A . n 
A 1 106 VAL 106 110 110 VAL VAL A . n 
A 1 107 ALA 107 111 111 ALA ALA A . n 
A 1 108 ASP 108 112 112 ASP ASP A . n 
A 1 109 THR 109 113 113 THR THR A . n 
A 1 110 ASP 110 114 114 ASP ASP A . n 
A 1 111 GLY 111 115 115 GLY GLY A . n 
A 1 112 ASP 112 116 116 ASP ASP A . n 
A 1 113 GLY 113 117 117 GLY GLY A . n 
A 1 114 ALA 114 118 118 ALA ALA A . n 
A 1 115 VAL 115 119 119 VAL VAL A . n 
A 1 116 THR 116 120 120 THR THR A . n 
A 1 117 VAL 117 121 121 VAL VAL A . n 
A 1 118 ALA 118 122 122 ALA ALA A . n 
A 1 119 ASP 119 123 123 ASP ASP A . n 
A 1 120 THR 120 124 124 THR THR A . n 
A 1 121 ALA 121 125 125 ALA ALA A . n 
A 1 122 ARG 122 126 126 ARG ARG A . n 
A 1 123 ALA 123 127 127 ALA ALA A . n 
A 1 124 LEU 124 128 128 LEU LEU A . n 
A 1 125 THR 125 129 129 THR THR A . n 
A 1 126 ALA 126 130 130 ALA ALA A . n 
A 1 127 PHE 127 131 131 PHE PHE A . n 
A 1 128 GLY 128 132 132 GLY GLY A . n 
A 1 129 VAL 129 133 133 VAL VAL A . n 
A 1 130 PRO 130 134 134 PRO PRO A . n 
A 1 131 GLU 131 135 135 GLU GLU A . n 
A 1 132 ASP 132 136 136 ASP ASP A . n 
A 1 133 LEU 133 137 137 LEU LEU A . n 
A 1 134 ALA 134 138 138 ALA ALA A . n 
A 1 135 ARG 135 139 139 ARG ARG A . n 
A 1 136 GLN 136 140 140 GLN GLN A . n 
A 1 137 ALA 137 141 141 ALA ALA A . n 
A 1 138 ALA 138 142 142 ALA ALA A . n 
A 1 139 ALA 139 143 143 ALA ALA A . n 
A 1 140 ALA 140 144 144 ALA ALA A . n 
A 1 141 LEU 141 145 145 LEU LEU A . n 
A 1 142 ASP 142 146 146 ASP ASP A . n 
A 1 143 THR 143 147 147 THR THR A . n 
A 1 144 ASP 144 148 148 ASP ASP A . n 
A 1 145 GLY 145 149 149 GLY GLY A . n 
A 1 146 ASP 146 150 150 ASP ASP A . n 
A 1 147 GLY 147 151 151 GLY GLY A . n 
A 1 148 LYS 148 152 152 LYS LYS A . n 
A 1 149 VAL 149 153 153 VAL VAL A . n 
A 1 150 GLY 150 154 154 GLY GLY A . n 
A 1 151 GLU 151 155 155 GLU GLU A . n 
A 1 152 THR 152 156 156 THR THR A . n 
A 1 153 GLU 153 157 157 GLU GLU A . n 
A 1 154 ILE 154 158 158 ILE ILE A . n 
A 1 155 VAL 155 159 159 VAL VAL A . n 
A 1 156 PRO 156 160 160 PRO PRO A . n 
A 1 157 ALA 157 161 161 ALA ALA A . n 
A 1 158 PHE 158 162 162 PHE PHE A . n 
A 1 159 ALA 159 163 163 ALA ALA A . n 
A 1 160 ARG 160 164 164 ARG ARG A . n 
A 1 161 TYR 161 165 165 TYR TYR A . n 
A 1 162 PHE 162 166 166 PHE PHE A . n 
A 1 163 THR 163 167 167 THR THR A . n 
A 1 164 VAL 164 168 168 VAL VAL A . n 
A 1 165 PRO 165 169 169 PRO PRO A . n 
A 1 166 ALA 166 170 170 ALA ALA A . n 
# 
loop_
_pdbx_nonpoly_scheme.asym_id 
_pdbx_nonpoly_scheme.entity_id 
_pdbx_nonpoly_scheme.mon_id 
_pdbx_nonpoly_scheme.ndb_seq_num 
_pdbx_nonpoly_scheme.pdb_seq_num 
_pdbx_nonpoly_scheme.auth_seq_num 
_pdbx_nonpoly_scheme.pdb_mon_id 
_pdbx_nonpoly_scheme.auth_mon_id 
_pdbx_nonpoly_scheme.pdb_strand_id 
_pdbx_nonpoly_scheme.pdb_ins_code 
B 2 CA  1   1   1   CA  CA  A . 
C 2 CA  1   2   2   CA  CA  A . 
D 2 CA  1   3   3   CA  CA  A . 
E 2 CA  1   171 6   CA  CA  A . 
F 2 CA  1   172 7   CA  CA  A . 
G 2 CA  1   173 8   CA  CA  A . 
H 2 CA  1   174 10  CA  CA  A . 
I 2 CA  1   175 11  CA  CA  A . 
J 2 CA  1   176 1   CA  CA  A . 
K 2 CA  1   177 1   CA  CA  A . 
L 2 CA  1   178 2   CA  CA  A . 
M 3 HOH 1   4   4   HOH HOH A . 
M 3 HOH 2   179 1   HOH HOH A . 
M 3 HOH 3   180 2   HOH HOH A . 
M 3 HOH 4   181 3   HOH HOH A . 
M 3 HOH 5   182 6   HOH HOH A . 
M 3 HOH 6   183 8   HOH HOH A . 
M 3 HOH 7   184 9   HOH HOH A . 
M 3 HOH 8   185 10  HOH HOH A . 
M 3 HOH 9   186 11  HOH HOH A . 
M 3 HOH 10  187 12  HOH HOH A . 
M 3 HOH 11  188 14  HOH HOH A . 
M 3 HOH 12  189 16  HOH HOH A . 
M 3 HOH 13  190 17  HOH HOH A . 
M 3 HOH 14  191 18  HOH HOH A . 
M 3 HOH 15  192 19  HOH HOH A . 
M 3 HOH 16  193 20  HOH HOH A . 
M 3 HOH 17  194 21  HOH HOH A . 
M 3 HOH 18  195 22  HOH HOH A . 
M 3 HOH 19  196 23  HOH HOH A . 
M 3 HOH 20  197 24  HOH HOH A . 
M 3 HOH 21  198 25  HOH HOH A . 
M 3 HOH 22  199 26  HOH HOH A . 
M 3 HOH 23  200 27  HOH HOH A . 
M 3 HOH 24  201 28  HOH HOH A . 
M 3 HOH 25  202 29  HOH HOH A . 
M 3 HOH 26  203 30  HOH HOH A . 
M 3 HOH 27  204 31  HOH HOH A . 
M 3 HOH 28  205 32  HOH HOH A . 
M 3 HOH 29  206 33  HOH HOH A . 
M 3 HOH 30  207 34  HOH HOH A . 
M 3 HOH 31  208 35  HOH HOH A . 
M 3 HOH 32  209 36  HOH HOH A . 
M 3 HOH 33  210 37  HOH HOH A . 
M 3 HOH 34  211 38  HOH HOH A . 
M 3 HOH 35  212 39  HOH HOH A . 
M 3 HOH 36  213 40  HOH HOH A . 
M 3 HOH 37  214 41  HOH HOH A . 
M 3 HOH 38  215 42  HOH HOH A . 
M 3 HOH 39  216 43  HOH HOH A . 
M 3 HOH 40  217 44  HOH HOH A . 
M 3 HOH 41  218 45  HOH HOH A . 
M 3 HOH 42  219 46  HOH HOH A . 
M 3 HOH 43  220 47  HOH HOH A . 
M 3 HOH 44  221 48  HOH HOH A . 
M 3 HOH 45  222 49  HOH HOH A . 
M 3 HOH 46  223 50  HOH HOH A . 
M 3 HOH 47  224 52  HOH HOH A . 
M 3 HOH 48  225 53  HOH HOH A . 
M 3 HOH 49  226 54  HOH HOH A . 
M 3 HOH 50  227 55  HOH HOH A . 
M 3 HOH 51  228 56  HOH HOH A . 
M 3 HOH 52  229 57  HOH HOH A . 
M 3 HOH 53  230 58  HOH HOH A . 
M 3 HOH 54  231 59  HOH HOH A . 
M 3 HOH 55  232 60  HOH HOH A . 
M 3 HOH 56  233 61  HOH HOH A . 
M 3 HOH 57  234 62  HOH HOH A . 
M 3 HOH 58  235 63  HOH HOH A . 
M 3 HOH 59  236 64  HOH HOH A . 
M 3 HOH 60  237 65  HOH HOH A . 
M 3 HOH 61  238 66  HOH HOH A . 
M 3 HOH 62  239 67  HOH HOH A . 
M 3 HOH 63  240 68  HOH HOH A . 
M 3 HOH 64  241 71  HOH HOH A . 
M 3 HOH 65  242 72  HOH HOH A . 
M 3 HOH 66  243 73  HOH HOH A . 
M 3 HOH 67  244 74  HOH HOH A . 
M 3 HOH 68  245 75  HOH HOH A . 
M 3 HOH 69  246 76  HOH HOH A . 
M 3 HOH 70  247 77  HOH HOH A . 
M 3 HOH 71  248 78  HOH HOH A . 
M 3 HOH 72  249 79  HOH HOH A . 
M 3 HOH 73  250 81  HOH HOH A . 
M 3 HOH 74  251 82  HOH HOH A . 
M 3 HOH 75  252 83  HOH HOH A . 
M 3 HOH 76  253 84  HOH HOH A . 
M 3 HOH 77  254 85  HOH HOH A . 
M 3 HOH 78  255 86  HOH HOH A . 
M 3 HOH 79  256 87  HOH HOH A . 
M 3 HOH 80  257 88  HOH HOH A . 
M 3 HOH 81  258 89  HOH HOH A . 
M 3 HOH 82  259 90  HOH HOH A . 
M 3 HOH 83  260 91  HOH HOH A . 
M 3 HOH 84  261 92  HOH HOH A . 
M 3 HOH 85  262 94  HOH HOH A . 
M 3 HOH 86  263 95  HOH HOH A . 
M 3 HOH 87  264 96  HOH HOH A . 
M 3 HOH 88  265 97  HOH HOH A . 
M 3 HOH 89  266 98  HOH HOH A . 
M 3 HOH 90  267 99  HOH HOH A . 
M 3 HOH 91  268 101 HOH HOH A . 
M 3 HOH 92  269 102 HOH HOH A . 
M 3 HOH 93  270 103 HOH HOH A . 
M 3 HOH 94  271 104 HOH HOH A . 
M 3 HOH 95  272 105 HOH HOH A . 
M 3 HOH 96  273 106 HOH HOH A . 
M 3 HOH 97  274 107 HOH HOH A . 
M 3 HOH 98  275 108 HOH HOH A . 
M 3 HOH 99  276 109 HOH HOH A . 
M 3 HOH 100 277 110 HOH HOH A . 
M 3 HOH 101 278 111 HOH HOH A . 
M 3 HOH 102 279 113 HOH HOH A . 
M 3 HOH 103 280 115 HOH HOH A . 
M 3 HOH 104 281 116 HOH HOH A . 
M 3 HOH 105 282 117 HOH HOH A . 
M 3 HOH 106 283 118 HOH HOH A . 
M 3 HOH 107 284 119 HOH HOH A . 
M 3 HOH 108 285 120 HOH HOH A . 
M 3 HOH 109 286 121 HOH HOH A . 
M 3 HOH 110 287 122 HOH HOH A . 
M 3 HOH 111 288 123 HOH HOH A . 
M 3 HOH 112 289 124 HOH HOH A . 
M 3 HOH 113 290 125 HOH HOH A . 
M 3 HOH 114 291 127 HOH HOH A . 
M 3 HOH 115 292 128 HOH HOH A . 
M 3 HOH 116 293 129 HOH HOH A . 
M 3 HOH 117 294 130 HOH HOH A . 
M 3 HOH 118 295 131 HOH HOH A . 
M 3 HOH 119 296 132 HOH HOH A . 
M 3 HOH 120 297 133 HOH HOH A . 
M 3 HOH 121 298 134 HOH HOH A . 
M 3 HOH 122 299 135 HOH HOH A . 
M 3 HOH 123 300 136 HOH HOH A . 
M 3 HOH 124 301 1   HOH HOH A . 
M 3 HOH 125 302 2   HOH HOH A . 
M 3 HOH 126 303 4   HOH HOH A . 
M 3 HOH 127 304 5   HOH HOH A . 
M 3 HOH 128 305 6   HOH HOH A . 
M 3 HOH 129 306 7   HOH HOH A . 
M 3 HOH 130 307 8   HOH HOH A . 
M 3 HOH 131 308 9   HOH HOH A . 
M 3 HOH 132 309 10  HOH HOH A . 
M 3 HOH 133 310 11  HOH HOH A . 
M 3 HOH 134 311 12  HOH HOH A . 
M 3 HOH 135 312 13  HOH HOH A . 
M 3 HOH 136 313 14  HOH HOH A . 
M 3 HOH 137 314 15  HOH HOH A . 
M 3 HOH 138 315 16  HOH HOH A . 
M 3 HOH 139 316 17  HOH HOH A . 
M 3 HOH 140 317 18  HOH HOH A . 
M 3 HOH 141 318 19  HOH HOH A . 
M 3 HOH 142 319 20  HOH HOH A . 
M 3 HOH 143 320 21  HOH HOH A . 
M 3 HOH 144 321 22  HOH HOH A . 
M 3 HOH 145 322 23  HOH HOH A . 
M 3 HOH 146 323 24  HOH HOH A . 
M 3 HOH 147 324 25  HOH HOH A . 
M 3 HOH 148 325 26  HOH HOH A . 
M 3 HOH 149 326 27  HOH HOH A . 
M 3 HOH 150 327 28  HOH HOH A . 
M 3 HOH 151 328 29  HOH HOH A . 
M 3 HOH 152 329 30  HOH HOH A . 
M 3 HOH 153 330 31  HOH HOH A . 
M 3 HOH 154 331 32  HOH HOH A . 
M 3 HOH 155 332 33  HOH HOH A . 
M 3 HOH 156 333 34  HOH HOH A . 
M 3 HOH 157 334 35  HOH HOH A . 
M 3 HOH 158 335 36  HOH HOH A . 
M 3 HOH 159 336 37  HOH HOH A . 
M 3 HOH 160 337 38  HOH HOH A . 
M 3 HOH 161 338 39  HOH HOH A . 
M 3 HOH 162 339 40  HOH HOH A . 
M 3 HOH 163 340 41  HOH HOH A . 
M 3 HOH 164 341 42  HOH HOH A . 
M 3 HOH 165 342 43  HOH HOH A . 
M 3 HOH 166 343 44  HOH HOH A . 
M 3 HOH 167 344 45  HOH HOH A . 
M 3 HOH 168 345 46  HOH HOH A . 
M 3 HOH 169 346 47  HOH HOH A . 
M 3 HOH 170 347 48  HOH HOH A . 
M 3 HOH 171 348 49  HOH HOH A . 
M 3 HOH 172 349 50  HOH HOH A . 
M 3 HOH 173 350 51  HOH HOH A . 
M 3 HOH 174 351 52  HOH HOH A . 
M 3 HOH 175 352 53  HOH HOH A . 
M 3 HOH 176 353 54  HOH HOH A . 
M 3 HOH 177 354 55  HOH HOH A . 
M 3 HOH 178 355 56  HOH HOH A . 
M 3 HOH 179 356 58  HOH HOH A . 
M 3 HOH 180 357 59  HOH HOH A . 
M 3 HOH 181 358 60  HOH HOH A . 
M 3 HOH 182 359 61  HOH HOH A . 
M 3 HOH 183 360 62  HOH HOH A . 
M 3 HOH 184 361 63  HOH HOH A . 
M 3 HOH 185 362 64  HOH HOH A . 
M 3 HOH 186 363 65  HOH HOH A . 
M 3 HOH 187 364 66  HOH HOH A . 
M 3 HOH 188 365 67  HOH HOH A . 
M 3 HOH 189 366 68  HOH HOH A . 
M 3 HOH 190 367 69  HOH HOH A . 
M 3 HOH 191 368 70  HOH HOH A . 
M 3 HOH 192 369 71  HOH HOH A . 
M 3 HOH 193 370 72  HOH HOH A . 
M 3 HOH 194 371 73  HOH HOH A . 
M 3 HOH 195 372 74  HOH HOH A . 
M 3 HOH 196 373 1   HOH HOH A . 
M 3 HOH 197 374 4   HOH HOH A . 
M 3 HOH 198 375 6   HOH HOH A . 
M 3 HOH 199 376 9   HOH HOH A . 
M 3 HOH 200 377 14  HOH HOH A . 
M 3 HOH 201 378 15  HOH HOH A . 
M 3 HOH 202 379 16  HOH HOH A . 
# 
loop_
_software.name 
_software.classification 
_software.version 
_software.citation_id 
_software.pdbx_ordinal 
MAR345dtb 'data collection' .        ? 1 
SOLVE     phasing           .        ? 2 
REFMAC    refinement        5.2.0019 ? 3 
HKL-2000  'data reduction'  .        ? 4 
HKL-2000  'data scaling'    .        ? 5 
# 
_cell.entry_id           3AKB 
_cell.length_a           33.144 
_cell.length_b           51.137 
_cell.length_c           87.260 
_cell.angle_alpha        90.00 
_cell.angle_beta         90.00 
_cell.angle_gamma        90.00 
_cell.Z_PDB              4 
_cell.pdbx_unique_axis   ? 
_cell.length_a_esd       ? 
_cell.length_b_esd       ? 
_cell.length_c_esd       ? 
_cell.angle_alpha_esd    ? 
_cell.angle_beta_esd     ? 
_cell.angle_gamma_esd    ? 
# 
_symmetry.entry_id                         3AKB 
_symmetry.space_group_name_H-M             'P 21 21 21' 
_symmetry.pdbx_full_space_group_name_H-M   ? 
_symmetry.cell_setting                     ? 
_symmetry.Int_Tables_number                19 
_symmetry.space_group_name_Hall            ? 
# 
_exptl.entry_id          3AKB 
_exptl.method            'X-RAY DIFFRACTION' 
_exptl.crystals_number   1 
# 
_exptl_crystal.id                    1 
_exptl_crystal.density_meas          ? 
_exptl_crystal.density_Matthews      2.09 
_exptl_crystal.density_percent_sol   41.11 
_exptl_crystal.description           ? 
_exptl_crystal.F_000                 ? 
_exptl_crystal.preparation           ? 
# 
_exptl_crystal_grow.crystal_id      1 
_exptl_crystal_grow.method          'VAPOR DIFFUSION, HANGING DROP' 
_exptl_crystal_grow.temp            291 
_exptl_crystal_grow.temp_details    ? 
_exptl_crystal_grow.pH              6.5 
_exptl_crystal_grow.pdbx_details    
'PEG 8000, Cacodylate Sodium, Zinc Chloride, pH 6.5, VAPOR DIFFUSION, HANGING DROP, temperature 291K' 
_exptl_crystal_grow.pdbx_pH_range   . 
# 
_diffrn.id                     1 
_diffrn.ambient_temp           100 
_diffrn.ambient_temp_details   ? 
_diffrn.crystal_id             1 
# 
_diffrn_detector.diffrn_id              1 
_diffrn_detector.detector               CCD 
_diffrn_detector.type                   'MAR CCD 165 mm' 
_diffrn_detector.pdbx_collection_date   2007-07-30 
_diffrn_detector.details                ? 
# 
_diffrn_radiation.diffrn_id                        1 
_diffrn_radiation.wavelength_id                    1 
_diffrn_radiation.pdbx_monochromatic_or_laue_m_l   M 
_diffrn_radiation.monochromator                    ? 
_diffrn_radiation.pdbx_diffrn_protocol             MAD 
_diffrn_radiation.pdbx_scattering_type             x-ray 
# 
_diffrn_radiation_wavelength.id           1 
_diffrn_radiation_wavelength.wavelength   0.9788 
_diffrn_radiation_wavelength.wt           1.0 
# 
_diffrn_source.diffrn_id                   1 
_diffrn_source.source                      SYNCHROTRON 
_diffrn_source.type                        'BSRF BEAMLINE 3W1A' 
_diffrn_source.pdbx_synchrotron_site       BSRF 
_diffrn_source.pdbx_synchrotron_beamline   3W1A 
_diffrn_source.pdbx_wavelength             ? 
_diffrn_source.pdbx_wavelength_list        0.9788 
# 
_reflns.entry_id                     3AKB 
_reflns.observed_criterion_sigma_I   -3 
_reflns.observed_criterion_sigma_F   0 
_reflns.d_resolution_low             50 
_reflns.d_resolution_high            1.5 
_reflns.number_obs                   23403 
_reflns.number_all                   23403 
_reflns.percent_possible_obs         95.4 
_reflns.pdbx_Rmerge_I_obs            0.074 
_reflns.pdbx_Rsym_value              ? 
_reflns.B_iso_Wilson_estimate        20 
_reflns.pdbx_redundancy              6.9 
_reflns.pdbx_netI_over_sigmaI        12.5 
_reflns.R_free_details               ? 
_reflns.limit_h_max                  ? 
_reflns.limit_h_min                  ? 
_reflns.limit_k_max                  ? 
_reflns.limit_k_min                  ? 
_reflns.limit_l_max                  ? 
_reflns.limit_l_min                  ? 
_reflns.observed_criterion_F_max     ? 
_reflns.observed_criterion_F_min     ? 
_reflns.pdbx_chi_squared             ? 
_reflns.pdbx_scaling_rejects         ? 
_reflns.pdbx_diffrn_id               1 
_reflns.pdbx_ordinal                 1 
# 
_reflns_shell.d_res_high             1.50 
_reflns_shell.d_res_low              1.55 
_reflns_shell.percent_possible_all   92.4 
_reflns_shell.Rmerge_I_obs           0.396 
_reflns_shell.pdbx_Rsym_value        ? 
_reflns_shell.meanI_over_sigI_obs    2.5 
_reflns_shell.pdbx_redundancy        6.6 
_reflns_shell.percent_possible_obs   ? 
_reflns_shell.number_unique_all      2212 
_reflns_shell.number_measured_all    ? 
_reflns_shell.number_measured_obs    ? 
_reflns_shell.number_unique_obs      ? 
_reflns_shell.pdbx_chi_squared       ? 
_reflns_shell.pdbx_diffrn_id         ? 
_reflns_shell.pdbx_ordinal           1 
# 
_refine.entry_id                                 3AKB 
_refine.ls_number_reflns_obs                     22042 
_refine.ls_number_reflns_all                     22042 
_refine.pdbx_ls_sigma_I                          ? 
_refine.pdbx_ls_sigma_F                          ? 
_refine.pdbx_data_cutoff_high_absF               ? 
_refine.pdbx_data_cutoff_low_absF                ? 
_refine.pdbx_data_cutoff_high_rms_absF           ? 
_refine.ls_d_res_low                             26.50 
_refine.ls_d_res_high                            1.50 
_refine.ls_percent_reflns_obs                    94.89 
_refine.ls_R_factor_obs                          0.20465 
_refine.ls_R_factor_all                          0.211 
_refine.ls_R_factor_R_work                       0.20316 
_refine.ls_R_factor_R_free                       0.23232 
_refine.ls_R_factor_R_free_error                 ? 
_refine.ls_R_factor_R_free_error_details         ? 
_refine.ls_percent_reflns_R_free                 5.1 
_refine.ls_number_reflns_R_free                  1189 
_refine.ls_number_parameters                     ? 
_refine.ls_number_restraints                     ? 
_refine.occupancy_min                            ? 
_refine.occupancy_max                            ? 
_refine.correlation_coeff_Fo_to_Fc               0.944 
_refine.correlation_coeff_Fo_to_Fc_free          0.932 
_refine.B_iso_mean                               15.528 
_refine.aniso_B[1][1]                            0.16 
_refine.aniso_B[2][2]                            -0.61 
_refine.aniso_B[3][3]                            0.45 
_refine.aniso_B[1][2]                            0.00 
_refine.aniso_B[1][3]                            0.00 
_refine.aniso_B[2][3]                            0.00 
_refine.solvent_model_details                    MASK 
_refine.solvent_model_param_ksol                 ? 
_refine.solvent_model_param_bsol                 ? 
_refine.pdbx_solvent_vdw_probe_radii             1.20 
_refine.pdbx_solvent_ion_probe_radii             0.80 
_refine.pdbx_solvent_shrinkage_radii             0.80 
_refine.pdbx_ls_cross_valid_method               THROUGHOUT 
_refine.details                                  'HYDROGENS HAVE BEEN ADDED IN THE RIDING POSITIONS' 
_refine.pdbx_starting_model                      ? 
_refine.pdbx_method_to_determine_struct          SAD 
_refine.pdbx_isotropic_thermal_model             ISOTROPIC 
_refine.pdbx_stereochemistry_target_values       'MAXIMUM LIKELIHOOD' 
_refine.pdbx_stereochem_target_val_spec_case     ? 
_refine.pdbx_R_Free_selection_details            RANDOM 
_refine.pdbx_overall_ESU_R_Free                  0.093 
_refine.overall_SU_ML                            0.051 
_refine.overall_SU_B                             1.294 
_refine.overall_SU_R_Cruickshank_DPI             ? 
_refine.ls_redundancy_reflns_obs                 ? 
_refine.B_iso_min                                ? 
_refine.B_iso_max                                ? 
_refine.overall_SU_R_free                        ? 
_refine.ls_wR_factor_R_free                      ? 
_refine.ls_wR_factor_R_work                      ? 
_refine.overall_FOM_free_R_set                   ? 
_refine.overall_FOM_work_R_set                   ? 
_refine.pdbx_refine_id                           'X-RAY DIFFRACTION' 
_refine.pdbx_overall_phase_error                 ? 
_refine.pdbx_overall_ESU_R                       ? 
_refine.pdbx_diffrn_id                           1 
_refine.pdbx_TLS_residual_ADP_flag               ? 
_refine.pdbx_overall_SU_R_free_Cruickshank_DPI   ? 
_refine.pdbx_overall_SU_R_Blow_DPI               ? 
_refine.pdbx_overall_SU_R_free_Blow_DPI          ? 
# 
_refine_analyze.entry_id                        3AKB 
_refine_analyze.Luzzati_coordinate_error_obs    0.095 
_refine_analyze.Luzzati_sigma_a_obs             ? 
_refine_analyze.Luzzati_d_res_low_obs           ? 
_refine_analyze.Luzzati_coordinate_error_free   0.093 
_refine_analyze.Luzzati_sigma_a_free            ? 
_refine_analyze.Luzzati_d_res_low_free          ? 
_refine_analyze.number_disordered_residues      ? 
_refine_analyze.occupancy_sum_hydrogen          ? 
_refine_analyze.occupancy_sum_non_hydrogen      ? 
_refine_analyze.pdbx_Luzzati_d_res_high_obs     ? 
_refine_analyze.pdbx_refine_id                  'X-RAY DIFFRACTION' 
# 
_refine_hist.pdbx_refine_id                   'X-RAY DIFFRACTION' 
_refine_hist.cycle_id                         LAST 
_refine_hist.pdbx_number_atoms_protein        1247 
_refine_hist.pdbx_number_atoms_nucleic_acid   0 
_refine_hist.pdbx_number_atoms_ligand         11 
_refine_hist.number_atoms_solvent             202 
_refine_hist.number_atoms_total               1460 
_refine_hist.d_res_high                       1.50 
_refine_hist.d_res_low                        26.50 
# 
loop_
_refine_ls_restr.type 
_refine_ls_restr.dev_ideal 
_refine_ls_restr.dev_ideal_target 
_refine_ls_restr.weight 
_refine_ls_restr.number 
_refine_ls_restr.pdbx_refine_id 
_refine_ls_restr.pdbx_restraint_function 
r_bond_refined_d             0.011  0.022  ? 1272 'X-RAY DIFFRACTION' ? 
r_bond_other_d               ?      ?      ? ?    'X-RAY DIFFRACTION' ? 
r_angle_refined_deg          1.305  1.942  ? 1721 'X-RAY DIFFRACTION' ? 
r_angle_other_deg            ?      ?      ? ?    'X-RAY DIFFRACTION' ? 
r_dihedral_angle_1_deg       4.830  5.000  ? 167  'X-RAY DIFFRACTION' ? 
r_dihedral_angle_2_deg       27.427 22.727 ? 66   'X-RAY DIFFRACTION' ? 
r_dihedral_angle_3_deg       13.092 15.000 ? 190  'X-RAY DIFFRACTION' ? 
r_dihedral_angle_4_deg       16.166 15.000 ? 16   'X-RAY DIFFRACTION' ? 
r_chiral_restr               0.094  0.200  ? 185  'X-RAY DIFFRACTION' ? 
r_gen_planes_refined         0.005  0.020  ? 1016 'X-RAY DIFFRACTION' ? 
r_gen_planes_other           ?      ?      ? ?    'X-RAY DIFFRACTION' ? 
r_nbd_refined                0.236  0.200  ? 707  'X-RAY DIFFRACTION' ? 
r_nbd_other                  ?      ?      ? ?    'X-RAY DIFFRACTION' ? 
r_nbtor_refined              0.304  0.200  ? 902  'X-RAY DIFFRACTION' ? 
r_nbtor_other                ?      ?      ? ?    'X-RAY DIFFRACTION' ? 
r_xyhbond_nbd_refined        0.675  0.200  ? 139  'X-RAY DIFFRACTION' ? 
r_xyhbond_nbd_other          ?      ?      ? ?    'X-RAY DIFFRACTION' ? 
r_metal_ion_refined          0.291  0.200  ? 31   'X-RAY DIFFRACTION' ? 
r_metal_ion_other            ?      ?      ? ?    'X-RAY DIFFRACTION' ? 
r_symmetry_vdw_refined       0.435  0.200  ? 48   'X-RAY DIFFRACTION' ? 
r_symmetry_vdw_other         ?      ?      ? ?    'X-RAY DIFFRACTION' ? 
r_symmetry_hbond_refined     0.153  0.200  ? 16   'X-RAY DIFFRACTION' ? 
r_symmetry_hbond_other       ?      ?      ? ?    'X-RAY DIFFRACTION' ? 
r_symmetry_metal_ion_refined 0.729  0.200  ? 13   'X-RAY DIFFRACTION' ? 
r_symmetry_metal_ion_other   ?      ?      ? ?    'X-RAY DIFFRACTION' ? 
r_mcbond_it                  0.811  1.500  ? 839  'X-RAY DIFFRACTION' ? 
r_mcbond_other               ?      ?      ? ?    'X-RAY DIFFRACTION' ? 
r_mcangle_it                 1.216  2.000  ? 1286 'X-RAY DIFFRACTION' ? 
r_scbond_it                  2.014  3.000  ? 480  'X-RAY DIFFRACTION' ? 
r_scangle_it                 3.062  4.500  ? 434  'X-RAY DIFFRACTION' ? 
r_rigid_bond_restr           ?      ?      ? ?    'X-RAY DIFFRACTION' ? 
r_sphericity_free            ?      ?      ? ?    'X-RAY DIFFRACTION' ? 
r_sphericity_bonded          ?      ?      ? ?    'X-RAY DIFFRACTION' ? 
# 
_refine_ls_shell.pdbx_total_number_of_bins_used   20 
_refine_ls_shell.d_res_high                       1.500 
_refine_ls_shell.d_res_low                        1.539 
_refine_ls_shell.number_reflns_R_work             1520 
_refine_ls_shell.R_factor_R_work                  0.215 
_refine_ls_shell.percent_reflns_obs               91.66 
_refine_ls_shell.R_factor_R_free                  0.272 
_refine_ls_shell.R_factor_R_free_error            ? 
_refine_ls_shell.percent_reflns_R_free            ? 
_refine_ls_shell.number_reflns_R_free             96 
_refine_ls_shell.number_reflns_all                ? 
_refine_ls_shell.R_factor_all                     ? 
_refine_ls_shell.number_reflns_obs                1520 
_refine_ls_shell.redundancy_reflns_obs            ? 
_refine_ls_shell.pdbx_refine_id                   'X-RAY DIFFRACTION' 
# 
_struct.entry_id                  3AKB 
_struct.title                     
'Structural basis for prokaryotic calcium-mediated regulation by a Streptomyces coelicolor calcium-binding protein' 
_struct.pdbx_model_details        ? 
_struct.pdbx_CASP_flag            ? 
_struct.pdbx_model_type_details   ? 
# 
_struct_keywords.entry_id        3AKB 
_struct_keywords.pdbx_keywords   'METAL BINDING PROTEIN' 
_struct_keywords.text            'calcium-binding protein, EF-hand, METAL BINDING PROTEIN' 
# 
loop_
_struct_asym.id 
_struct_asym.pdbx_blank_PDB_chainid_flag 
_struct_asym.pdbx_modified 
_struct_asym.entity_id 
_struct_asym.details 
A N N 1 ? 
B N N 2 ? 
C N N 2 ? 
D N N 2 ? 
E N N 2 ? 
F N N 2 ? 
G N N 2 ? 
H N N 2 ? 
I N N 2 ? 
J N N 2 ? 
K N N 2 ? 
L N N 2 ? 
M N N 3 ? 
# 
_struct_ref.id                         1 
_struct_ref.db_name                    UNP 
_struct_ref.db_code                    Q9F377_STRCO 
_struct_ref.pdbx_db_accession          Q9F377 
_struct_ref.entity_id                  1 
_struct_ref.pdbx_seq_one_letter_code   
;EYERRIAARFTTFDQDGNGHIDRSDFSGAAKALLAEFGVAARSDRGQALYGGAEALWQGLAGIADRDGDQRITREEFVTG
AVKRLRDKPDRFAEIARPFLHAALGVADTDGDGAVTVADTARALTAFGVPEDLARQAAAALDTDGDGKVGETEIVPAFAR
YFTVP
;
_struct_ref.pdbx_align_begin           5 
_struct_ref.pdbx_db_isoform            ? 
# 
_struct_ref_seq.align_id                      1 
_struct_ref_seq.ref_id                        1 
_struct_ref_seq.pdbx_PDB_id_code              3AKB 
_struct_ref_seq.pdbx_strand_id                A 
_struct_ref_seq.seq_align_beg                 1 
_struct_ref_seq.pdbx_seq_align_beg_ins_code   ? 
_struct_ref_seq.seq_align_end                 165 
_struct_ref_seq.pdbx_seq_align_end_ins_code   ? 
_struct_ref_seq.pdbx_db_accession             Q9F377 
_struct_ref_seq.db_align_beg                  5 
_struct_ref_seq.pdbx_db_align_beg_ins_code    ? 
_struct_ref_seq.db_align_end                  169 
_struct_ref_seq.pdbx_db_align_end_ins_code    ? 
_struct_ref_seq.pdbx_auth_seq_align_beg       5 
_struct_ref_seq.pdbx_auth_seq_align_end       169 
# 
loop_
_struct_ref_seq_dif.align_id 
_struct_ref_seq_dif.pdbx_pdb_id_code 
_struct_ref_seq_dif.mon_id 
_struct_ref_seq_dif.pdbx_pdb_strand_id 
_struct_ref_seq_dif.seq_num 
_struct_ref_seq_dif.pdbx_pdb_ins_code 
_struct_ref_seq_dif.pdbx_seq_db_name 
_struct_ref_seq_dif.pdbx_seq_db_accession_code 
_struct_ref_seq_dif.db_mon_id 
_struct_ref_seq_dif.pdbx_seq_db_seq_num 
_struct_ref_seq_dif.details 
_struct_ref_seq_dif.pdbx_auth_seq_num 
_struct_ref_seq_dif.pdbx_ordinal 
1 3AKB MET A 33  ? UNP Q9F377 LEU 37 'engineered mutation' 37  1 
1 3AKB MET A 95  ? UNP Q9F377 ILE 99 'engineered mutation' 99  2 
1 3AKB ALA A 166 ? UNP Q9F377 ?   ?  'expression tag'      170 3 
# 
_pdbx_struct_assembly.id                   1 
_pdbx_struct_assembly.details              author_and_software_defined_assembly 
_pdbx_struct_assembly.method_details       PISA 
_pdbx_struct_assembly.oligomeric_details   monomeric 
_pdbx_struct_assembly.oligomeric_count     1 
# 
_pdbx_struct_assembly_gen.assembly_id       1 
_pdbx_struct_assembly_gen.oper_expression   1 
_pdbx_struct_assembly_gen.asym_id_list      A,B,C,D,E,F,G,H,I,J,K,L,M 
# 
_pdbx_struct_oper_list.id                   1 
_pdbx_struct_oper_list.type                 'identity operation' 
_pdbx_struct_oper_list.name                 1_555 
_pdbx_struct_oper_list.symmetry_operation   x,y,z 
_pdbx_struct_oper_list.matrix[1][1]         1.0000000000 
_pdbx_struct_oper_list.matrix[1][2]         0.0000000000 
_pdbx_struct_oper_list.matrix[1][3]         0.0000000000 
_pdbx_struct_oper_list.vector[1]            0.0000000000 
_pdbx_struct_oper_list.matrix[2][1]         0.0000000000 
_pdbx_struct_oper_list.matrix[2][2]         1.0000000000 
_pdbx_struct_oper_list.matrix[2][3]         0.0000000000 
_pdbx_struct_oper_list.vector[2]            0.0000000000 
_pdbx_struct_oper_list.matrix[3][1]         0.0000000000 
_pdbx_struct_oper_list.matrix[3][2]         0.0000000000 
_pdbx_struct_oper_list.matrix[3][3]         1.0000000000 
_pdbx_struct_oper_list.vector[3]            0.0000000000 
# 
_struct_biol.id        1 
_struct_biol.details   ? 
# 
loop_
_struct_conf.conf_type_id 
_struct_conf.id 
_struct_conf.pdbx_PDB_helix_id 
_struct_conf.beg_label_comp_id 
_struct_conf.beg_label_asym_id 
_struct_conf.beg_label_seq_id 
_struct_conf.pdbx_beg_PDB_ins_code 
_struct_conf.end_label_comp_id 
_struct_conf.end_label_asym_id 
_struct_conf.end_label_seq_id 
_struct_conf.pdbx_end_PDB_ins_code 
_struct_conf.beg_auth_comp_id 
_struct_conf.beg_auth_asym_id 
_struct_conf.beg_auth_seq_id 
_struct_conf.end_auth_comp_id 
_struct_conf.end_auth_asym_id 
_struct_conf.end_auth_seq_id 
_struct_conf.pdbx_PDB_helix_class 
_struct_conf.details 
_struct_conf.pdbx_PDB_helix_length 
HELX_P HELX_P1 1 GLU A 1   ? ASP A 14  ? GLU A 5   ASP A 18  1 ? 14 
HELX_P HELX_P2 2 ASP A 22  ? GLY A 38  ? ASP A 26  GLY A 42  1 ? 17 
HELX_P HELX_P3 3 SER A 43  ? ASP A 65  ? SER A 47  ASP A 69  1 ? 23 
HELX_P HELX_P4 4 ARG A 74  ? GLY A 80  ? ARG A 78  GLY A 84  1 ? 7  
HELX_P HELX_P5 5 GLY A 80  ? LYS A 88  ? GLY A 84  LYS A 92  1 ? 9  
HELX_P HELX_P6 6 LYS A 88  ? ASP A 108 ? LYS A 92  ASP A 112 1 ? 21 
HELX_P HELX_P7 7 THR A 116 ? PHE A 127 ? THR A 120 PHE A 131 1 ? 12 
HELX_P HELX_P8 8 PRO A 130 ? ASP A 142 ? PRO A 134 ASP A 146 1 ? 13 
HELX_P HELX_P9 9 GLY A 150 ? PHE A 162 ? GLY A 154 PHE A 166 1 ? 13 
# 
_struct_conf_type.id          HELX_P 
_struct_conf_type.criteria    ? 
_struct_conf_type.reference   ? 
# 
loop_
_struct_conn.id 
_struct_conn.conn_type_id 
_struct_conn.pdbx_leaving_atom_flag 
_struct_conn.pdbx_PDB_id 
_struct_conn.ptnr1_label_asym_id 
_struct_conn.ptnr1_label_comp_id 
_struct_conn.ptnr1_label_seq_id 
_struct_conn.ptnr1_label_atom_id 
_struct_conn.pdbx_ptnr1_label_alt_id 
_struct_conn.pdbx_ptnr1_PDB_ins_code 
_struct_conn.pdbx_ptnr1_standard_comp_id 
_struct_conn.ptnr1_symmetry 
_struct_conn.ptnr2_label_asym_id 
_struct_conn.ptnr2_label_comp_id 
_struct_conn.ptnr2_label_seq_id 
_struct_conn.ptnr2_label_atom_id 
_struct_conn.pdbx_ptnr2_label_alt_id 
_struct_conn.pdbx_ptnr2_PDB_ins_code 
_struct_conn.ptnr1_auth_asym_id 
_struct_conn.ptnr1_auth_comp_id 
_struct_conn.ptnr1_auth_seq_id 
_struct_conn.ptnr2_auth_asym_id 
_struct_conn.ptnr2_auth_comp_id 
_struct_conn.ptnr2_auth_seq_id 
_struct_conn.ptnr2_symmetry 
_struct_conn.pdbx_ptnr3_label_atom_id 
_struct_conn.pdbx_ptnr3_label_seq_id 
_struct_conn.pdbx_ptnr3_label_comp_id 
_struct_conn.pdbx_ptnr3_label_asym_id 
_struct_conn.pdbx_ptnr3_label_alt_id 
_struct_conn.pdbx_ptnr3_PDB_ins_code 
_struct_conn.details 
_struct_conn.pdbx_dist_value 
_struct_conn.pdbx_value_order 
_struct_conn.pdbx_role 
metalc1  metalc ? ? B CA  .   CA  ? ? ? 1_555 A ASP 144 OD2 ? ? A CA  1   A ASP 148 1_555 ? ? ? ? ? ? ? 1.938 ? ? 
metalc2  metalc ? ? B CA  .   CA  ? ? ? 1_555 A ASP 144 OD1 ? ? A CA  1   A ASP 148 1_555 ? ? ? ? ? ? ? 2.988 ? ? 
metalc3  metalc ? ? B CA  .   CA  ? ? ? 1_555 A ASP 146 OD2 ? ? A CA  1   A ASP 150 1_555 ? ? ? ? ? ? ? 1.858 ? ? 
metalc4  metalc ? ? B CA  .   CA  ? ? ? 1_555 M HOH .   O   ? ? A CA  1   A HOH 180 1_555 ? ? ? ? ? ? ? 2.021 ? ? 
metalc5  metalc ? ? B CA  .   CA  ? ? ? 1_555 M HOH .   O   ? ? A CA  1   A HOH 308 1_555 ? ? ? ? ? ? ? 2.574 ? ? 
metalc6  metalc ? ? C CA  .   CA  ? ? ? 1_555 A ASP 108 OD1 ? ? A CA  2   A ASP 112 1_555 ? ? ? ? ? ? ? 2.309 ? ? 
metalc7  metalc ? ? C CA  .   CA  ? ? ? 1_555 A ASP 110 OD1 ? ? A CA  2   A ASP 114 1_555 ? ? ? ? ? ? ? 2.213 ? ? 
metalc8  metalc ? ? C CA  .   CA  ? ? ? 1_555 A ASP 112 OD1 ? ? A CA  2   A ASP 116 1_555 ? ? ? ? ? ? ? 2.380 ? ? 
metalc9  metalc ? ? C CA  .   CA  ? ? ? 1_555 A ALA 114 O   ? ? A CA  2   A ALA 118 1_555 ? ? ? ? ? ? ? 2.268 ? ? 
metalc10 metalc ? ? C CA  .   CA  ? ? ? 1_555 M HOH .   O   ? ? A CA  2   A HOH 203 1_555 ? ? ? ? ? ? ? 2.315 ? ? 
metalc11 metalc ? ? C CA  .   CA  ? ? ? 1_555 M HOH .   O   ? ? A CA  2   A HOH 379 1_555 ? ? ? ? ? ? ? 2.344 ? ? 
metalc12 metalc ? ? A ASP 14  OD1 ? ? ? 1_555 E CA  .   CA  ? ? A ASP 18  A CA  171 1_555 ? ? ? ? ? ? ? 2.274 ? ? 
metalc13 metalc ? ? A ASP 16  OD1 ? ? ? 1_555 E CA  .   CA  ? ? A ASP 20  A CA  171 1_555 ? ? ? ? ? ? ? 2.375 ? ? 
metalc14 metalc ? ? A ASN 18  OD1 ? ? ? 1_555 E CA  .   CA  ? ? A ASN 22  A CA  171 1_555 ? ? ? ? ? ? ? 2.404 ? ? 
metalc15 metalc ? ? A HIS 20  O   ? ? ? 1_555 E CA  .   CA  ? ? A HIS 24  A CA  171 1_555 ? ? ? ? ? ? ? 2.361 ? ? 
metalc16 metalc ? ? A ASP 22  OD2 ? ? ? 1_555 H CA  .   CA  ? ? A ASP 26  A CA  174 1_555 ? ? ? ? ? ? ? 2.143 ? ? 
metalc17 metalc ? ? A ASP 22  OD1 ? ? ? 1_555 H CA  .   CA  ? ? A ASP 26  A CA  174 1_555 ? ? ? ? ? ? ? 2.886 ? ? 
metalc18 metalc ? ? A ASP 25  OD2 ? ? ? 1_555 E CA  .   CA  ? ? A ASP 29  A CA  171 1_555 ? ? ? ? ? ? ? 2.434 ? ? 
metalc19 metalc ? ? A ASP 25  OD1 ? ? ? 1_555 E CA  .   CA  ? ? A ASP 29  A CA  171 1_555 ? ? ? ? ? ? ? 2.605 ? ? 
metalc20 metalc ? ? A ASP 65  OD1 ? ? ? 1_555 F CA  .   CA  ? ? A ASP 69  A CA  172 1_555 ? ? ? ? ? ? ? 2.427 ? ? 
metalc21 metalc ? ? A ASP 67  OD1 ? ? ? 1_555 F CA  .   CA  ? ? A ASP 71  A CA  172 1_555 ? ? ? ? ? ? ? 2.312 ? ? 
metalc22 metalc ? ? A ASP 69  OD1 ? ? ? 1_555 F CA  .   CA  ? ? A ASP 73  A CA  172 1_555 ? ? ? ? ? ? ? 2.339 ? ? 
metalc23 metalc ? ? A ARG 71  O   ? ? ? 1_555 F CA  .   CA  ? ? A ARG 75  A CA  172 1_555 ? ? ? ? ? ? ? 2.273 ? ? 
metalc24 metalc ? ? A GLU 76  OE1 ? ? ? 1_555 F CA  .   CA  ? ? A GLU 80  A CA  172 1_555 ? ? ? ? ? ? ? 2.503 ? ? 
metalc25 metalc ? ? A GLU 76  OE2 ? ? ? 1_555 F CA  .   CA  ? ? A GLU 80  A CA  172 1_555 ? ? ? ? ? ? ? 2.567 ? ? 
metalc26 metalc ? ? A ASP 110 OD2 ? ? ? 1_555 L CA  .   CA  ? ? A ASP 114 A CA  178 1_555 ? ? ? ? ? ? ? 1.915 ? ? 
metalc27 metalc ? ? A ASP 110 OD1 ? ? ? 1_555 L CA  .   CA  ? ? A ASP 114 A CA  178 1_555 ? ? ? ? ? ? ? 2.795 ? ? 
metalc28 metalc ? ? A ASP 112 OD1 ? ? ? 1_555 L CA  .   CA  ? ? A ASP 116 A CA  178 1_555 ? ? ? ? ? ? ? 3.181 ? ? 
metalc29 metalc ? ? A THR 125 OG1 ? ? ? 1_555 J CA  .   CA  ? ? A THR 129 A CA  176 1_555 ? ? ? ? ? ? ? 2.655 ? ? 
metalc30 metalc ? ? A GLU 131 OE1 ? ? ? 1_555 K CA  .   CA  ? ? A GLU 135 A CA  177 1_555 ? ? ? ? ? ? ? 2.144 ? ? 
metalc31 metalc ? ? A GLU 131 OE2 ? ? ? 1_555 K CA  .   CA  ? ? A GLU 135 A CA  177 1_555 ? ? ? ? ? ? ? 2.787 ? ? 
metalc32 metalc ? ? A ASP 132 OD2 ? ? ? 1_555 G CA  .   CA  ? ? A ASP 136 A CA  173 1_555 ? ? ? ? ? ? ? 2.074 ? ? 
metalc33 metalc ? ? A ASP 132 OD1 ? ? ? 1_555 G CA  .   CA  ? ? A ASP 136 A CA  173 1_555 ? ? ? ? ? ? ? 2.567 ? ? 
metalc34 metalc ? ? A ASP 142 OD1 ? ? ? 1_555 I CA  .   CA  ? ? A ASP 146 A CA  175 1_555 ? ? ? ? ? ? ? 2.402 ? ? 
metalc35 metalc ? ? A ASP 144 OD1 ? ? ? 1_555 I CA  .   CA  ? ? A ASP 148 A CA  175 1_555 ? ? ? ? ? ? ? 2.321 ? ? 
metalc36 metalc ? ? A ASP 146 OD1 ? ? ? 1_555 I CA  .   CA  ? ? A ASP 150 A CA  175 1_555 ? ? ? ? ? ? ? 2.579 ? ? 
metalc37 metalc ? ? A LYS 148 O   ? ? ? 1_555 I CA  .   CA  ? ? A LYS 152 A CA  175 1_555 ? ? ? ? ? ? ? 2.241 ? ? 
metalc38 metalc ? ? A GLU 153 OE2 ? ? ? 1_555 I CA  .   CA  ? ? A GLU 157 A CA  175 1_555 ? ? ? ? ? ? ? 2.437 ? ? 
metalc39 metalc ? ? A GLU 153 OE1 ? ? ? 1_555 I CA  .   CA  ? ? A GLU 157 A CA  175 1_555 ? ? ? ? ? ? ? 2.704 ? ? 
metalc40 metalc ? ? E CA  .   CA  ? ? ? 1_555 M HOH .   O   ? ? A CA  171 A HOH 224 1_555 ? ? ? ? ? ? ? 2.360 ? ? 
metalc41 metalc ? ? F CA  .   CA  ? ? ? 1_555 M HOH .   O   ? ? A CA  172 A HOH 284 1_555 ? ? ? ? ? ? ? 2.511 ? ? 
metalc42 metalc ? ? G CA  .   CA  ? ? ? 1_555 M HOH .   O   ? ? A CA  173 A HOH 363 1_555 ? ? ? ? ? ? ? 2.133 ? ? 
metalc43 metalc ? ? I CA  .   CA  ? ? ? 1_555 M HOH .   O   ? ? A CA  175 A HOH 180 1_555 ? ? ? ? ? ? ? 2.261 ? ? 
metalc44 metalc ? ? J CA  .   CA  ? ? ? 1_555 M HOH .   O   ? ? A CA  176 A HOH 259 1_555 ? ? ? ? ? ? ? 2.802 ? ? 
metalc45 metalc ? ? L CA  .   CA  ? ? ? 1_555 M HOH .   O   ? ? A CA  178 A HOH 217 1_555 ? ? ? ? ? ? ? 2.773 ? ? 
metalc46 metalc ? ? L CA  .   CA  ? ? ? 1_555 M HOH .   O   ? ? A CA  178 A HOH 288 1_555 ? ? ? ? ? ? ? 2.903 ? ? 
metalc47 metalc ? ? L CA  .   CA  ? ? ? 1_555 M HOH .   O   ? ? A CA  178 A HOH 379 1_555 ? ? ? ? ? ? ? 2.194 ? ? 
# 
_struct_conn_type.id          metalc 
_struct_conn_type.criteria    ? 
_struct_conn_type.reference   ? 
# 
loop_
_pdbx_struct_conn_angle.id 
_pdbx_struct_conn_angle.ptnr1_label_atom_id 
_pdbx_struct_conn_angle.ptnr1_label_alt_id 
_pdbx_struct_conn_angle.ptnr1_label_asym_id 
_pdbx_struct_conn_angle.ptnr1_label_comp_id 
_pdbx_struct_conn_angle.ptnr1_label_seq_id 
_pdbx_struct_conn_angle.ptnr1_auth_atom_id 
_pdbx_struct_conn_angle.ptnr1_auth_asym_id 
_pdbx_struct_conn_angle.ptnr1_auth_comp_id 
_pdbx_struct_conn_angle.ptnr1_auth_seq_id 
_pdbx_struct_conn_angle.ptnr1_PDB_ins_code 
_pdbx_struct_conn_angle.ptnr1_symmetry 
_pdbx_struct_conn_angle.ptnr2_label_atom_id 
_pdbx_struct_conn_angle.ptnr2_label_alt_id 
_pdbx_struct_conn_angle.ptnr2_label_asym_id 
_pdbx_struct_conn_angle.ptnr2_label_comp_id 
_pdbx_struct_conn_angle.ptnr2_label_seq_id 
_pdbx_struct_conn_angle.ptnr2_auth_atom_id 
_pdbx_struct_conn_angle.ptnr2_auth_asym_id 
_pdbx_struct_conn_angle.ptnr2_auth_comp_id 
_pdbx_struct_conn_angle.ptnr2_auth_seq_id 
_pdbx_struct_conn_angle.ptnr2_PDB_ins_code 
_pdbx_struct_conn_angle.ptnr2_symmetry 
_pdbx_struct_conn_angle.ptnr3_label_atom_id 
_pdbx_struct_conn_angle.ptnr3_label_alt_id 
_pdbx_struct_conn_angle.ptnr3_label_asym_id 
_pdbx_struct_conn_angle.ptnr3_label_comp_id 
_pdbx_struct_conn_angle.ptnr3_label_seq_id 
_pdbx_struct_conn_angle.ptnr3_auth_atom_id 
_pdbx_struct_conn_angle.ptnr3_auth_asym_id 
_pdbx_struct_conn_angle.ptnr3_auth_comp_id 
_pdbx_struct_conn_angle.ptnr3_auth_seq_id 
_pdbx_struct_conn_angle.ptnr3_PDB_ins_code 
_pdbx_struct_conn_angle.ptnr3_symmetry 
_pdbx_struct_conn_angle.value 
_pdbx_struct_conn_angle.value_esd 
1   OD2 ? A ASP 144 ? A ASP 148 ? 1_555 CA ? B CA . ? A CA 1   ? 1_555 OD1 ? A ASP 144 ? A ASP 148 ? 1_555 46.9  ? 
2   OD2 ? A ASP 144 ? A ASP 148 ? 1_555 CA ? B CA . ? A CA 1   ? 1_555 OD2 ? A ASP 146 ? A ASP 150 ? 1_555 104.9 ? 
3   OD1 ? A ASP 144 ? A ASP 148 ? 1_555 CA ? B CA . ? A CA 1   ? 1_555 OD2 ? A ASP 146 ? A ASP 150 ? 1_555 78.3  ? 
4   OD2 ? A ASP 144 ? A ASP 148 ? 1_555 CA ? B CA . ? A CA 1   ? 1_555 O   ? M HOH .   ? A HOH 180 ? 1_555 106.8 ? 
5   OD1 ? A ASP 144 ? A ASP 148 ? 1_555 CA ? B CA . ? A CA 1   ? 1_555 O   ? M HOH .   ? A HOH 180 ? 1_555 74.8  ? 
6   OD2 ? A ASP 146 ? A ASP 150 ? 1_555 CA ? B CA . ? A CA 1   ? 1_555 O   ? M HOH .   ? A HOH 180 ? 1_555 100.9 ? 
7   OD2 ? A ASP 144 ? A ASP 148 ? 1_555 CA ? B CA . ? A CA 1   ? 1_555 O   ? M HOH .   ? A HOH 308 ? 1_555 155.3 ? 
8   OD1 ? A ASP 144 ? A ASP 148 ? 1_555 CA ? B CA . ? A CA 1   ? 1_555 O   ? M HOH .   ? A HOH 308 ? 1_555 124.5 ? 
9   OD2 ? A ASP 146 ? A ASP 150 ? 1_555 CA ? B CA . ? A CA 1   ? 1_555 O   ? M HOH .   ? A HOH 308 ? 1_555 93.6  ? 
10  O   ? M HOH .   ? A HOH 180 ? 1_555 CA ? B CA . ? A CA 1   ? 1_555 O   ? M HOH .   ? A HOH 308 ? 1_555 52.7  ? 
11  OD1 ? A ASP 108 ? A ASP 112 ? 1_555 CA ? C CA . ? A CA 2   ? 1_555 OD1 ? A ASP 110 ? A ASP 114 ? 1_555 83.2  ? 
12  OD1 ? A ASP 108 ? A ASP 112 ? 1_555 CA ? C CA . ? A CA 2   ? 1_555 OD1 ? A ASP 112 ? A ASP 116 ? 1_555 94.2  ? 
13  OD1 ? A ASP 110 ? A ASP 114 ? 1_555 CA ? C CA . ? A CA 2   ? 1_555 OD1 ? A ASP 112 ? A ASP 116 ? 1_555 84.0  ? 
14  OD1 ? A ASP 108 ? A ASP 112 ? 1_555 CA ? C CA . ? A CA 2   ? 1_555 O   ? A ALA 114 ? A ALA 118 ? 1_555 88.5  ? 
15  OD1 ? A ASP 110 ? A ASP 114 ? 1_555 CA ? C CA . ? A CA 2   ? 1_555 O   ? A ALA 114 ? A ALA 118 ? 1_555 170.6 ? 
16  OD1 ? A ASP 112 ? A ASP 116 ? 1_555 CA ? C CA . ? A CA 2   ? 1_555 O   ? A ALA 114 ? A ALA 118 ? 1_555 92.3  ? 
17  OD1 ? A ASP 108 ? A ASP 112 ? 1_555 CA ? C CA . ? A CA 2   ? 1_555 O   ? M HOH .   ? A HOH 203 ? 1_555 94.2  ? 
18  OD1 ? A ASP 110 ? A ASP 114 ? 1_555 CA ? C CA . ? A CA 2   ? 1_555 O   ? M HOH .   ? A HOH 203 ? 1_555 85.5  ? 
19  OD1 ? A ASP 112 ? A ASP 116 ? 1_555 CA ? C CA . ? A CA 2   ? 1_555 O   ? M HOH .   ? A HOH 203 ? 1_555 165.7 ? 
20  O   ? A ALA 114 ? A ALA 118 ? 1_555 CA ? C CA . ? A CA 2   ? 1_555 O   ? M HOH .   ? A HOH 203 ? 1_555 99.5  ? 
21  OD1 ? A ASP 108 ? A ASP 112 ? 1_555 CA ? C CA . ? A CA 2   ? 1_555 O   ? M HOH .   ? A HOH 379 ? 1_555 172.3 ? 
22  OD1 ? A ASP 110 ? A ASP 114 ? 1_555 CA ? C CA . ? A CA 2   ? 1_555 O   ? M HOH .   ? A HOH 379 ? 1_555 89.4  ? 
23  OD1 ? A ASP 112 ? A ASP 116 ? 1_555 CA ? C CA . ? A CA 2   ? 1_555 O   ? M HOH .   ? A HOH 379 ? 1_555 87.1  ? 
24  O   ? A ALA 114 ? A ALA 118 ? 1_555 CA ? C CA . ? A CA 2   ? 1_555 O   ? M HOH .   ? A HOH 379 ? 1_555 99.0  ? 
25  O   ? M HOH .   ? A HOH 203 ? 1_555 CA ? C CA . ? A CA 2   ? 1_555 O   ? M HOH .   ? A HOH 379 ? 1_555 83.1  ? 
26  OD1 ? A ASP 14  ? A ASP 18  ? 1_555 CA ? E CA . ? A CA 171 ? 1_555 OD1 ? A ASP 16  ? A ASP 20  ? 1_555 87.5  ? 
27  OD1 ? A ASP 14  ? A ASP 18  ? 1_555 CA ? E CA . ? A CA 171 ? 1_555 OD1 ? A ASN 18  ? A ASN 22  ? 1_555 89.5  ? 
28  OD1 ? A ASP 16  ? A ASP 20  ? 1_555 CA ? E CA . ? A CA 171 ? 1_555 OD1 ? A ASN 18  ? A ASN 22  ? 1_555 76.3  ? 
29  OD1 ? A ASP 14  ? A ASP 18  ? 1_555 CA ? E CA . ? A CA 171 ? 1_555 O   ? A HIS 20  ? A HIS 24  ? 1_555 85.1  ? 
30  OD1 ? A ASP 16  ? A ASP 20  ? 1_555 CA ? E CA . ? A CA 171 ? 1_555 O   ? A HIS 20  ? A HIS 24  ? 1_555 152.0 ? 
31  OD1 ? A ASN 18  ? A ASN 22  ? 1_555 CA ? E CA . ? A CA 171 ? 1_555 O   ? A HIS 20  ? A HIS 24  ? 1_555 76.7  ? 
32  OD1 ? A ASP 14  ? A ASP 18  ? 1_555 CA ? E CA . ? A CA 171 ? 1_555 OD2 ? A ASP 25  ? A ASP 29  ? 1_555 104.4 ? 
33  OD1 ? A ASP 16  ? A ASP 20  ? 1_555 CA ? E CA . ? A CA 171 ? 1_555 OD2 ? A ASP 25  ? A ASP 29  ? 1_555 124.8 ? 
34  OD1 ? A ASN 18  ? A ASN 22  ? 1_555 CA ? E CA . ? A CA 171 ? 1_555 OD2 ? A ASP 25  ? A ASP 29  ? 1_555 154.5 ? 
35  O   ? A HIS 20  ? A HIS 24  ? 1_555 CA ? E CA . ? A CA 171 ? 1_555 OD2 ? A ASP 25  ? A ASP 29  ? 1_555 83.2  ? 
36  OD1 ? A ASP 14  ? A ASP 18  ? 1_555 CA ? E CA . ? A CA 171 ? 1_555 OD1 ? A ASP 25  ? A ASP 29  ? 1_555 91.5  ? 
37  OD1 ? A ASP 16  ? A ASP 20  ? 1_555 CA ? E CA . ? A CA 171 ? 1_555 OD1 ? A ASP 25  ? A ASP 29  ? 1_555 74.5  ? 
38  OD1 ? A ASN 18  ? A ASN 22  ? 1_555 CA ? E CA . ? A CA 171 ? 1_555 OD1 ? A ASP 25  ? A ASP 29  ? 1_555 150.7 ? 
39  O   ? A HIS 20  ? A HIS 24  ? 1_555 CA ? E CA . ? A CA 171 ? 1_555 OD1 ? A ASP 25  ? A ASP 29  ? 1_555 132.6 ? 
40  OD2 ? A ASP 25  ? A ASP 29  ? 1_555 CA ? E CA . ? A CA 171 ? 1_555 OD1 ? A ASP 25  ? A ASP 29  ? 1_555 51.9  ? 
41  OD1 ? A ASP 14  ? A ASP 18  ? 1_555 CA ? E CA . ? A CA 171 ? 1_555 O   ? M HOH .   ? A HOH 224 ? 1_555 168.8 ? 
42  OD1 ? A ASP 16  ? A ASP 20  ? 1_555 CA ? E CA . ? A CA 171 ? 1_555 O   ? M HOH .   ? A HOH 224 ? 1_555 82.1  ? 
43  OD1 ? A ASN 18  ? A ASN 22  ? 1_555 CA ? E CA . ? A CA 171 ? 1_555 O   ? M HOH .   ? A HOH 224 ? 1_555 84.0  ? 
44  O   ? A HIS 20  ? A HIS 24  ? 1_555 CA ? E CA . ? A CA 171 ? 1_555 O   ? M HOH .   ? A HOH 224 ? 1_555 102.2 ? 
45  OD2 ? A ASP 25  ? A ASP 29  ? 1_555 CA ? E CA . ? A CA 171 ? 1_555 O   ? M HOH .   ? A HOH 224 ? 1_555 85.1  ? 
46  OD1 ? A ASP 25  ? A ASP 29  ? 1_555 CA ? E CA . ? A CA 171 ? 1_555 O   ? M HOH .   ? A HOH 224 ? 1_555 89.6  ? 
47  OD2 ? A ASP 22  ? A ASP 26  ? 1_555 CA ? H CA . ? A CA 174 ? 1_555 OD1 ? A ASP 22  ? A ASP 26  ? 1_555 49.4  ? 
48  OD1 ? A ASP 65  ? A ASP 69  ? 1_555 CA ? F CA . ? A CA 172 ? 1_555 OD1 ? A ASP 67  ? A ASP 71  ? 1_555 84.8  ? 
49  OD1 ? A ASP 65  ? A ASP 69  ? 1_555 CA ? F CA . ? A CA 172 ? 1_555 OD1 ? A ASP 69  ? A ASP 73  ? 1_555 84.7  ? 
50  OD1 ? A ASP 67  ? A ASP 71  ? 1_555 CA ? F CA . ? A CA 172 ? 1_555 OD1 ? A ASP 69  ? A ASP 73  ? 1_555 77.8  ? 
51  OD1 ? A ASP 65  ? A ASP 69  ? 1_555 CA ? F CA . ? A CA 172 ? 1_555 O   ? A ARG 71  ? A ARG 75  ? 1_555 83.3  ? 
52  OD1 ? A ASP 67  ? A ASP 71  ? 1_555 CA ? F CA . ? A CA 172 ? 1_555 O   ? A ARG 71  ? A ARG 75  ? 1_555 156.2 ? 
53  OD1 ? A ASP 69  ? A ASP 73  ? 1_555 CA ? F CA . ? A CA 172 ? 1_555 O   ? A ARG 71  ? A ARG 75  ? 1_555 80.5  ? 
54  OD1 ? A ASP 65  ? A ASP 69  ? 1_555 CA ? F CA . ? A CA 172 ? 1_555 OE1 ? A GLU 76  ? A GLU 80  ? 1_555 110.1 ? 
55  OD1 ? A ASP 67  ? A ASP 71  ? 1_555 CA ? F CA . ? A CA 172 ? 1_555 OE1 ? A GLU 76  ? A GLU 80  ? 1_555 125.6 ? 
56  OD1 ? A ASP 69  ? A ASP 73  ? 1_555 CA ? F CA . ? A CA 172 ? 1_555 OE1 ? A GLU 76  ? A GLU 80  ? 1_555 152.1 ? 
57  O   ? A ARG 71  ? A ARG 75  ? 1_555 CA ? F CA . ? A CA 172 ? 1_555 OE1 ? A GLU 76  ? A GLU 80  ? 1_555 78.0  ? 
58  OD1 ? A ASP 65  ? A ASP 69  ? 1_555 CA ? F CA . ? A CA 172 ? 1_555 OE2 ? A GLU 76  ? A GLU 80  ? 1_555 93.8  ? 
59  OD1 ? A ASP 67  ? A ASP 71  ? 1_555 CA ? F CA . ? A CA 172 ? 1_555 OE2 ? A GLU 76  ? A GLU 80  ? 1_555 77.4  ? 
60  OD1 ? A ASP 69  ? A ASP 73  ? 1_555 CA ? F CA . ? A CA 172 ? 1_555 OE2 ? A GLU 76  ? A GLU 80  ? 1_555 155.2 ? 
61  O   ? A ARG 71  ? A ARG 75  ? 1_555 CA ? F CA . ? A CA 172 ? 1_555 OE2 ? A GLU 76  ? A GLU 80  ? 1_555 124.0 ? 
62  OE1 ? A GLU 76  ? A GLU 80  ? 1_555 CA ? F CA . ? A CA 172 ? 1_555 OE2 ? A GLU 76  ? A GLU 80  ? 1_555 50.6  ? 
63  OD1 ? A ASP 65  ? A ASP 69  ? 1_555 CA ? F CA . ? A CA 172 ? 1_555 O   ? M HOH .   ? A HOH 284 ? 1_555 165.2 ? 
64  OD1 ? A ASP 67  ? A ASP 71  ? 1_555 CA ? F CA . ? A CA 172 ? 1_555 O   ? M HOH .   ? A HOH 284 ? 1_555 86.5  ? 
65  OD1 ? A ASP 69  ? A ASP 73  ? 1_555 CA ? F CA . ? A CA 172 ? 1_555 O   ? M HOH .   ? A HOH 284 ? 1_555 81.8  ? 
66  O   ? A ARG 71  ? A ARG 75  ? 1_555 CA ? F CA . ? A CA 172 ? 1_555 O   ? M HOH .   ? A HOH 284 ? 1_555 100.3 ? 
67  OE1 ? A GLU 76  ? A GLU 80  ? 1_555 CA ? F CA . ? A CA 172 ? 1_555 O   ? M HOH .   ? A HOH 284 ? 1_555 84.7  ? 
68  OE2 ? A GLU 76  ? A GLU 80  ? 1_555 CA ? F CA . ? A CA 172 ? 1_555 O   ? M HOH .   ? A HOH 284 ? 1_555 96.0  ? 
69  OD2 ? A ASP 110 ? A ASP 114 ? 1_555 CA ? L CA . ? A CA 178 ? 1_555 OD1 ? A ASP 110 ? A ASP 114 ? 1_555 51.5  ? 
70  OD2 ? A ASP 110 ? A ASP 114 ? 1_555 CA ? L CA . ? A CA 178 ? 1_555 OD1 ? A ASP 112 ? A ASP 116 ? 1_555 109.2 ? 
71  OD1 ? A ASP 110 ? A ASP 114 ? 1_555 CA ? L CA . ? A CA 178 ? 1_555 OD1 ? A ASP 112 ? A ASP 116 ? 1_555 61.5  ? 
72  OD2 ? A ASP 110 ? A ASP 114 ? 1_555 CA ? L CA . ? A CA 178 ? 1_555 O   ? M HOH .   ? A HOH 217 ? 1_555 81.2  ? 
73  OD1 ? A ASP 110 ? A ASP 114 ? 1_555 CA ? L CA . ? A CA 178 ? 1_555 O   ? M HOH .   ? A HOH 217 ? 1_555 105.5 ? 
74  OD1 ? A ASP 112 ? A ASP 116 ? 1_555 CA ? L CA . ? A CA 178 ? 1_555 O   ? M HOH .   ? A HOH 217 ? 1_555 140.6 ? 
75  OD2 ? A ASP 110 ? A ASP 114 ? 1_555 CA ? L CA . ? A CA 178 ? 1_555 O   ? M HOH .   ? A HOH 288 ? 1_555 143.4 ? 
76  OD1 ? A ASP 110 ? A ASP 114 ? 1_555 CA ? L CA . ? A CA 178 ? 1_555 O   ? M HOH .   ? A HOH 288 ? 1_555 122.7 ? 
77  OD1 ? A ASP 112 ? A ASP 116 ? 1_555 CA ? L CA . ? A CA 178 ? 1_555 O   ? M HOH .   ? A HOH 288 ? 1_555 89.9  ? 
78  O   ? M HOH .   ? A HOH 217 ? 1_555 CA ? L CA . ? A CA 178 ? 1_555 O   ? M HOH .   ? A HOH 288 ? 1_555 65.2  ? 
79  OD2 ? A ASP 110 ? A ASP 114 ? 1_555 CA ? L CA . ? A CA 178 ? 1_555 O   ? M HOH .   ? A HOH 379 ? 1_555 111.6 ? 
80  OD1 ? A ASP 110 ? A ASP 114 ? 1_555 CA ? L CA . ? A CA 178 ? 1_555 O   ? M HOH .   ? A HOH 379 ? 1_555 79.0  ? 
81  OD1 ? A ASP 112 ? A ASP 116 ? 1_555 CA ? L CA . ? A CA 178 ? 1_555 O   ? M HOH .   ? A HOH 379 ? 1_555 71.9  ? 
82  O   ? M HOH .   ? A HOH 217 ? 1_555 CA ? L CA . ? A CA 178 ? 1_555 O   ? M HOH .   ? A HOH 379 ? 1_555 69.1  ? 
83  O   ? M HOH .   ? A HOH 288 ? 1_555 CA ? L CA . ? A CA 178 ? 1_555 O   ? M HOH .   ? A HOH 379 ? 1_555 44.0  ? 
84  OG1 ? A THR 125 ? A THR 129 ? 1_555 CA ? J CA . ? A CA 176 ? 1_555 O   ? M HOH .   ? A HOH 259 ? 1_555 101.9 ? 
85  OE1 ? A GLU 131 ? A GLU 135 ? 1_555 CA ? K CA . ? A CA 177 ? 1_555 OE2 ? A GLU 131 ? A GLU 135 ? 1_555 51.1  ? 
86  OD2 ? A ASP 132 ? A ASP 136 ? 1_555 CA ? G CA . ? A CA 173 ? 1_555 OD1 ? A ASP 132 ? A ASP 136 ? 1_555 54.6  ? 
87  OD2 ? A ASP 132 ? A ASP 136 ? 1_555 CA ? G CA . ? A CA 173 ? 1_555 O   ? M HOH .   ? A HOH 363 ? 1_555 102.9 ? 
88  OD1 ? A ASP 132 ? A ASP 136 ? 1_555 CA ? G CA . ? A CA 173 ? 1_555 O   ? M HOH .   ? A HOH 363 ? 1_555 76.6  ? 
89  OD1 ? A ASP 142 ? A ASP 146 ? 1_555 CA ? I CA . ? A CA 175 ? 1_555 OD1 ? A ASP 144 ? A ASP 148 ? 1_555 83.1  ? 
90  OD1 ? A ASP 142 ? A ASP 146 ? 1_555 CA ? I CA . ? A CA 175 ? 1_555 OD1 ? A ASP 146 ? A ASP 150 ? 1_555 80.9  ? 
91  OD1 ? A ASP 144 ? A ASP 148 ? 1_555 CA ? I CA . ? A CA 175 ? 1_555 OD1 ? A ASP 146 ? A ASP 150 ? 1_555 75.4  ? 
92  OD1 ? A ASP 142 ? A ASP 146 ? 1_555 CA ? I CA . ? A CA 175 ? 1_555 O   ? A LYS 148 ? A LYS 152 ? 1_555 84.8  ? 
93  OD1 ? A ASP 144 ? A ASP 148 ? 1_555 CA ? I CA . ? A CA 175 ? 1_555 O   ? A LYS 148 ? A LYS 152 ? 1_555 155.8 ? 
94  OD1 ? A ASP 146 ? A ASP 150 ? 1_555 CA ? I CA . ? A CA 175 ? 1_555 O   ? A LYS 148 ? A LYS 152 ? 1_555 82.1  ? 
95  OD1 ? A ASP 142 ? A ASP 146 ? 1_555 CA ? I CA . ? A CA 175 ? 1_555 OE2 ? A GLU 153 ? A GLU 157 ? 1_555 100.1 ? 
96  OD1 ? A ASP 144 ? A ASP 148 ? 1_555 CA ? I CA . ? A CA 175 ? 1_555 OE2 ? A GLU 153 ? A GLU 157 ? 1_555 76.8  ? 
97  OD1 ? A ASP 146 ? A ASP 150 ? 1_555 CA ? I CA . ? A CA 175 ? 1_555 OE2 ? A GLU 153 ? A GLU 157 ? 1_555 151.9 ? 
98  O   ? A LYS 148 ? A LYS 152 ? 1_555 CA ? I CA . ? A CA 175 ? 1_555 OE2 ? A GLU 153 ? A GLU 157 ? 1_555 126.0 ? 
99  OD1 ? A ASP 142 ? A ASP 146 ? 1_555 CA ? I CA . ? A CA 175 ? 1_555 OE1 ? A GLU 153 ? A GLU 157 ? 1_555 113.7 ? 
100 OD1 ? A ASP 144 ? A ASP 148 ? 1_555 CA ? I CA . ? A CA 175 ? 1_555 OE1 ? A GLU 153 ? A GLU 157 ? 1_555 125.4 ? 
101 OD1 ? A ASP 146 ? A ASP 150 ? 1_555 CA ? I CA . ? A CA 175 ? 1_555 OE1 ? A GLU 153 ? A GLU 157 ? 1_555 154.5 ? 
102 O   ? A LYS 148 ? A LYS 152 ? 1_555 CA ? I CA . ? A CA 175 ? 1_555 OE1 ? A GLU 153 ? A GLU 157 ? 1_555 78.7  ? 
103 OE2 ? A GLU 153 ? A GLU 157 ? 1_555 CA ? I CA . ? A CA 175 ? 1_555 OE1 ? A GLU 153 ? A GLU 157 ? 1_555 49.9  ? 
104 OD1 ? A ASP 142 ? A ASP 146 ? 1_555 CA ? I CA . ? A CA 175 ? 1_555 O   ? M HOH .   ? A HOH 180 ? 1_555 160.1 ? 
105 OD1 ? A ASP 144 ? A ASP 148 ? 1_555 CA ? I CA . ? A CA 175 ? 1_555 O   ? M HOH .   ? A HOH 180 ? 1_555 86.5  ? 
106 OD1 ? A ASP 146 ? A ASP 150 ? 1_555 CA ? I CA . ? A CA 175 ? 1_555 O   ? M HOH .   ? A HOH 180 ? 1_555 80.0  ? 
107 O   ? A LYS 148 ? A LYS 152 ? 1_555 CA ? I CA . ? A CA 175 ? 1_555 O   ? M HOH .   ? A HOH 180 ? 1_555 98.3  ? 
108 OE2 ? A GLU 153 ? A GLU 157 ? 1_555 CA ? I CA . ? A CA 175 ? 1_555 O   ? M HOH .   ? A HOH 180 ? 1_555 94.0  ? 
109 OE1 ? A GLU 153 ? A GLU 157 ? 1_555 CA ? I CA . ? A CA 175 ? 1_555 O   ? M HOH .   ? A HOH 180 ? 1_555 86.2  ? 
# 
_struct_sheet.id               A 
_struct_sheet.type             ? 
_struct_sheet.number_strands   2 
_struct_sheet.details          ? 
# 
_struct_sheet_order.sheet_id     A 
_struct_sheet_order.range_id_1   1 
_struct_sheet_order.range_id_2   2 
_struct_sheet_order.offset       ? 
_struct_sheet_order.sense        anti-parallel 
# 
loop_
_struct_sheet_range.sheet_id 
_struct_sheet_range.id 
_struct_sheet_range.beg_label_comp_id 
_struct_sheet_range.beg_label_asym_id 
_struct_sheet_range.beg_label_seq_id 
_struct_sheet_range.pdbx_beg_PDB_ins_code 
_struct_sheet_range.end_label_comp_id 
_struct_sheet_range.end_label_asym_id 
_struct_sheet_range.end_label_seq_id 
_struct_sheet_range.pdbx_end_PDB_ins_code 
_struct_sheet_range.beg_auth_comp_id 
_struct_sheet_range.beg_auth_asym_id 
_struct_sheet_range.beg_auth_seq_id 
_struct_sheet_range.end_auth_comp_id 
_struct_sheet_range.end_auth_asym_id 
_struct_sheet_range.end_auth_seq_id 
A 1 HIS A 20 ? ILE A 21 ? HIS A 24 ILE A 25 
A 2 ILE A 72 ? THR A 73 ? ILE A 76 THR A 77 
# 
_pdbx_struct_sheet_hbond.sheet_id                A 
_pdbx_struct_sheet_hbond.range_id_1              1 
_pdbx_struct_sheet_hbond.range_id_2              2 
_pdbx_struct_sheet_hbond.range_1_label_atom_id   N 
_pdbx_struct_sheet_hbond.range_1_label_comp_id   ILE 
_pdbx_struct_sheet_hbond.range_1_label_asym_id   A 
_pdbx_struct_sheet_hbond.range_1_label_seq_id    21 
_pdbx_struct_sheet_hbond.range_1_PDB_ins_code    ? 
_pdbx_struct_sheet_hbond.range_1_auth_atom_id    N 
_pdbx_struct_sheet_hbond.range_1_auth_comp_id    ILE 
_pdbx_struct_sheet_hbond.range_1_auth_asym_id    A 
_pdbx_struct_sheet_hbond.range_1_auth_seq_id     25 
_pdbx_struct_sheet_hbond.range_2_label_atom_id   O 
_pdbx_struct_sheet_hbond.range_2_label_comp_id   ILE 
_pdbx_struct_sheet_hbond.range_2_label_asym_id   A 
_pdbx_struct_sheet_hbond.range_2_label_seq_id    72 
_pdbx_struct_sheet_hbond.range_2_PDB_ins_code    ? 
_pdbx_struct_sheet_hbond.range_2_auth_atom_id    O 
_pdbx_struct_sheet_hbond.range_2_auth_comp_id    ILE 
_pdbx_struct_sheet_hbond.range_2_auth_asym_id    A 
_pdbx_struct_sheet_hbond.range_2_auth_seq_id     76 
# 
loop_
_struct_site.id 
_struct_site.pdbx_evidence_code 
_struct_site.pdbx_auth_asym_id 
_struct_site.pdbx_auth_comp_id 
_struct_site.pdbx_auth_seq_id 
_struct_site.pdbx_auth_ins_code 
_struct_site.pdbx_num_residues 
_struct_site.details 
AC1 Software A CA 1   ? 7 'BINDING SITE FOR RESIDUE CA A 1'   
AC2 Software A CA 2   ? 8 'BINDING SITE FOR RESIDUE CA A 2'   
AC3 Software A CA 3   ? 7 'BINDING SITE FOR RESIDUE CA A 3'   
AC4 Software A CA 171 ? 6 'BINDING SITE FOR RESIDUE CA A 171' 
AC5 Software A CA 172 ? 6 'BINDING SITE FOR RESIDUE CA A 172' 
AC6 Software A CA 173 ? 5 'BINDING SITE FOR RESIDUE CA A 173' 
AC7 Software A CA 174 ? 4 'BINDING SITE FOR RESIDUE CA A 174' 
AC8 Software A CA 175 ? 7 'BINDING SITE FOR RESIDUE CA A 175' 
AC9 Software A CA 176 ? 3 'BINDING SITE FOR RESIDUE CA A 176' 
BC1 Software A CA 177 ? 4 'BINDING SITE FOR RESIDUE CA A 177' 
BC2 Software A CA 178 ? 7 'BINDING SITE FOR RESIDUE CA A 178' 
# 
loop_
_struct_site_gen.id 
_struct_site_gen.site_id 
_struct_site_gen.pdbx_num_res 
_struct_site_gen.label_comp_id 
_struct_site_gen.label_asym_id 
_struct_site_gen.label_seq_id 
_struct_site_gen.pdbx_auth_ins_code 
_struct_site_gen.auth_comp_id 
_struct_site_gen.auth_asym_id 
_struct_site_gen.auth_seq_id 
_struct_site_gen.label_atom_id 
_struct_site_gen.label_alt_id 
_struct_site_gen.symmetry 
_struct_site_gen.details 
1  AC1 7 ASP A 144 ? ASP A 148 . ? 1_555 ? 
2  AC1 7 ASP A 146 ? ASP A 150 . ? 1_555 ? 
3  AC1 7 ALA A 166 ? ALA A 170 . ? 4_455 ? 
4  AC1 7 CA  I .   ? CA  A 175 . ? 1_555 ? 
5  AC1 7 HOH M .   ? HOH A 180 . ? 1_555 ? 
6  AC1 7 HOH M .   ? HOH A 308 . ? 1_555 ? 
7  AC1 7 HOH M .   ? HOH A 345 . ? 4_455 ? 
8  AC2 8 CA  D .   ? CA  A 3   . ? 3_555 ? 
9  AC2 8 ASP A 108 ? ASP A 112 . ? 1_555 ? 
10 AC2 8 ASP A 110 ? ASP A 114 . ? 1_555 ? 
11 AC2 8 ASP A 112 ? ASP A 116 . ? 1_555 ? 
12 AC2 8 ALA A 114 ? ALA A 118 . ? 1_555 ? 
13 AC2 8 CA  L .   ? CA  A 178 . ? 1_555 ? 
14 AC2 8 HOH M .   ? HOH A 203 . ? 1_555 ? 
15 AC2 8 HOH M .   ? HOH A 379 . ? 1_555 ? 
16 AC3 7 CA  C .   ? CA  A 2   . ? 3_545 ? 
17 AC3 7 GLN A 47  ? GLN A 51  . ? 1_555 ? 
18 AC3 7 ASP A 110 ? ASP A 114 . ? 3_545 ? 
19 AC3 7 ASP A 112 ? ASP A 116 . ? 3_545 ? 
20 AC3 7 HOH M .   ? HOH A 217 . ? 3_545 ? 
21 AC3 7 HOH M .   ? HOH A 288 . ? 3_545 ? 
22 AC3 7 HOH M .   ? HOH A 379 . ? 3_545 ? 
23 AC4 6 ASP A 14  ? ASP A 18  . ? 1_555 ? 
24 AC4 6 ASP A 16  ? ASP A 20  . ? 1_555 ? 
25 AC4 6 ASN A 18  ? ASN A 22  . ? 1_555 ? 
26 AC4 6 HIS A 20  ? HIS A 24  . ? 1_555 ? 
27 AC4 6 ASP A 25  ? ASP A 29  . ? 1_555 ? 
28 AC4 6 HOH M .   ? HOH A 224 . ? 1_555 ? 
29 AC5 6 ASP A 65  ? ASP A 69  . ? 1_555 ? 
30 AC5 6 ASP A 67  ? ASP A 71  . ? 1_555 ? 
31 AC5 6 ASP A 69  ? ASP A 73  . ? 1_555 ? 
32 AC5 6 ARG A 71  ? ARG A 75  . ? 1_555 ? 
33 AC5 6 GLU A 76  ? GLU A 80  . ? 1_555 ? 
34 AC5 6 HOH M .   ? HOH A 284 . ? 1_555 ? 
35 AC6 5 HIS A 101 ? HIS A 105 . ? 1_655 ? 
36 AC6 5 ASP A 132 ? ASP A 136 . ? 1_555 ? 
37 AC6 5 GLN A 136 ? GLN A 140 . ? 1_555 ? 
38 AC6 5 HOH M .   ? HOH A 300 . ? 1_655 ? 
39 AC6 5 HOH M .   ? HOH A 363 . ? 1_555 ? 
40 AC7 4 HIS A 20  ? HIS A 24  . ? 1_555 ? 
41 AC7 4 ASP A 22  ? ASP A 26  . ? 1_555 ? 
42 AC7 4 ASP A 44  ? ASP A 48  . ? 3_545 ? 
43 AC7 4 GLU A 131 ? GLU A 135 . ? 3_645 ? 
44 AC8 7 CA  B .   ? CA  A 1   . ? 1_555 ? 
45 AC8 7 ASP A 142 ? ASP A 146 . ? 1_555 ? 
46 AC8 7 ASP A 144 ? ASP A 148 . ? 1_555 ? 
47 AC8 7 ASP A 146 ? ASP A 150 . ? 1_555 ? 
48 AC8 7 LYS A 148 ? LYS A 152 . ? 1_555 ? 
49 AC8 7 GLU A 153 ? GLU A 157 . ? 1_555 ? 
50 AC8 7 HOH M .   ? HOH A 180 . ? 1_555 ? 
51 AC9 3 ASN A 18  ? ASN A 22  . ? 3_655 ? 
52 AC9 3 THR A 125 ? THR A 129 . ? 1_555 ? 
53 AC9 3 HOH M .   ? HOH A 259 . ? 1_555 ? 
54 BC1 4 HIS A 20  ? HIS A 24  . ? 3_655 ? 
55 BC1 4 ASP A 22  ? ASP A 26  . ? 3_655 ? 
56 BC1 4 ASP A 44  ? ASP A 48  . ? 1_655 ? 
57 BC1 4 GLU A 131 ? GLU A 135 . ? 1_555 ? 
58 BC2 7 CA  C .   ? CA  A 2   . ? 1_555 ? 
59 BC2 7 GLN A 47  ? GLN A 51  . ? 3_555 ? 
60 BC2 7 ASP A 110 ? ASP A 114 . ? 1_555 ? 
61 BC2 7 ASP A 112 ? ASP A 116 . ? 1_555 ? 
62 BC2 7 HOH M .   ? HOH A 217 . ? 1_555 ? 
63 BC2 7 HOH M .   ? HOH A 288 . ? 1_555 ? 
64 BC2 7 HOH M .   ? HOH A 379 . ? 1_555 ? 
# 
loop_
_pdbx_validate_close_contact.id 
_pdbx_validate_close_contact.PDB_model_num 
_pdbx_validate_close_contact.auth_atom_id_1 
_pdbx_validate_close_contact.auth_asym_id_1 
_pdbx_validate_close_contact.auth_comp_id_1 
_pdbx_validate_close_contact.auth_seq_id_1 
_pdbx_validate_close_contact.PDB_ins_code_1 
_pdbx_validate_close_contact.label_alt_id_1 
_pdbx_validate_close_contact.auth_atom_id_2 
_pdbx_validate_close_contact.auth_asym_id_2 
_pdbx_validate_close_contact.auth_comp_id_2 
_pdbx_validate_close_contact.auth_seq_id_2 
_pdbx_validate_close_contact.PDB_ins_code_2 
_pdbx_validate_close_contact.label_alt_id_2 
_pdbx_validate_close_contact.dist 
1 1 OD2 A ASP 116 ? ? CA A CA  178 ? ? 1.63 
2 1 C   A ALA 170 ? ? O  A HOH 345 ? ? 1.78 
3 1 O   A HOH 288 ? ? O  A HOH 379 ? ? 2.02 
4 1 O   A HOH 180 ? ? O  A HOH 308 ? ? 2.10 
# 
loop_
_pdbx_validate_symm_contact.id 
_pdbx_validate_symm_contact.PDB_model_num 
_pdbx_validate_symm_contact.auth_atom_id_1 
_pdbx_validate_symm_contact.auth_asym_id_1 
_pdbx_validate_symm_contact.auth_comp_id_1 
_pdbx_validate_symm_contact.auth_seq_id_1 
_pdbx_validate_symm_contact.PDB_ins_code_1 
_pdbx_validate_symm_contact.label_alt_id_1 
_pdbx_validate_symm_contact.site_symmetry_1 
_pdbx_validate_symm_contact.auth_atom_id_2 
_pdbx_validate_symm_contact.auth_asym_id_2 
_pdbx_validate_symm_contact.auth_comp_id_2 
_pdbx_validate_symm_contact.auth_seq_id_2 
_pdbx_validate_symm_contact.PDB_ins_code_2 
_pdbx_validate_symm_contact.label_alt_id_2 
_pdbx_validate_symm_contact.site_symmetry_2 
_pdbx_validate_symm_contact.dist 
1 1 CA  A CA  174 ? ? 1_555 CA A CA 177 ? ? 3_645 0.56 
2 1 CA  A CA  3   ? ? 1_555 CA A CA 178 ? ? 3_545 0.78 
3 1 OD2 A ASP 26  ? ? 1_555 CA A CA 177 ? ? 3_645 1.64 
# 
loop_
_chem_comp_atom.comp_id 
_chem_comp_atom.atom_id 
_chem_comp_atom.type_symbol 
_chem_comp_atom.pdbx_aromatic_flag 
_chem_comp_atom.pdbx_stereo_config 
_chem_comp_atom.pdbx_ordinal 
ALA N    N  N N 1   
ALA CA   C  N S 2   
ALA C    C  N N 3   
ALA O    O  N N 4   
ALA CB   C  N N 5   
ALA OXT  O  N N 6   
ALA H    H  N N 7   
ALA H2   H  N N 8   
ALA HA   H  N N 9   
ALA HB1  H  N N 10  
ALA HB2  H  N N 11  
ALA HB3  H  N N 12  
ALA HXT  H  N N 13  
ARG N    N  N N 14  
ARG CA   C  N S 15  
ARG C    C  N N 16  
ARG O    O  N N 17  
ARG CB   C  N N 18  
ARG CG   C  N N 19  
ARG CD   C  N N 20  
ARG NE   N  N N 21  
ARG CZ   C  N N 22  
ARG NH1  N  N N 23  
ARG NH2  N  N N 24  
ARG OXT  O  N N 25  
ARG H    H  N N 26  
ARG H2   H  N N 27  
ARG HA   H  N N 28  
ARG HB2  H  N N 29  
ARG HB3  H  N N 30  
ARG HG2  H  N N 31  
ARG HG3  H  N N 32  
ARG HD2  H  N N 33  
ARG HD3  H  N N 34  
ARG HE   H  N N 35  
ARG HH11 H  N N 36  
ARG HH12 H  N N 37  
ARG HH21 H  N N 38  
ARG HH22 H  N N 39  
ARG HXT  H  N N 40  
ASN N    N  N N 41  
ASN CA   C  N S 42  
ASN C    C  N N 43  
ASN O    O  N N 44  
ASN CB   C  N N 45  
ASN CG   C  N N 46  
ASN OD1  O  N N 47  
ASN ND2  N  N N 48  
ASN OXT  O  N N 49  
ASN H    H  N N 50  
ASN H2   H  N N 51  
ASN HA   H  N N 52  
ASN HB2  H  N N 53  
ASN HB3  H  N N 54  
ASN HD21 H  N N 55  
ASN HD22 H  N N 56  
ASN HXT  H  N N 57  
ASP N    N  N N 58  
ASP CA   C  N S 59  
ASP C    C  N N 60  
ASP O    O  N N 61  
ASP CB   C  N N 62  
ASP CG   C  N N 63  
ASP OD1  O  N N 64  
ASP OD2  O  N N 65  
ASP OXT  O  N N 66  
ASP H    H  N N 67  
ASP H2   H  N N 68  
ASP HA   H  N N 69  
ASP HB2  H  N N 70  
ASP HB3  H  N N 71  
ASP HD2  H  N N 72  
ASP HXT  H  N N 73  
CA  CA   CA N N 74  
GLN N    N  N N 75  
GLN CA   C  N S 76  
GLN C    C  N N 77  
GLN O    O  N N 78  
GLN CB   C  N N 79  
GLN CG   C  N N 80  
GLN CD   C  N N 81  
GLN OE1  O  N N 82  
GLN NE2  N  N N 83  
GLN OXT  O  N N 84  
GLN H    H  N N 85  
GLN H2   H  N N 86  
GLN HA   H  N N 87  
GLN HB2  H  N N 88  
GLN HB3  H  N N 89  
GLN HG2  H  N N 90  
GLN HG3  H  N N 91  
GLN HE21 H  N N 92  
GLN HE22 H  N N 93  
GLN HXT  H  N N 94  
GLU N    N  N N 95  
GLU CA   C  N S 96  
GLU C    C  N N 97  
GLU O    O  N N 98  
GLU CB   C  N N 99  
GLU CG   C  N N 100 
GLU CD   C  N N 101 
GLU OE1  O  N N 102 
GLU OE2  O  N N 103 
GLU OXT  O  N N 104 
GLU H    H  N N 105 
GLU H2   H  N N 106 
GLU HA   H  N N 107 
GLU HB2  H  N N 108 
GLU HB3  H  N N 109 
GLU HG2  H  N N 110 
GLU HG3  H  N N 111 
GLU HE2  H  N N 112 
GLU HXT  H  N N 113 
GLY N    N  N N 114 
GLY CA   C  N N 115 
GLY C    C  N N 116 
GLY O    O  N N 117 
GLY OXT  O  N N 118 
GLY H    H  N N 119 
GLY H2   H  N N 120 
GLY HA2  H  N N 121 
GLY HA3  H  N N 122 
GLY HXT  H  N N 123 
HIS N    N  N N 124 
HIS CA   C  N S 125 
HIS C    C  N N 126 
HIS O    O  N N 127 
HIS CB   C  N N 128 
HIS CG   C  Y N 129 
HIS ND1  N  Y N 130 
HIS CD2  C  Y N 131 
HIS CE1  C  Y N 132 
HIS NE2  N  Y N 133 
HIS OXT  O  N N 134 
HIS H    H  N N 135 
HIS H2   H  N N 136 
HIS HA   H  N N 137 
HIS HB2  H  N N 138 
HIS HB3  H  N N 139 
HIS HD1  H  N N 140 
HIS HD2  H  N N 141 
HIS HE1  H  N N 142 
HIS HE2  H  N N 143 
HIS HXT  H  N N 144 
HOH O    O  N N 145 
HOH H1   H  N N 146 
HOH H2   H  N N 147 
ILE N    N  N N 148 
ILE CA   C  N S 149 
ILE C    C  N N 150 
ILE O    O  N N 151 
ILE CB   C  N S 152 
ILE CG1  C  N N 153 
ILE CG2  C  N N 154 
ILE CD1  C  N N 155 
ILE OXT  O  N N 156 
ILE H    H  N N 157 
ILE H2   H  N N 158 
ILE HA   H  N N 159 
ILE HB   H  N N 160 
ILE HG12 H  N N 161 
ILE HG13 H  N N 162 
ILE HG21 H  N N 163 
ILE HG22 H  N N 164 
ILE HG23 H  N N 165 
ILE HD11 H  N N 166 
ILE HD12 H  N N 167 
ILE HD13 H  N N 168 
ILE HXT  H  N N 169 
LEU N    N  N N 170 
LEU CA   C  N S 171 
LEU C    C  N N 172 
LEU O    O  N N 173 
LEU CB   C  N N 174 
LEU CG   C  N N 175 
LEU CD1  C  N N 176 
LEU CD2  C  N N 177 
LEU OXT  O  N N 178 
LEU H    H  N N 179 
LEU H2   H  N N 180 
LEU HA   H  N N 181 
LEU HB2  H  N N 182 
LEU HB3  H  N N 183 
LEU HG   H  N N 184 
LEU HD11 H  N N 185 
LEU HD12 H  N N 186 
LEU HD13 H  N N 187 
LEU HD21 H  N N 188 
LEU HD22 H  N N 189 
LEU HD23 H  N N 190 
LEU HXT  H  N N 191 
LYS N    N  N N 192 
LYS CA   C  N S 193 
LYS C    C  N N 194 
LYS O    O  N N 195 
LYS CB   C  N N 196 
LYS CG   C  N N 197 
LYS CD   C  N N 198 
LYS CE   C  N N 199 
LYS NZ   N  N N 200 
LYS OXT  O  N N 201 
LYS H    H  N N 202 
LYS H2   H  N N 203 
LYS HA   H  N N 204 
LYS HB2  H  N N 205 
LYS HB3  H  N N 206 
LYS HG2  H  N N 207 
LYS HG3  H  N N 208 
LYS HD2  H  N N 209 
LYS HD3  H  N N 210 
LYS HE2  H  N N 211 
LYS HE3  H  N N 212 
LYS HZ1  H  N N 213 
LYS HZ2  H  N N 214 
LYS HZ3  H  N N 215 
LYS HXT  H  N N 216 
MET N    N  N N 217 
MET CA   C  N S 218 
MET C    C  N N 219 
MET O    O  N N 220 
MET CB   C  N N 221 
MET CG   C  N N 222 
MET SD   S  N N 223 
MET CE   C  N N 224 
MET OXT  O  N N 225 
MET H    H  N N 226 
MET H2   H  N N 227 
MET HA   H  N N 228 
MET HB2  H  N N 229 
MET HB3  H  N N 230 
MET HG2  H  N N 231 
MET HG3  H  N N 232 
MET HE1  H  N N 233 
MET HE2  H  N N 234 
MET HE3  H  N N 235 
MET HXT  H  N N 236 
PHE N    N  N N 237 
PHE CA   C  N S 238 
PHE C    C  N N 239 
PHE O    O  N N 240 
PHE CB   C  N N 241 
PHE CG   C  Y N 242 
PHE CD1  C  Y N 243 
PHE CD2  C  Y N 244 
PHE CE1  C  Y N 245 
PHE CE2  C  Y N 246 
PHE CZ   C  Y N 247 
PHE OXT  O  N N 248 
PHE H    H  N N 249 
PHE H2   H  N N 250 
PHE HA   H  N N 251 
PHE HB2  H  N N 252 
PHE HB3  H  N N 253 
PHE HD1  H  N N 254 
PHE HD2  H  N N 255 
PHE HE1  H  N N 256 
PHE HE2  H  N N 257 
PHE HZ   H  N N 258 
PHE HXT  H  N N 259 
PRO N    N  N N 260 
PRO CA   C  N S 261 
PRO C    C  N N 262 
PRO O    O  N N 263 
PRO CB   C  N N 264 
PRO CG   C  N N 265 
PRO CD   C  N N 266 
PRO OXT  O  N N 267 
PRO H    H  N N 268 
PRO HA   H  N N 269 
PRO HB2  H  N N 270 
PRO HB3  H  N N 271 
PRO HG2  H  N N 272 
PRO HG3  H  N N 273 
PRO HD2  H  N N 274 
PRO HD3  H  N N 275 
PRO HXT  H  N N 276 
SER N    N  N N 277 
SER CA   C  N S 278 
SER C    C  N N 279 
SER O    O  N N 280 
SER CB   C  N N 281 
SER OG   O  N N 282 
SER OXT  O  N N 283 
SER H    H  N N 284 
SER H2   H  N N 285 
SER HA   H  N N 286 
SER HB2  H  N N 287 
SER HB3  H  N N 288 
SER HG   H  N N 289 
SER HXT  H  N N 290 
THR N    N  N N 291 
THR CA   C  N S 292 
THR C    C  N N 293 
THR O    O  N N 294 
THR CB   C  N R 295 
THR OG1  O  N N 296 
THR CG2  C  N N 297 
THR OXT  O  N N 298 
THR H    H  N N 299 
THR H2   H  N N 300 
THR HA   H  N N 301 
THR HB   H  N N 302 
THR HG1  H  N N 303 
THR HG21 H  N N 304 
THR HG22 H  N N 305 
THR HG23 H  N N 306 
THR HXT  H  N N 307 
TRP N    N  N N 308 
TRP CA   C  N S 309 
TRP C    C  N N 310 
TRP O    O  N N 311 
TRP CB   C  N N 312 
TRP CG   C  Y N 313 
TRP CD1  C  Y N 314 
TRP CD2  C  Y N 315 
TRP NE1  N  Y N 316 
TRP CE2  C  Y N 317 
TRP CE3  C  Y N 318 
TRP CZ2  C  Y N 319 
TRP CZ3  C  Y N 320 
TRP CH2  C  Y N 321 
TRP OXT  O  N N 322 
TRP H    H  N N 323 
TRP H2   H  N N 324 
TRP HA   H  N N 325 
TRP HB2  H  N N 326 
TRP HB3  H  N N 327 
TRP HD1  H  N N 328 
TRP HE1  H  N N 329 
TRP HE3  H  N N 330 
TRP HZ2  H  N N 331 
TRP HZ3  H  N N 332 
TRP HH2  H  N N 333 
TRP HXT  H  N N 334 
TYR N    N  N N 335 
TYR CA   C  N S 336 
TYR C    C  N N 337 
TYR O    O  N N 338 
TYR CB   C  N N 339 
TYR CG   C  Y N 340 
TYR CD1  C  Y N 341 
TYR CD2  C  Y N 342 
TYR CE1  C  Y N 343 
TYR CE2  C  Y N 344 
TYR CZ   C  Y N 345 
TYR OH   O  N N 346 
TYR OXT  O  N N 347 
TYR H    H  N N 348 
TYR H2   H  N N 349 
TYR HA   H  N N 350 
TYR HB2  H  N N 351 
TYR HB3  H  N N 352 
TYR HD1  H  N N 353 
TYR HD2  H  N N 354 
TYR HE1  H  N N 355 
TYR HE2  H  N N 356 
TYR HH   H  N N 357 
TYR HXT  H  N N 358 
VAL N    N  N N 359 
VAL CA   C  N S 360 
VAL C    C  N N 361 
VAL O    O  N N 362 
VAL CB   C  N N 363 
VAL CG1  C  N N 364 
VAL CG2  C  N N 365 
VAL OXT  O  N N 366 
VAL H    H  N N 367 
VAL H2   H  N N 368 
VAL HA   H  N N 369 
VAL HB   H  N N 370 
VAL HG11 H  N N 371 
VAL HG12 H  N N 372 
VAL HG13 H  N N 373 
VAL HG21 H  N N 374 
VAL HG22 H  N N 375 
VAL HG23 H  N N 376 
VAL HXT  H  N N 377 
# 
loop_
_chem_comp_bond.comp_id 
_chem_comp_bond.atom_id_1 
_chem_comp_bond.atom_id_2 
_chem_comp_bond.value_order 
_chem_comp_bond.pdbx_aromatic_flag 
_chem_comp_bond.pdbx_stereo_config 
_chem_comp_bond.pdbx_ordinal 
ALA N   CA   sing N N 1   
ALA N   H    sing N N 2   
ALA N   H2   sing N N 3   
ALA CA  C    sing N N 4   
ALA CA  CB   sing N N 5   
ALA CA  HA   sing N N 6   
ALA C   O    doub N N 7   
ALA C   OXT  sing N N 8   
ALA CB  HB1  sing N N 9   
ALA CB  HB2  sing N N 10  
ALA CB  HB3  sing N N 11  
ALA OXT HXT  sing N N 12  
ARG N   CA   sing N N 13  
ARG N   H    sing N N 14  
ARG N   H2   sing N N 15  
ARG CA  C    sing N N 16  
ARG CA  CB   sing N N 17  
ARG CA  HA   sing N N 18  
ARG C   O    doub N N 19  
ARG C   OXT  sing N N 20  
ARG CB  CG   sing N N 21  
ARG CB  HB2  sing N N 22  
ARG CB  HB3  sing N N 23  
ARG CG  CD   sing N N 24  
ARG CG  HG2  sing N N 25  
ARG CG  HG3  sing N N 26  
ARG CD  NE   sing N N 27  
ARG CD  HD2  sing N N 28  
ARG CD  HD3  sing N N 29  
ARG NE  CZ   sing N N 30  
ARG NE  HE   sing N N 31  
ARG CZ  NH1  sing N N 32  
ARG CZ  NH2  doub N N 33  
ARG NH1 HH11 sing N N 34  
ARG NH1 HH12 sing N N 35  
ARG NH2 HH21 sing N N 36  
ARG NH2 HH22 sing N N 37  
ARG OXT HXT  sing N N 38  
ASN N   CA   sing N N 39  
ASN N   H    sing N N 40  
ASN N   H2   sing N N 41  
ASN CA  C    sing N N 42  
ASN CA  CB   sing N N 43  
ASN CA  HA   sing N N 44  
ASN C   O    doub N N 45  
ASN C   OXT  sing N N 46  
ASN CB  CG   sing N N 47  
ASN CB  HB2  sing N N 48  
ASN CB  HB3  sing N N 49  
ASN CG  OD1  doub N N 50  
ASN CG  ND2  sing N N 51  
ASN ND2 HD21 sing N N 52  
ASN ND2 HD22 sing N N 53  
ASN OXT HXT  sing N N 54  
ASP N   CA   sing N N 55  
ASP N   H    sing N N 56  
ASP N   H2   sing N N 57  
ASP CA  C    sing N N 58  
ASP CA  CB   sing N N 59  
ASP CA  HA   sing N N 60  
ASP C   O    doub N N 61  
ASP C   OXT  sing N N 62  
ASP CB  CG   sing N N 63  
ASP CB  HB2  sing N N 64  
ASP CB  HB3  sing N N 65  
ASP CG  OD1  doub N N 66  
ASP CG  OD2  sing N N 67  
ASP OD2 HD2  sing N N 68  
ASP OXT HXT  sing N N 69  
GLN N   CA   sing N N 70  
GLN N   H    sing N N 71  
GLN N   H2   sing N N 72  
GLN CA  C    sing N N 73  
GLN CA  CB   sing N N 74  
GLN CA  HA   sing N N 75  
GLN C   O    doub N N 76  
GLN C   OXT  sing N N 77  
GLN CB  CG   sing N N 78  
GLN CB  HB2  sing N N 79  
GLN CB  HB3  sing N N 80  
GLN CG  CD   sing N N 81  
GLN CG  HG2  sing N N 82  
GLN CG  HG3  sing N N 83  
GLN CD  OE1  doub N N 84  
GLN CD  NE2  sing N N 85  
GLN NE2 HE21 sing N N 86  
GLN NE2 HE22 sing N N 87  
GLN OXT HXT  sing N N 88  
GLU N   CA   sing N N 89  
GLU N   H    sing N N 90  
GLU N   H2   sing N N 91  
GLU CA  C    sing N N 92  
GLU CA  CB   sing N N 93  
GLU CA  HA   sing N N 94  
GLU C   O    doub N N 95  
GLU C   OXT  sing N N 96  
GLU CB  CG   sing N N 97  
GLU CB  HB2  sing N N 98  
GLU CB  HB3  sing N N 99  
GLU CG  CD   sing N N 100 
GLU CG  HG2  sing N N 101 
GLU CG  HG3  sing N N 102 
GLU CD  OE1  doub N N 103 
GLU CD  OE2  sing N N 104 
GLU OE2 HE2  sing N N 105 
GLU OXT HXT  sing N N 106 
GLY N   CA   sing N N 107 
GLY N   H    sing N N 108 
GLY N   H2   sing N N 109 
GLY CA  C    sing N N 110 
GLY CA  HA2  sing N N 111 
GLY CA  HA3  sing N N 112 
GLY C   O    doub N N 113 
GLY C   OXT  sing N N 114 
GLY OXT HXT  sing N N 115 
HIS N   CA   sing N N 116 
HIS N   H    sing N N 117 
HIS N   H2   sing N N 118 
HIS CA  C    sing N N 119 
HIS CA  CB   sing N N 120 
HIS CA  HA   sing N N 121 
HIS C   O    doub N N 122 
HIS C   OXT  sing N N 123 
HIS CB  CG   sing N N 124 
HIS CB  HB2  sing N N 125 
HIS CB  HB3  sing N N 126 
HIS CG  ND1  sing Y N 127 
HIS CG  CD2  doub Y N 128 
HIS ND1 CE1  doub Y N 129 
HIS ND1 HD1  sing N N 130 
HIS CD2 NE2  sing Y N 131 
HIS CD2 HD2  sing N N 132 
HIS CE1 NE2  sing Y N 133 
HIS CE1 HE1  sing N N 134 
HIS NE2 HE2  sing N N 135 
HIS OXT HXT  sing N N 136 
HOH O   H1   sing N N 137 
HOH O   H2   sing N N 138 
ILE N   CA   sing N N 139 
ILE N   H    sing N N 140 
ILE N   H2   sing N N 141 
ILE CA  C    sing N N 142 
ILE CA  CB   sing N N 143 
ILE CA  HA   sing N N 144 
ILE C   O    doub N N 145 
ILE C   OXT  sing N N 146 
ILE CB  CG1  sing N N 147 
ILE CB  CG2  sing N N 148 
ILE CB  HB   sing N N 149 
ILE CG1 CD1  sing N N 150 
ILE CG1 HG12 sing N N 151 
ILE CG1 HG13 sing N N 152 
ILE CG2 HG21 sing N N 153 
ILE CG2 HG22 sing N N 154 
ILE CG2 HG23 sing N N 155 
ILE CD1 HD11 sing N N 156 
ILE CD1 HD12 sing N N 157 
ILE CD1 HD13 sing N N 158 
ILE OXT HXT  sing N N 159 
LEU N   CA   sing N N 160 
LEU N   H    sing N N 161 
LEU N   H2   sing N N 162 
LEU CA  C    sing N N 163 
LEU CA  CB   sing N N 164 
LEU CA  HA   sing N N 165 
LEU C   O    doub N N 166 
LEU C   OXT  sing N N 167 
LEU CB  CG   sing N N 168 
LEU CB  HB2  sing N N 169 
LEU CB  HB3  sing N N 170 
LEU CG  CD1  sing N N 171 
LEU CG  CD2  sing N N 172 
LEU CG  HG   sing N N 173 
LEU CD1 HD11 sing N N 174 
LEU CD1 HD12 sing N N 175 
LEU CD1 HD13 sing N N 176 
LEU CD2 HD21 sing N N 177 
LEU CD2 HD22 sing N N 178 
LEU CD2 HD23 sing N N 179 
LEU OXT HXT  sing N N 180 
LYS N   CA   sing N N 181 
LYS N   H    sing N N 182 
LYS N   H2   sing N N 183 
LYS CA  C    sing N N 184 
LYS CA  CB   sing N N 185 
LYS CA  HA   sing N N 186 
LYS C   O    doub N N 187 
LYS C   OXT  sing N N 188 
LYS CB  CG   sing N N 189 
LYS CB  HB2  sing N N 190 
LYS CB  HB3  sing N N 191 
LYS CG  CD   sing N N 192 
LYS CG  HG2  sing N N 193 
LYS CG  HG3  sing N N 194 
LYS CD  CE   sing N N 195 
LYS CD  HD2  sing N N 196 
LYS CD  HD3  sing N N 197 
LYS CE  NZ   sing N N 198 
LYS CE  HE2  sing N N 199 
LYS CE  HE3  sing N N 200 
LYS NZ  HZ1  sing N N 201 
LYS NZ  HZ2  sing N N 202 
LYS NZ  HZ3  sing N N 203 
LYS OXT HXT  sing N N 204 
MET N   CA   sing N N 205 
MET N   H    sing N N 206 
MET N   H2   sing N N 207 
MET CA  C    sing N N 208 
MET CA  CB   sing N N 209 
MET CA  HA   sing N N 210 
MET C   O    doub N N 211 
MET C   OXT  sing N N 212 
MET CB  CG   sing N N 213 
MET CB  HB2  sing N N 214 
MET CB  HB3  sing N N 215 
MET CG  SD   sing N N 216 
MET CG  HG2  sing N N 217 
MET CG  HG3  sing N N 218 
MET SD  CE   sing N N 219 
MET CE  HE1  sing N N 220 
MET CE  HE2  sing N N 221 
MET CE  HE3  sing N N 222 
MET OXT HXT  sing N N 223 
PHE N   CA   sing N N 224 
PHE N   H    sing N N 225 
PHE N   H2   sing N N 226 
PHE CA  C    sing N N 227 
PHE CA  CB   sing N N 228 
PHE CA  HA   sing N N 229 
PHE C   O    doub N N 230 
PHE C   OXT  sing N N 231 
PHE CB  CG   sing N N 232 
PHE CB  HB2  sing N N 233 
PHE CB  HB3  sing N N 234 
PHE CG  CD1  doub Y N 235 
PHE CG  CD2  sing Y N 236 
PHE CD1 CE1  sing Y N 237 
PHE CD1 HD1  sing N N 238 
PHE CD2 CE2  doub Y N 239 
PHE CD2 HD2  sing N N 240 
PHE CE1 CZ   doub Y N 241 
PHE CE1 HE1  sing N N 242 
PHE CE2 CZ   sing Y N 243 
PHE CE2 HE2  sing N N 244 
PHE CZ  HZ   sing N N 245 
PHE OXT HXT  sing N N 246 
PRO N   CA   sing N N 247 
PRO N   CD   sing N N 248 
PRO N   H    sing N N 249 
PRO CA  C    sing N N 250 
PRO CA  CB   sing N N 251 
PRO CA  HA   sing N N 252 
PRO C   O    doub N N 253 
PRO C   OXT  sing N N 254 
PRO CB  CG   sing N N 255 
PRO CB  HB2  sing N N 256 
PRO CB  HB3  sing N N 257 
PRO CG  CD   sing N N 258 
PRO CG  HG2  sing N N 259 
PRO CG  HG3  sing N N 260 
PRO CD  HD2  sing N N 261 
PRO CD  HD3  sing N N 262 
PRO OXT HXT  sing N N 263 
SER N   CA   sing N N 264 
SER N   H    sing N N 265 
SER N   H2   sing N N 266 
SER CA  C    sing N N 267 
SER CA  CB   sing N N 268 
SER CA  HA   sing N N 269 
SER C   O    doub N N 270 
SER C   OXT  sing N N 271 
SER CB  OG   sing N N 272 
SER CB  HB2  sing N N 273 
SER CB  HB3  sing N N 274 
SER OG  HG   sing N N 275 
SER OXT HXT  sing N N 276 
THR N   CA   sing N N 277 
THR N   H    sing N N 278 
THR N   H2   sing N N 279 
THR CA  C    sing N N 280 
THR CA  CB   sing N N 281 
THR CA  HA   sing N N 282 
THR C   O    doub N N 283 
THR C   OXT  sing N N 284 
THR CB  OG1  sing N N 285 
THR CB  CG2  sing N N 286 
THR CB  HB   sing N N 287 
THR OG1 HG1  sing N N 288 
THR CG2 HG21 sing N N 289 
THR CG2 HG22 sing N N 290 
THR CG2 HG23 sing N N 291 
THR OXT HXT  sing N N 292 
TRP N   CA   sing N N 293 
TRP N   H    sing N N 294 
TRP N   H2   sing N N 295 
TRP CA  C    sing N N 296 
TRP CA  CB   sing N N 297 
TRP CA  HA   sing N N 298 
TRP C   O    doub N N 299 
TRP C   OXT  sing N N 300 
TRP CB  CG   sing N N 301 
TRP CB  HB2  sing N N 302 
TRP CB  HB3  sing N N 303 
TRP CG  CD1  doub Y N 304 
TRP CG  CD2  sing Y N 305 
TRP CD1 NE1  sing Y N 306 
TRP CD1 HD1  sing N N 307 
TRP CD2 CE2  doub Y N 308 
TRP CD2 CE3  sing Y N 309 
TRP NE1 CE2  sing Y N 310 
TRP NE1 HE1  sing N N 311 
TRP CE2 CZ2  sing Y N 312 
TRP CE3 CZ3  doub Y N 313 
TRP CE3 HE3  sing N N 314 
TRP CZ2 CH2  doub Y N 315 
TRP CZ2 HZ2  sing N N 316 
TRP CZ3 CH2  sing Y N 317 
TRP CZ3 HZ3  sing N N 318 
TRP CH2 HH2  sing N N 319 
TRP OXT HXT  sing N N 320 
TYR N   CA   sing N N 321 
TYR N   H    sing N N 322 
TYR N   H2   sing N N 323 
TYR CA  C    sing N N 324 
TYR CA  CB   sing N N 325 
TYR CA  HA   sing N N 326 
TYR C   O    doub N N 327 
TYR C   OXT  sing N N 328 
TYR CB  CG   sing N N 329 
TYR CB  HB2  sing N N 330 
TYR CB  HB3  sing N N 331 
TYR CG  CD1  doub Y N 332 
TYR CG  CD2  sing Y N 333 
TYR CD1 CE1  sing Y N 334 
TYR CD1 HD1  sing N N 335 
TYR CD2 CE2  doub Y N 336 
TYR CD2 HD2  sing N N 337 
TYR CE1 CZ   doub Y N 338 
TYR CE1 HE1  sing N N 339 
TYR CE2 CZ   sing Y N 340 
TYR CE2 HE2  sing N N 341 
TYR CZ  OH   sing N N 342 
TYR OH  HH   sing N N 343 
TYR OXT HXT  sing N N 344 
VAL N   CA   sing N N 345 
VAL N   H    sing N N 346 
VAL N   H2   sing N N 347 
VAL CA  C    sing N N 348 
VAL CA  CB   sing N N 349 
VAL CA  HA   sing N N 350 
VAL C   O    doub N N 351 
VAL C   OXT  sing N N 352 
VAL CB  CG1  sing N N 353 
VAL CB  CG2  sing N N 354 
VAL CB  HB   sing N N 355 
VAL CG1 HG11 sing N N 356 
VAL CG1 HG12 sing N N 357 
VAL CG1 HG13 sing N N 358 
VAL CG2 HG21 sing N N 359 
VAL CG2 HG22 sing N N 360 
VAL CG2 HG23 sing N N 361 
VAL OXT HXT  sing N N 362 
# 
_atom_sites.entry_id                    3AKB 
_atom_sites.fract_transf_matrix[1][1]   -0.02185631 
_atom_sites.fract_transf_matrix[1][2]   0.01903949 
_atom_sites.fract_transf_matrix[1][3]   0.00837190 
_atom_sites.fract_transf_matrix[2][1]   0.01335791 
_atom_sites.fract_transf_matrix[2][2]   0.01390891 
_atom_sites.fract_transf_matrix[2][3]   0.00324134 
_atom_sites.fract_transf_matrix[3][1]   -0.00106308 
_atom_sites.fract_transf_matrix[3][2]   0.00354826 
_atom_sites.fract_transf_matrix[3][3]   -0.01084487 
_atom_sites.fract_transf_vector[1]      0.276198 
_atom_sites.fract_transf_vector[2]      0.085625 
_atom_sites.fract_transf_vector[3]      0.136205 
# 
loop_
_atom_type.symbol 
C  
CA 
N  
O  
S  
# 
loop_
_atom_site.group_PDB 
_atom_site.id 
_atom_site.type_symbol 
_atom_site.label_atom_id 
_atom_site.label_alt_id 
_atom_site.label_comp_id 
_atom_site.label_asym_id 
_atom_site.label_entity_id 
_atom_site.label_seq_id 
_atom_site.pdbx_PDB_ins_code 
_atom_site.Cartn_x 
_atom_site.Cartn_y 
_atom_site.Cartn_z 
_atom_site.occupancy 
_atom_site.B_iso_or_equiv 
_atom_site.pdbx_formal_charge 
_atom_site.auth_seq_id 
_atom_site.auth_comp_id 
_atom_site.auth_asym_id 
_atom_site.auth_atom_id 
_atom_site.pdbx_PDB_model_num 
ATOM   1    N  N   . GLU A 1 1   ? -15.250 4.854   15.990  1.00 23.26 ? 5   GLU A N   1 
ATOM   2    C  CA  . GLU A 1 1   ? -15.840 3.602   15.428  1.00 22.44 ? 5   GLU A CA  1 
ATOM   3    C  C   . GLU A 1 1   ? -14.776 2.624   14.971  1.00 21.67 ? 5   GLU A C   1 
ATOM   4    O  O   . GLU A 1 1   ? -14.011 2.852   14.016  1.00 20.40 ? 5   GLU A O   1 
ATOM   5    C  CB  . GLU A 1 1   ? -16.871 3.842   14.321  1.00 24.55 ? 5   GLU A CB  1 
ATOM   6    C  CG  . GLU A 1 1   ? -17.543 2.523   13.821  1.00 24.57 ? 5   GLU A CG  1 
ATOM   7    C  CD  . GLU A 1 1   ? -18.804 2.138   14.605  1.00 27.99 ? 5   GLU A CD  1 
ATOM   8    O  OE1 . GLU A 1 1   ? -18.781 2.155   15.854  1.00 30.09 ? 5   GLU A OE1 1 
ATOM   9    O  OE2 . GLU A 1 1   ? -19.824 1.786   13.965  1.00 29.15 ? 5   GLU A OE2 1 
ATOM   10   N  N   . TYR A 1 2   ? -14.752 1.518   15.690  1.00 20.59 ? 6   TYR A N   1 
ATOM   11   C  CA  . TYR A 1 2   ? -13.843 0.440   15.421  1.00 20.16 ? 6   TYR A CA  1 
ATOM   12   C  C   . TYR A 1 2   ? -14.159 -0.191  14.073  1.00 20.62 ? 6   TYR A C   1 
ATOM   13   O  O   . TYR A 1 2   ? -13.261 -0.455  13.271  1.00 20.30 ? 6   TYR A O   1 
ATOM   14   C  CB  . TYR A 1 2   ? -13.959 -0.591  16.539  1.00 20.43 ? 6   TYR A CB  1 
ATOM   15   C  CG  . TYR A 1 2   ? -13.196 -1.848  16.234  1.00 20.22 ? 6   TYR A CG  1 
ATOM   16   C  CD1 . TYR A 1 2   ? -11.807 -1.838  16.183  1.00 19.73 ? 6   TYR A CD1 1 
ATOM   17   C  CD2 . TYR A 1 2   ? -13.867 -3.050  16.004  1.00 18.44 ? 6   TYR A CD2 1 
ATOM   18   C  CE1 . TYR A 1 2   ? -11.089 -3.002  15.904  1.00 19.29 ? 6   TYR A CE1 1 
ATOM   19   C  CE2 . TYR A 1 2   ? -13.164 -4.217  15.729  1.00 20.05 ? 6   TYR A CE2 1 
ATOM   20   C  CZ  . TYR A 1 2   ? -11.773 -4.184  15.684  1.00 19.71 ? 6   TYR A CZ  1 
ATOM   21   O  OH  . TYR A 1 2   ? -11.067 -5.336  15.403  1.00 21.03 ? 6   TYR A OH  1 
ATOM   22   N  N   . GLU A 1 3   ? -15.441 -0.430  13.828  1.00 20.56 ? 7   GLU A N   1 
ATOM   23   C  CA  . GLU A 1 3   ? -15.876 -1.013  12.570  1.00 21.01 ? 7   GLU A CA  1 
ATOM   24   C  C   . GLU A 1 3   ? -15.526 -0.130  11.380  1.00 20.43 ? 7   GLU A C   1 
ATOM   25   O  O   . GLU A 1 3   ? -15.085 -0.636  10.353  1.00 19.80 ? 7   GLU A O   1 
ATOM   26   C  CB  . GLU A 1 3   ? -17.365 -1.382  12.623  1.00 21.55 ? 7   GLU A CB  1 
ATOM   27   C  CG  . GLU A 1 3   ? -17.607 -2.522  13.639  1.00 22.58 ? 7   GLU A CG  1 
ATOM   28   C  CD  . GLU A 1 3   ? -19.031 -3.044  13.695  1.00 23.77 ? 7   GLU A CD  1 
ATOM   29   O  OE1 . GLU A 1 3   ? -19.594 -3.396  12.642  1.00 26.41 ? 7   GLU A OE1 1 
ATOM   30   O  OE2 . GLU A 1 3   ? -19.576 -3.130  14.822  1.00 27.21 ? 7   GLU A OE2 1 
ATOM   31   N  N   . ARG A 1 4   ? -15.670 1.187   11.518  1.00 19.90 ? 8   ARG A N   1 
ATOM   32   C  CA  . ARG A 1 4   ? -15.308 2.088   10.414  1.00 19.06 ? 8   ARG A CA  1 
ATOM   33   C  C   . ARG A 1 4   ? -13.813 2.110   10.169  1.00 18.00 ? 8   ARG A C   1 
ATOM   34   O  O   . ARG A 1 4   ? -13.385 2.258   9.014   1.00 17.49 ? 8   ARG A O   1 
ATOM   35   C  CB  . ARG A 1 4   ? -15.824 3.515   10.629  1.00 20.09 ? 8   ARG A CB  1 
ATOM   36   C  CG  . ARG A 1 4   ? -17.326 3.638   10.616  1.00 21.90 ? 8   ARG A CG  1 
ATOM   37   C  CD  . ARG A 1 4   ? -17.919 3.881   9.236   1.00 27.03 ? 8   ARG A CD  1 
ATOM   38   N  NE  . ARG A 1 4   ? -19.331 4.247   9.355   1.00 30.89 ? 8   ARG A NE  1 
ATOM   39   C  CZ  . ARG A 1 4   ? -20.185 4.368   8.342   1.00 32.62 ? 8   ARG A CZ  1 
ATOM   40   N  NH1 . ARG A 1 4   ? -19.796 4.155   7.089   1.00 33.38 ? 8   ARG A NH1 1 
ATOM   41   N  NH2 . ARG A 1 4   ? -21.443 4.706   8.597   1.00 33.76 ? 8   ARG A NH2 1 
ATOM   42   N  N   . ARG A 1 5   ? -13.022 1.999   11.237  1.00 16.70 ? 9   ARG A N   1 
ATOM   43   C  CA  . ARG A 1 5   ? -11.573 1.834   11.103  1.00 16.37 ? 9   ARG A CA  1 
ATOM   44   C  C   . ARG A 1 5   ? -11.277 0.620   10.213  1.00 15.55 ? 9   ARG A C   1 
ATOM   45   O  O   . ARG A 1 5   ? -10.503 0.724   9.272   1.00 14.41 ? 9   ARG A O   1 
ATOM   46   C  CB  . ARG A 1 5   ? -10.849 1.709   12.463  1.00 16.77 ? 9   ARG A CB  1 
ATOM   47   C  CG  . ARG A 1 5   ? -10.776 3.002   13.294  1.00 18.46 ? 9   ARG A CG  1 
ATOM   48   C  CD  . ARG A 1 5   ? -9.679  2.946   14.367  1.00 17.63 ? 9   ARG A CD  1 
ATOM   49   N  NE  . ARG A 1 5   ? -9.975  2.059   15.498  1.00 18.58 ? 9   ARG A NE  1 
ATOM   50   C  CZ  . ARG A 1 5   ? -10.555 2.435   16.645  1.00 17.40 ? 9   ARG A CZ  1 
ATOM   51   N  NH1 . ARG A 1 5   ? -10.951 3.682   16.839  1.00 16.42 ? 9   ARG A NH1 1 
ATOM   52   N  NH2 . ARG A 1 5   ? -10.764 1.547   17.605  1.00 17.23 ? 9   ARG A NH2 1 
ATOM   53   N  N   . ILE A 1 6   ? -11.908 -0.520  10.494  1.00 15.30 ? 10  ILE A N   1 
ATOM   54   C  CA  . ILE A 1 6   ? -11.732 -1.731  9.665   1.00 15.39 ? 10  ILE A CA  1 
ATOM   55   C  C   . ILE A 1 6   ? -12.090 -1.474  8.204   1.00 14.99 ? 10  ILE A C   1 
ATOM   56   O  O   . ILE A 1 6   ? -11.315 -1.814  7.287   1.00 14.21 ? 10  ILE A O   1 
ATOM   57   C  CB  . ILE A 1 6   ? -12.544 -2.935  10.219  1.00 15.42 ? 10  ILE A CB  1 
ATOM   58   C  CG1 . ILE A 1 6   ? -12.021 -3.336  11.594  1.00 16.39 ? 10  ILE A CG1 1 
ATOM   59   C  CG2 . ILE A 1 6   ? -12.508 -4.113  9.248   1.00 15.68 ? 10  ILE A CG2 1 
ATOM   60   C  CD1 . ILE A 1 6   ? -12.873 -4.383  12.305  1.00 16.93 ? 10  ILE A CD1 1 
ATOM   61   N  N   . ALA A 1 7   ? -13.245 -0.862  7.985   1.00 14.79 ? 11  ALA A N   1 
ATOM   62   C  CA  . ALA A 1 7   ? -13.732 -0.563  6.630   1.00 14.40 ? 11  ALA A CA  1 
ATOM   63   C  C   . ALA A 1 7   ? -12.742 0.301   5.834   1.00 14.68 ? 11  ALA A C   1 
ATOM   64   O  O   . ALA A 1 7   ? -12.566 0.106   4.623   1.00 15.34 ? 11  ALA A O   1 
ATOM   65   C  CB  . ALA A 1 7   ? -15.087 0.102   6.689   1.00 15.83 ? 11  ALA A CB  1 
ATOM   66   N  N   . ALA A 1 8   ? -12.096 1.252   6.506   1.00 13.76 ? 12  ALA A N   1 
ATOM   67   C  CA  . ALA A 1 8   ? -11.081 2.084   5.890   1.00 14.16 ? 12  ALA A CA  1 
ATOM   68   C  C   . ALA A 1 8   ? -9.889  1.264   5.378   1.00 13.20 ? 12  ALA A C   1 
ATOM   69   O  O   . ALA A 1 8   ? -9.369  1.527   4.291   1.00 13.27 ? 12  ALA A O   1 
ATOM   70   C  CB  . ALA A 1 8   ? -10.614 3.174   6.866   1.00 13.75 ? 12  ALA A CB  1 
ATOM   71   N  N   . ARG A 1 9   ? -9.443  0.289   6.167   1.00 12.32 ? 13  ARG A N   1 
ATOM   72   C  CA  . ARG A 1 9   ? -8.331  -0.569  5.760   1.00 11.42 ? 13  ARG A CA  1 
ATOM   73   C  C   . ARG A 1 9   ? -8.736  -1.449  4.585   1.00 11.38 ? 13  ARG A C   1 
ATOM   74   O  O   . ARG A 1 9   ? -7.969  -1.624  3.638   1.00 11.40 ? 13  ARG A O   1 
ATOM   75   C  CB  . ARG A 1 9   ? -7.801  -1.393  6.951   1.00 10.81 ? 13  ARG A CB  1 
ATOM   76   C  CG  . ARG A 1 9   ? -6.763  -0.663  7.838   1.00 12.79 ? 13  ARG A CG  1 
ATOM   77   C  CD  . ARG A 1 9   ? -7.417  0.431   8.643   1.00 15.27 ? 13  ARG A CD  1 
ATOM   78   N  NE  . ARG A 1 9   ? -6.489  1.122   9.534   1.00 11.86 ? 13  ARG A NE  1 
ATOM   79   C  CZ  . ARG A 1 9   ? -6.878  2.096   10.355  1.00 14.40 ? 13  ARG A CZ  1 
ATOM   80   N  NH1 . ARG A 1 9   ? -8.153  2.458   10.367  1.00 13.79 ? 13  ARG A NH1 1 
ATOM   81   N  NH2 . ARG A 1 9   ? -5.986  2.732   11.118  1.00 14.66 ? 13  ARG A NH2 1 
ATOM   82   N  N   . PHE A 1 10  ? -9.948  -1.983  4.636   1.00 11.48 ? 14  PHE A N   1 
ATOM   83   C  CA  . PHE A 1 10  ? -10.464 -2.760  3.517   1.00 11.24 ? 14  PHE A CA  1 
ATOM   84   C  C   . PHE A 1 10  ? -10.500 -1.954  2.224   1.00 11.66 ? 14  PHE A C   1 
ATOM   85   O  O   . PHE A 1 10  ? -10.089 -2.447  1.171   1.00 12.04 ? 14  PHE A O   1 
ATOM   86   C  CB  . PHE A 1 10  ? -11.858 -3.332  3.824   1.00 10.96 ? 14  PHE A CB  1 
ATOM   87   C  CG  . PHE A 1 10  ? -12.380 -4.254  2.743   1.00 10.92 ? 14  PHE A CG  1 
ATOM   88   C  CD1 . PHE A 1 10  ? -11.937 -5.569  2.679   1.00 11.67 ? 14  PHE A CD1 1 
ATOM   89   C  CD2 . PHE A 1 10  ? -13.286 -3.806  1.802   1.00 12.44 ? 14  PHE A CD2 1 
ATOM   90   C  CE1 . PHE A 1 10  ? -12.392 -6.429  1.668   1.00 11.79 ? 14  PHE A CE1 1 
ATOM   91   C  CE2 . PHE A 1 10  ? -13.744 -4.661  0.785   1.00 12.57 ? 14  PHE A CE2 1 
ATOM   92   C  CZ  . PHE A 1 10  ? -13.290 -5.976  0.738   1.00 11.65 ? 14  PHE A CZ  1 
ATOM   93   N  N   . THR A 1 11  ? -11.033 -0.740  2.295   1.00 12.05 ? 15  THR A N   1 
ATOM   94   C  CA  . THR A 1 11  ? -11.128 0.155   1.149   1.00 12.88 ? 15  THR A CA  1 
ATOM   95   C  C   . THR A 1 11  ? -9.758  0.443   0.527   1.00 12.37 ? 15  THR A C   1 
ATOM   96   O  O   . THR A 1 11  ? -9.639  0.535   -0.703  1.00 12.45 ? 15  THR A O   1 
ATOM   97   C  CB  . THR A 1 11  ? -11.834 1.484   1.551   1.00 14.07 ? 15  THR A CB  1 
ATOM   98   O  OG1 . THR A 1 11  ? -13.157 1.205   2.035   1.00 17.50 ? 15  THR A OG1 1 
ATOM   99   C  CG2 . THR A 1 11  ? -11.942 2.451   0.368   1.00 15.32 ? 15  THR A CG2 1 
ATOM   100  N  N   . THR A 1 12  ? -8.728  0.574   1.361   1.00 11.99 ? 16  THR A N   1 
ATOM   101  C  CA  . THR A 1 12  ? -7.386  0.848   0.872   1.00 12.02 ? 16  THR A CA  1 
ATOM   102  C  C   . THR A 1 12  ? -6.937  -0.309  -0.025  1.00 10.91 ? 16  THR A C   1 
ATOM   103  O  O   . THR A 1 12  ? -6.314  -0.089  -1.065  1.00 11.97 ? 16  THR A O   1 
ATOM   104  C  CB  . THR A 1 12  ? -6.391  1.040   2.038   1.00 11.70 ? 16  THR A CB  1 
ATOM   105  O  OG1 . THR A 1 12  ? -6.785  2.194   2.803   1.00 14.08 ? 16  THR A OG1 1 
ATOM   106  C  CG2 . THR A 1 12  ? -4.977  1.235   1.501   1.00 13.20 ? 16  THR A CG2 1 
ATOM   107  N  N   . PHE A 1 13  ? -7.280  -1.540  0.338   1.00 10.86 ? 17  PHE A N   1 
ATOM   108  C  CA  . PHE A 1 13  ? -6.899  -2.700  -0.485  1.00 9.09  ? 17  PHE A CA  1 
ATOM   109  C  C   . PHE A 1 13  ? -7.836  -2.891  -1.686  1.00 8.64  ? 17  PHE A C   1 
ATOM   110  O  O   . PHE A 1 13  ? -7.407  -3.290  -2.772  1.00 8.96  ? 17  PHE A O   1 
ATOM   111  C  CB  . PHE A 1 13  ? -6.908  -3.988  0.350   1.00 10.11 ? 17  PHE A CB  1 
ATOM   112  C  CG  . PHE A 1 13  ? -5.742  -4.127  1.309   1.00 11.36 ? 17  PHE A CG  1 
ATOM   113  C  CD1 . PHE A 1 13  ? -4.424  -3.964  0.881   1.00 12.22 ? 17  PHE A CD1 1 
ATOM   114  C  CD2 . PHE A 1 13  ? -5.976  -4.505  2.641   1.00 12.71 ? 17  PHE A CD2 1 
ATOM   115  C  CE1 . PHE A 1 13  ? -3.343  -4.144  1.802   1.00 12.68 ? 17  PHE A CE1 1 
ATOM   116  C  CE2 . PHE A 1 13  ? -4.906  -4.688  3.561   1.00 13.33 ? 17  PHE A CE2 1 
ATOM   117  C  CZ  . PHE A 1 13  ? -3.591  -4.503  3.130   1.00 12.65 ? 17  PHE A CZ  1 
ATOM   118  N  N   . ASP A 1 14  ? -9.118  -2.595  -1.469  1.00 9.24  ? 18  ASP A N   1 
ATOM   119  C  CA  . ASP A 1 14  ? -10.141 -2.746  -2.516  1.00 9.28  ? 18  ASP A CA  1 
ATOM   120  C  C   . ASP A 1 14  ? -10.132 -1.520  -3.412  1.00 10.22 ? 18  ASP A C   1 
ATOM   121  O  O   . ASP A 1 14  ? -11.086 -0.733  -3.454  1.00 10.35 ? 18  ASP A O   1 
ATOM   122  C  CB  . ASP A 1 14  ? -11.517 -2.983  -1.886  1.00 9.00  ? 18  ASP A CB  1 
ATOM   123  C  CG  . ASP A 1 14  ? -12.589 -3.228  -2.922  1.00 9.92  ? 18  ASP A CG  1 
ATOM   124  O  OD1 . ASP A 1 14  ? -12.239 -3.662  -4.052  1.00 9.79  ? 18  ASP A OD1 1 
ATOM   125  O  OD2 . ASP A 1 14  ? -13.796 -2.982  -2.615  1.00 11.08 ? 18  ASP A OD2 1 
ATOM   126  N  N   . GLN A 1 15  ? -9.048  -1.410  -4.185  1.00 9.50  ? 19  GLN A N   1 
ATOM   127  C  CA  . GLN A 1 15  ? -8.778  -0.244  -5.006  1.00 11.53 ? 19  GLN A CA  1 
ATOM   128  C  C   . GLN A 1 15  ? -9.865  0.068   -6.024  1.00 11.81 ? 19  GLN A C   1 
ATOM   129  O  O   . GLN A 1 15  ? -10.131 1.248   -6.280  1.00 14.33 ? 19  GLN A O   1 
ATOM   130  C  CB  . GLN A 1 15  ? -7.404  -0.390  -5.665  1.00 11.20 ? 19  GLN A CB  1 
ATOM   131  C  CG  . GLN A 1 15  ? -6.251  -0.178  -4.676  1.00 12.39 ? 19  GLN A CG  1 
ATOM   132  C  CD  . GLN A 1 15  ? -5.989  1.297   -4.401  1.00 12.24 ? 19  GLN A CD  1 
ATOM   133  O  OE1 . GLN A 1 15  ? -5.867  2.085   -5.339  1.00 15.92 ? 19  GLN A OE1 1 
ATOM   134  N  NE2 . GLN A 1 15  ? -5.871  1.672   -3.140  1.00 10.74 ? 19  GLN A NE2 1 
ATOM   135  N  N   . ASP A 1 16  ? -10.511 -0.966  -6.589  1.00 11.83 ? 20  ASP A N   1 
ATOM   136  C  CA  . ASP A 1 16  ? -11.575 -0.733  -7.571  1.00 11.39 ? 20  ASP A CA  1 
ATOM   137  C  C   . ASP A 1 16  ? -12.985 -0.637  -6.959  1.00 12.37 ? 20  ASP A C   1 
ATOM   138  O  O   . ASP A 1 16  ? -13.982 -0.400  -7.667  1.00 12.78 ? 20  ASP A O   1 
ATOM   139  C  CB  . ASP A 1 16  ? -11.480 -1.737  -8.734  1.00 12.13 ? 20  ASP A CB  1 
ATOM   140  C  CG  . ASP A 1 16  ? -11.854 -3.148  -8.336  1.00 11.32 ? 20  ASP A CG  1 
ATOM   141  O  OD1 . ASP A 1 16  ? -12.430 -3.382  -7.249  1.00 10.59 ? 20  ASP A OD1 1 
ATOM   142  O  OD2 . ASP A 1 16  ? -11.584 -4.036  -9.177  1.00 13.67 ? 20  ASP A OD2 1 
ATOM   143  N  N   . GLY A 1 17  ? -13.057 -0.783  -5.645  1.00 12.25 ? 21  GLY A N   1 
ATOM   144  C  CA  . GLY A 1 17  ? -14.284 -0.534  -4.886  1.00 12.29 ? 21  GLY A CA  1 
ATOM   145  C  C   . GLY A 1 17  ? -15.386 -1.559  -5.006  1.00 13.20 ? 21  GLY A C   1 
ATOM   146  O  O   . GLY A 1 17  ? -16.523 -1.298  -4.584  1.00 13.56 ? 21  GLY A O   1 
ATOM   147  N  N   . ASN A 1 18  ? -15.082 -2.727  -5.572  1.00 12.48 ? 22  ASN A N   1 
ATOM   148  C  CA  . ASN A 1 18  ? -16.149 -3.671  -5.909  1.00 12.67 ? 22  ASN A CA  1 
ATOM   149  C  C   . ASN A 1 18  ? -16.489 -4.694  -4.801  1.00 12.82 ? 22  ASN A C   1 
ATOM   150  O  O   . ASN A 1 18  ? -17.257 -5.646  -5.015  1.00 12.87 ? 22  ASN A O   1 
ATOM   151  C  CB  . ASN A 1 18  ? -15.818 -4.339  -7.237  1.00 11.88 ? 22  ASN A CB  1 
ATOM   152  C  CG  . ASN A 1 18  ? -14.722 -5.367  -7.106  1.00 12.09 ? 22  ASN A CG  1 
ATOM   153  O  OD1 . ASN A 1 18  ? -14.082 -5.516  -6.057  1.00 10.50 ? 22  ASN A OD1 1 
ATOM   154  N  ND2 . ASN A 1 18  ? -14.533 -6.135  -8.160  1.00 13.50 ? 22  ASN A ND2 1 
ATOM   155  N  N   . GLY A 1 19  ? -15.931 -4.486  -3.613  1.00 11.85 ? 23  GLY A N   1 
ATOM   156  C  CA  . GLY A 1 19  ? -16.315 -5.262  -2.426  1.00 11.21 ? 23  GLY A CA  1 
ATOM   157  C  C   . GLY A 1 19  ? -15.530 -6.515  -2.127  1.00 10.80 ? 23  GLY A C   1 
ATOM   158  O  O   . GLY A 1 19  ? -15.769 -7.204  -1.128  1.00 13.07 ? 23  GLY A O   1 
ATOM   159  N  N   . HIS A 1 20  ? -14.570 -6.836  -3.000  1.00 10.55 ? 24  HIS A N   1 
ATOM   160  C  CA  . HIS A 1 20  ? -13.659 -7.915  -2.695  1.00 10.42 ? 24  HIS A CA  1 
ATOM   161  C  C   . HIS A 1 20  ? -12.289 -7.551  -3.224  1.00 10.12 ? 24  HIS A C   1 
ATOM   162  O  O   . HIS A 1 20  ? -12.186 -6.795  -4.182  1.00 9.96  ? 24  HIS A O   1 
ATOM   163  C  CB  . HIS A 1 20  ? -14.163 -9.256  -3.273  1.00 11.31 ? 24  HIS A CB  1 
ATOM   164  C  CG  . HIS A 1 20  ? -14.212 -9.315  -4.772  1.00 10.35 ? 24  HIS A CG  1 
ATOM   165  N  ND1 . HIS A 1 20  ? -15.383 -9.159  -5.485  1.00 14.09 ? 24  HIS A ND1 1 
ATOM   166  C  CD2 . HIS A 1 20  ? -13.247 -9.586  -5.684  1.00 13.04 ? 24  HIS A CD2 1 
ATOM   167  C  CE1 . HIS A 1 20  ? -15.127 -9.280  -6.780  1.00 13.71 ? 24  HIS A CE1 1 
ATOM   168  N  NE2 . HIS A 1 20  ? -13.842 -9.565  -6.925  1.00 13.61 ? 24  HIS A NE2 1 
ATOM   169  N  N   . ILE A 1 21  ? -11.255 -8.086  -2.589  1.00 9.80  ? 25  ILE A N   1 
ATOM   170  C  CA  . ILE A 1 21  ? -9.871  -7.799  -2.976  1.00 10.32 ? 25  ILE A CA  1 
ATOM   171  C  C   . ILE A 1 21  ? -9.386  -8.919  -3.900  1.00 10.30 ? 25  ILE A C   1 
ATOM   172  O  O   . ILE A 1 21  ? -9.486  -10.105 -3.533  1.00 10.33 ? 25  ILE A O   1 
ATOM   173  C  CB  . ILE A 1 21  ? -8.969  -7.691  -1.738  1.00 10.39 ? 25  ILE A CB  1 
ATOM   174  C  CG1 . ILE A 1 21  ? -9.533  -6.622  -0.780  1.00 10.10 ? 25  ILE A CG1 1 
ATOM   175  C  CG2 . ILE A 1 21  ? -7.539  -7.335  -2.159  1.00 11.13 ? 25  ILE A CG2 1 
ATOM   176  C  CD1 . ILE A 1 21  ? -9.090  -6.762  0.658   1.00 12.14 ? 25  ILE A CD1 1 
ATOM   177  N  N   . ASP A 1 22  ? -8.893  -8.521  -5.081  1.00 10.24 ? 26  ASP A N   1 
ATOM   178  C  CA  . ASP A 1 22  ? -8.323  -9.394  -6.129  1.00 9.97  ? 26  ASP A CA  1 
ATOM   179  C  C   . ASP A 1 22  ? -6.877  -8.997  -6.393  1.00 9.96  ? 26  ASP A C   1 
ATOM   180  O  O   . ASP A 1 22  ? -6.451  -7.885  -6.073  1.00 8.83  ? 26  ASP A O   1 
ATOM   181  C  CB  . ASP A 1 22  ? -8.974  -9.112  -7.511  1.00 11.25 ? 26  ASP A CB  1 
ATOM   182  C  CG  . ASP A 1 22  ? -10.355 -9.651  -7.659  1.00 10.05 ? 26  ASP A CG  1 
ATOM   183  O  OD1 . ASP A 1 22  ? -10.690 -10.772 -7.196  1.00 13.39 ? 26  ASP A OD1 1 
ATOM   184  O  OD2 . ASP A 1 22  ? -11.126 -8.904  -8.291  1.00 12.85 ? 26  ASP A OD2 1 
ATOM   185  N  N   . ARG A 1 23  ? -6.146  -9.877  -7.081  1.00 9.03  ? 27  ARG A N   1 
ATOM   186  C  CA  . ARG A 1 23  ? -4.819  -9.497  -7.552  1.00 9.86  ? 27  ARG A CA  1 
ATOM   187  C  C   . ARG A 1 23  ? -4.936  -8.230  -8.396  1.00 9.33  ? 27  ARG A C   1 
ATOM   188  O  O   . ARG A 1 23  ? -4.059  -7.392  -8.352  1.00 8.99  ? 27  ARG A O   1 
ATOM   189  C  CB  . ARG A 1 23  ? -4.150  -10.610 -8.350  1.00 10.93 ? 27  ARG A CB  1 
ATOM   190  C  CG  . ARG A 1 23  ? -2.683  -10.323 -8.634  1.00 13.34 ? 27  ARG A CG  1 
ATOM   191  C  CD  . ARG A 1 23  ? -2.087  -11.391 -9.504  1.00 16.08 ? 27  ARG A CD  1 
ATOM   192  N  NE  . ARG A 1 23  ? -2.488  -11.200 -10.888 1.00 14.80 ? 27  ARG A NE  1 
ATOM   193  C  CZ  . ARG A 1 23  ? -1.918  -11.813 -11.915 1.00 13.29 ? 27  ARG A CZ  1 
ATOM   194  N  NH1 . ARG A 1 23  ? -0.930  -12.693 -11.711 1.00 14.15 ? 27  ARG A NH1 1 
ATOM   195  N  NH2 . ARG A 1 23  ? -2.370  -11.559 -13.132 1.00 11.83 ? 27  ARG A NH2 1 
ATOM   196  N  N   . SER A 1 24  ? -6.027  -8.096  -9.144  1.00 9.01  ? 28  SER A N   1 
ATOM   197  C  CA  . SER A 1 24  ? -6.198  -6.956  -10.053 1.00 9.22  ? 28  SER A CA  1 
ATOM   198  C  C   . SER A 1 24  ? -6.307  -5.623  -9.307  1.00 8.36  ? 28  SER A C   1 
ATOM   199  O  O   . SER A 1 24  ? -5.963  -4.569  -9.852  1.00 8.75  ? 28  SER A O   1 
ATOM   200  C  CB  . SER A 1 24  ? -7.375  -7.131  -10.992 1.00 10.11 ? 28  SER A CB  1 
ATOM   201  O  OG  . SER A 1 24  ? -8.563  -7.254  -10.261 1.00 11.52 ? 28  SER A OG  1 
ATOM   202  N  N   . ASP A 1 25  ? -6.752  -5.640  -8.056  1.00 7.91  ? 29  ASP A N   1 
ATOM   203  C  CA  . ASP A 1 25  ? -6.763  -4.393  -7.270  1.00 8.67  ? 29  ASP A CA  1 
ATOM   204  C  C   . ASP A 1 25  ? -5.343  -3.883  -7.107  1.00 9.29  ? 29  ASP A C   1 
ATOM   205  O  O   . ASP A 1 25  ? -5.078  -2.669  -7.225  1.00 10.36 ? 29  ASP A O   1 
ATOM   206  C  CB  . ASP A 1 25  ? -7.358  -4.640  -5.879  1.00 7.64  ? 29  ASP A CB  1 
ATOM   207  C  CG  . ASP A 1 25  ? -8.893  -4.701  -5.858  1.00 8.13  ? 29  ASP A CG  1 
ATOM   208  O  OD1 . ASP A 1 25  ? -9.577  -3.752  -6.329  1.00 9.43  ? 29  ASP A OD1 1 
ATOM   209  O  OD2 . ASP A 1 25  ? -9.423  -5.723  -5.341  1.00 9.17  ? 29  ASP A OD2 1 
ATOM   210  N  N   . PHE A 1 26  ? -4.433  -4.820  -6.837  1.00 9.80  ? 30  PHE A N   1 
ATOM   211  C  CA  . PHE A 1 26  ? -3.003  -4.516  -6.619  1.00 10.63 ? 30  PHE A CA  1 
ATOM   212  C  C   . PHE A 1 26  ? -2.291  -4.135  -7.913  1.00 11.25 ? 30  PHE A C   1 
ATOM   213  O  O   . PHE A 1 26  ? -1.538  -3.159  -7.932  1.00 11.47 ? 30  PHE A O   1 
ATOM   214  C  CB  . PHE A 1 26  ? -2.320  -5.706  -5.945  1.00 11.15 ? 30  PHE A CB  1 
ATOM   215  C  CG  . PHE A 1 26  ? -2.661  -5.850  -4.488  1.00 10.63 ? 30  PHE A CG  1 
ATOM   216  C  CD1 . PHE A 1 26  ? -1.815  -5.310  -3.512  1.00 13.66 ? 30  PHE A CD1 1 
ATOM   217  C  CD2 . PHE A 1 26  ? -3.806  -6.551  -4.081  1.00 12.03 ? 30  PHE A CD2 1 
ATOM   218  C  CE1 . PHE A 1 26  ? -2.111  -5.436  -2.164  1.00 13.56 ? 30  PHE A CE1 1 
ATOM   219  C  CE2 . PHE A 1 26  ? -4.096  -6.662  -2.726  1.00 14.83 ? 30  PHE A CE2 1 
ATOM   220  C  CZ  . PHE A 1 26  ? -3.248  -6.097  -1.776  1.00 12.50 ? 30  PHE A CZ  1 
ATOM   221  N  N   . SER A 1 27  ? -2.518  -4.890  -8.990  1.00 11.04 ? 31  SER A N   1 
ATOM   222  C  CA  A SER A 1 27  ? -1.909  -4.528  -10.259 0.50 10.81 ? 31  SER A CA  1 
ATOM   223  C  CA  B SER A 1 27  ? -1.985  -4.555  -10.315 0.50 10.88 ? 31  SER A CA  1 
ATOM   224  C  C   . SER A 1 27  ? -2.455  -3.197  -10.763 1.00 10.38 ? 31  SER A C   1 
ATOM   225  O  O   . SER A 1 27  ? -1.715  -2.445  -11.365 1.00 9.74  ? 31  SER A O   1 
ATOM   226  C  CB  A SER A 1 27  ? -2.051  -5.627  -11.308 0.50 11.39 ? 31  SER A CB  1 
ATOM   227  C  CB  B SER A 1 27  ? -2.450  -5.560  -11.351 0.50 11.50 ? 31  SER A CB  1 
ATOM   228  O  OG  A SER A 1 27  ? -3.405  -5.884  -11.609 0.50 11.50 ? 31  SER A OG  1 
ATOM   229  O  OG  B SER A 1 27  ? -2.063  -6.857  -10.966 0.50 12.23 ? 31  SER A OG  1 
ATOM   230  N  N   . GLY A 1 28  ? -3.730  -2.907  -10.493 1.00 9.84  ? 32  GLY A N   1 
ATOM   231  C  CA  . GLY A 1 28  ? -4.326  -1.636  -10.905 1.00 10.92 ? 32  GLY A CA  1 
ATOM   232  C  C   . GLY A 1 28  ? -3.690  -0.458  -10.163 1.00 10.54 ? 32  GLY A C   1 
ATOM   233  O  O   . GLY A 1 28  ? -3.502  0.634   -10.746 1.00 12.17 ? 32  GLY A O   1 
ATOM   234  N  N   . ALA A 1 29  ? -3.359  -0.683  -8.887  1.00 11.01 ? 33  ALA A N   1 
ATOM   235  C  CA  . ALA A 1 29  ? -2.665  0.294   -8.054  1.00 10.67 ? 33  ALA A CA  1 
ATOM   236  C  C   . ALA A 1 29  ? -1.271  0.554   -8.627  1.00 10.25 ? 33  ALA A C   1 
ATOM   237  O  O   . ALA A 1 29  ? -0.845  1.705   -8.742  1.00 10.03 ? 33  ALA A O   1 
ATOM   238  C  CB  . ALA A 1 29  ? -2.596  -0.171  -6.577  1.00 11.35 ? 33  ALA A CB  1 
ATOM   239  N  N   . ALA A 1 30  ? -0.550  -0.510  -8.972  1.00 9.75  ? 34  ALA A N   1 
ATOM   240  C  CA  . ALA A 1 30  ? 0.752   -0.363  -9.570  1.00 9.47  ? 34  ALA A CA  1 
ATOM   241  C  C   . ALA A 1 30  ? 0.640   0.407   -10.885 1.00 9.07  ? 34  ALA A C   1 
ATOM   242  O  O   . ALA A 1 30  ? 1.430   1.327   -11.138 1.00 8.00  ? 34  ALA A O   1 
ATOM   243  C  CB  . ALA A 1 30  ? 1.375   -1.742  -9.784  1.00 9.28  ? 34  ALA A CB  1 
ATOM   244  N  N   . LYS A 1 31  ? -0.358  0.072   -11.710 1.00 8.88  ? 35  LYS A N   1 
ATOM   245  C  CA  . LYS A 1 31  ? -0.544  0.751   -12.998 1.00 10.22 ? 35  LYS A CA  1 
ATOM   246  C  C   . LYS A 1 31  ? -0.748  2.263   -12.766 1.00 9.63  ? 35  LYS A C   1 
ATOM   247  O  O   . LYS A 1 31  ? -0.153  3.107   -13.441 1.00 10.55 ? 35  LYS A O   1 
ATOM   248  C  CB  . LYS A 1 31  ? -1.757  0.165   -13.739 1.00 10.70 ? 35  LYS A CB  1 
ATOM   249  C  CG  . LYS A 1 31  ? -1.995  0.811   -15.076 1.00 13.42 ? 35  LYS A CG  1 
ATOM   250  C  CD  . LYS A 1 31  ? -3.176  0.197   -15.804 1.00 17.58 ? 35  LYS A CD  1 
ATOM   251  C  CE  . LYS A 1 31  ? -2.729  -0.877  -16.757 1.00 21.60 ? 35  LYS A CE  1 
ATOM   252  N  NZ  . LYS A 1 31  ? -3.664  -0.997  -17.931 1.00 25.30 ? 35  LYS A NZ  1 
ATOM   253  N  N   . ALA A 1 32  ? -1.571  2.601   -11.781 1.00 10.00 ? 36  ALA A N   1 
ATOM   254  C  CA  . ALA A 1 32  ? -1.931  4.006   -11.566 1.00 9.38  ? 36  ALA A CA  1 
ATOM   255  C  C   . ALA A 1 32  ? -0.726  4.783   -11.046 1.00 9.04  ? 36  ALA A C   1 
ATOM   256  O  O   . ALA A 1 32  ? -0.515  5.944   -11.424 1.00 10.98 ? 36  ALA A O   1 
ATOM   257  C  CB  . ALA A 1 32  ? -3.133  4.123   -10.612 1.00 10.28 ? 36  ALA A CB  1 
ATOM   258  N  N   . MET A 1 33  ? 0.085   4.152   -10.201 1.00 8.38  ? 37  MET A N   1 
ATOM   259  C  CA  . MET A 1 33  ? 1.259   4.857   -9.691  1.00 7.79  ? 37  MET A CA  1 
ATOM   260  C  C   . MET A 1 33  ? 2.285   5.082   -10.805 1.00 8.69  ? 37  MET A C   1 
ATOM   261  O  O   . MET A 1 33  ? 2.882   6.148   -10.898 1.00 9.62  ? 37  MET A O   1 
ATOM   262  C  CB  . MET A 1 33  ? 1.936   4.104   -8.527  1.00 8.78  ? 37  MET A CB  1 
ATOM   263  C  CG  . MET A 1 33  ? 2.953   4.953   -7.819  1.00 10.67 ? 37  MET A CG  1 
ATOM   264  S  SD  . MET A 1 33  ? 4.202   4.028   -6.798  1.00 6.06  ? 37  MET A SD  1 
ATOM   265  C  CE  . MET A 1 33  ? 5.181   5.493   -6.302  1.00 9.06  ? 37  MET A CE  1 
ATOM   266  N  N   . LEU A 1 34  ? 2.499   4.065   -11.638 1.00 8.62  ? 38  LEU A N   1 
ATOM   267  C  CA  . LEU A 1 34  ? 3.392   4.221   -12.776 1.00 8.97  ? 38  LEU A CA  1 
ATOM   268  C  C   . LEU A 1 34  ? 2.934   5.323   -13.721 1.00 9.69  ? 38  LEU A C   1 
ATOM   269  O  O   . LEU A 1 34  ? 3.776   6.089   -14.249 1.00 10.45 ? 38  LEU A O   1 
ATOM   270  C  CB  . LEU A 1 34  ? 3.515   2.885   -13.525 1.00 8.98  ? 38  LEU A CB  1 
ATOM   271  C  CG  . LEU A 1 34  ? 4.208   1.802   -12.704 1.00 7.94  ? 38  LEU A CG  1 
ATOM   272  C  CD1 . LEU A 1 34  ? 4.079   0.453   -13.439 1.00 9.38  ? 38  LEU A CD1 1 
ATOM   273  C  CD2 . LEU A 1 34  ? 5.663   2.103   -12.397 1.00 8.71  ? 38  LEU A CD2 1 
ATOM   274  N  N   . ALA A 1 35  ? 1.625   5.396   -13.965 1.00 9.94  ? 39  ALA A N   1 
ATOM   275  C  CA  . ALA A 1 35  ? 1.071   6.437   -14.816 1.00 10.91 ? 39  ALA A CA  1 
ATOM   276  C  C   . ALA A 1 35  ? 1.280   7.833   -14.222 1.00 10.28 ? 39  ALA A C   1 
ATOM   277  O  O   . ALA A 1 35  ? 1.654   8.779   -14.955 1.00 11.58 ? 39  ALA A O   1 
ATOM   278  C  CB  . ALA A 1 35  ? -0.394  6.166   -15.079 1.00 10.24 ? 39  ALA A CB  1 
ATOM   279  N  N   . GLU A 1 36  ? 1.106   7.956   -12.899 1.00 10.54 ? 40  GLU A N   1 
ATOM   280  C  CA  . GLU A 1 36  ? 1.284   9.238   -12.213 1.00 10.26 ? 40  GLU A CA  1 
ATOM   281  C  C   . GLU A 1 36  ? 2.708   9.787   -12.401 1.00 10.44 ? 40  GLU A C   1 
ATOM   282  O  O   . GLU A 1 36  ? 2.895   11.010  -12.585 1.00 11.15 ? 40  GLU A O   1 
ATOM   283  C  CB  . GLU A 1 36  ? 0.948   9.075   -10.716 1.00 10.29 ? 40  GLU A CB  1 
ATOM   284  C  CG  . GLU A 1 36  ? 1.282   10.274  -9.816  1.00 11.43 ? 40  GLU A CG  1 
ATOM   285  C  CD  . GLU A 1 36  ? 0.477   11.496  -10.155 1.00 12.92 ? 40  GLU A CD  1 
ATOM   286  O  OE1 . GLU A 1 36  ? -0.733  11.346  -10.430 1.00 17.07 ? 40  GLU A OE1 1 
ATOM   287  O  OE2 . GLU A 1 36  ? 1.042   12.609  -10.176 1.00 13.27 ? 40  GLU A OE2 1 
ATOM   288  N  N   . PHE A 1 37  ? 3.694   8.898   -12.324 1.00 9.72  ? 41  PHE A N   1 
ATOM   289  C  CA  . PHE A 1 37  ? 5.109   9.274   -12.429 1.00 9.27  ? 41  PHE A CA  1 
ATOM   290  C  C   . PHE A 1 37  ? 5.705   9.122   -13.839 1.00 9.98  ? 41  PHE A C   1 
ATOM   291  O  O   . PHE A 1 37  ? 6.876   9.422   -14.053 1.00 11.46 ? 41  PHE A O   1 
ATOM   292  C  CB  . PHE A 1 37  ? 5.911   8.508   -11.390 1.00 9.09  ? 41  PHE A CB  1 
ATOM   293  C  CG  . PHE A 1 37  ? 5.679   9.017   -10.010 1.00 8.83  ? 41  PHE A CG  1 
ATOM   294  C  CD1 . PHE A 1 37  ? 6.372   10.140  -9.553  1.00 9.80  ? 41  PHE A CD1 1 
ATOM   295  C  CD2 . PHE A 1 37  ? 4.700   8.441   -9.200  1.00 9.48  ? 41  PHE A CD2 1 
ATOM   296  C  CE1 . PHE A 1 37  ? 6.108   10.634  -8.276  1.00 9.84  ? 41  PHE A CE1 1 
ATOM   297  C  CE2 . PHE A 1 37  ? 4.418   8.949   -7.929  1.00 9.19  ? 41  PHE A CE2 1 
ATOM   298  C  CZ  . PHE A 1 37  ? 5.123   10.031  -7.464  1.00 10.03 ? 41  PHE A CZ  1 
ATOM   299  N  N   . GLY A 1 38  ? 4.905   8.659   -14.792 1.00 9.73  ? 42  GLY A N   1 
ATOM   300  C  CA  . GLY A 1 38  ? 5.416   8.497   -16.163 1.00 10.21 ? 42  GLY A CA  1 
ATOM   301  C  C   . GLY A 1 38  ? 6.513   7.466   -16.299 1.00 10.98 ? 42  GLY A C   1 
ATOM   302  O  O   . GLY A 1 38  ? 7.412   7.590   -17.175 1.00 12.35 ? 42  GLY A O   1 
ATOM   303  N  N   . VAL A 1 39  ? 6.432   6.438   -15.465 1.00 9.80  ? 43  VAL A N   1 
ATOM   304  C  CA  . VAL A 1 39  ? 7.390   5.332   -15.474 1.00 9.65  ? 43  VAL A CA  1 
ATOM   305  C  C   . VAL A 1 39  ? 6.776   4.170   -16.250 1.00 9.78  ? 43  VAL A C   1 
ATOM   306  O  O   . VAL A 1 39  ? 5.651   3.762   -15.971 1.00 10.64 ? 43  VAL A O   1 
ATOM   307  C  CB  . VAL A 1 39  ? 7.784   4.905   -14.044 1.00 9.48  ? 43  VAL A CB  1 
ATOM   308  C  CG1 . VAL A 1 39  ? 8.661   3.656   -14.059 1.00 10.24 ? 43  VAL A CG1 1 
ATOM   309  C  CG2 . VAL A 1 39  ? 8.462   6.057   -13.333 1.00 10.22 ? 43  VAL A CG2 1 
ATOM   310  N  N   . ALA A 1 40  ? 7.498   3.681   -17.255 1.00 9.64  ? 44  ALA A N   1 
ATOM   311  C  CA  . ALA A 1 40  ? 6.964   2.633   -18.135 1.00 9.37  ? 44  ALA A CA  1 
ATOM   312  C  C   . ALA A 1 40  ? 6.809   1.291   -17.442 1.00 9.11  ? 44  ALA A C   1 
ATOM   313  O  O   . ALA A 1 40  ? 7.668   0.868   -16.666 1.00 9.77  ? 44  ALA A O   1 
ATOM   314  C  CB  . ALA A 1 40  ? 7.845   2.470   -19.381 1.00 10.45 ? 44  ALA A CB  1 
ATOM   315  N  N   . ALA A 1 41  ? 5.721   0.596   -17.770 1.00 10.10 ? 45  ALA A N   1 
ATOM   316  C  CA  . ALA A 1 41  ? 5.485   -0.717  -17.216 1.00 9.52  ? 45  ALA A CA  1 
ATOM   317  C  C   . ALA A 1 41  ? 6.651   -1.672  -17.476 1.00 8.97  ? 45  ALA A C   1 
ATOM   318  O  O   . ALA A 1 41  ? 6.991   -2.452  -16.614 1.00 10.52 ? 45  ALA A O   1 
ATOM   319  C  CB  . ALA A 1 41  ? 4.184   -1.295  -17.751 1.00 9.86  ? 45  ALA A CB  1 
ATOM   320  N  N   . ARG A 1 42  ? 7.234   -1.580  -18.681 1.00 9.25  ? 46  ARG A N   1 
ATOM   321  C  CA  . ARG A 1 42  ? 8.272   -2.493  -19.119 1.00 9.97  ? 46  ARG A CA  1 
ATOM   322  C  C   . ARG A 1 42  ? 9.664   -2.130  -18.617 1.00 10.62 ? 46  ARG A C   1 
ATOM   323  O  O   . ARG A 1 42  ? 10.580  -2.925  -18.789 1.00 11.89 ? 46  ARG A O   1 
ATOM   324  C  CB  . ARG A 1 42  ? 8.268   -2.617  -20.658 1.00 10.70 ? 46  ARG A CB  1 
ATOM   325  C  CG  . ARG A 1 42  ? 7.044   -3.403  -21.119 1.00 12.55 ? 46  ARG A CG  1 
ATOM   326  C  CD  . ARG A 1 42  ? 6.915   -3.539  -22.618 1.00 16.32 ? 46  ARG A CD  1 
ATOM   327  N  NE  . ARG A 1 42  ? 5.707   -4.304  -22.906 1.00 15.76 ? 46  ARG A NE  1 
ATOM   328  C  CZ  . ARG A 1 42  ? 5.507   -5.026  -24.010 1.00 17.76 ? 46  ARG A CZ  1 
ATOM   329  N  NH1 . ARG A 1 42  ? 6.456   -5.110  -24.934 1.00 17.87 ? 46  ARG A NH1 1 
ATOM   330  N  NH2 . ARG A 1 42  ? 4.361   -5.699  -24.152 1.00 17.45 ? 46  ARG A NH2 1 
ATOM   331  N  N   . SER A 1 43  ? 9.803   -0.965  -17.976 1.00 10.08 ? 47  SER A N   1 
ATOM   332  C  CA  . SER A 1 43  ? 11.100  -0.527  -17.432 1.00 10.03 ? 47  SER A CA  1 
ATOM   333  C  C   . SER A 1 43  ? 11.517  -1.371  -16.229 1.00 9.95  ? 47  SER A C   1 
ATOM   334  O  O   . SER A 1 43  ? 10.725  -2.102  -15.639 1.00 9.66  ? 47  SER A O   1 
ATOM   335  C  CB  . SER A 1 43  ? 11.030  0.947   -17.019 1.00 10.22 ? 47  SER A CB  1 
ATOM   336  O  OG  . SER A 1 43  ? 10.248  1.078   -15.839 1.00 11.21 ? 47  SER A OG  1 
ATOM   337  N  N   . ASP A 1 44  ? 12.776  -1.277  -15.828 1.00 9.62  ? 48  ASP A N   1 
ATOM   338  C  CA  . ASP A 1 44  ? 13.208  -1.996  -14.634 1.00 10.57 ? 48  ASP A CA  1 
ATOM   339  C  C   . ASP A 1 44  ? 12.345  -1.626  -13.426 1.00 9.45  ? 48  ASP A C   1 
ATOM   340  O  O   . ASP A 1 44  ? 11.890  -2.500  -12.688 1.00 9.14  ? 48  ASP A O   1 
ATOM   341  C  CB  . ASP A 1 44  ? 14.664  -1.688  -14.313 1.00 10.70 ? 48  ASP A CB  1 
ATOM   342  C  CG  . ASP A 1 44  ? 15.599  -2.217  -15.336 1.00 14.00 ? 48  ASP A CG  1 
ATOM   343  O  OD1 . ASP A 1 44  ? 15.483  -3.391  -15.723 1.00 18.39 ? 48  ASP A OD1 1 
ATOM   344  O  OD2 . ASP A 1 44  ? 16.499  -1.463  -15.728 1.00 12.70 ? 48  ASP A OD2 1 
ATOM   345  N  N   . ARG A 1 45  ? 12.113  -0.325  -13.229 1.00 9.83  ? 49  ARG A N   1 
ATOM   346  C  CA  . ARG A 1 45  ? 11.341  0.103   -12.042 1.00 8.59  ? 49  ARG A CA  1 
ATOM   347  C  C   . ARG A 1 45  ? 9.884   -0.314  -12.141 1.00 8.44  ? 49  ARG A C   1 
ATOM   348  O  O   . ARG A 1 45  ? 9.247   -0.623  -11.123 1.00 7.29  ? 49  ARG A O   1 
ATOM   349  C  CB  . ARG A 1 45  ? 11.435  1.624   -11.863 1.00 8.51  ? 49  ARG A CB  1 
ATOM   350  C  CG  . ARG A 1 45  ? 12.758  2.082   -11.209 1.00 8.23  ? 49  ARG A CG  1 
ATOM   351  C  CD  . ARG A 1 45  ? 12.741  3.574   -10.923 1.00 9.50  ? 49  ARG A CD  1 
ATOM   352  N  NE  . ARG A 1 45  ? 12.754  4.338   -12.176 1.00 9.83  ? 49  ARG A NE  1 
ATOM   353  C  CZ  . ARG A 1 45  ? 12.282  5.580   -12.330 1.00 10.01 ? 49  ARG A CZ  1 
ATOM   354  N  NH1 . ARG A 1 45  ? 11.736  6.262   -11.315 1.00 9.66  ? 49  ARG A NH1 1 
ATOM   355  N  NH2 . ARG A 1 45  ? 12.355  6.149   -13.518 1.00 13.23 ? 49  ARG A NH2 1 
ATOM   356  N  N   . GLY A 1 46  ? 9.347   -0.331  -13.365 1.00 7.23  ? 50  GLY A N   1 
ATOM   357  C  CA  . GLY A 1 46  ? 7.945   -0.763  -13.585 1.00 7.01  ? 50  GLY A CA  1 
ATOM   358  C  C   . GLY A 1 46  ? 7.780   -2.237  -13.259 1.00 8.30  ? 50  GLY A C   1 
ATOM   359  O  O   . GLY A 1 46  ? 6.859   -2.638  -12.523 1.00 8.12  ? 50  GLY A O   1 
ATOM   360  N  N   . GLN A 1 47  ? 8.702   -3.049  -13.755 1.00 8.28  ? 51  GLN A N   1 
ATOM   361  C  CA  . GLN A 1 47  ? 8.668   -4.485  -13.466 1.00 8.34  ? 51  GLN A CA  1 
ATOM   362  C  C   . GLN A 1 47  ? 8.824   -4.760  -11.977 1.00 8.19  ? 51  GLN A C   1 
ATOM   363  O  O   . GLN A 1 47  ? 8.143   -5.650  -11.434 1.00 9.06  ? 51  GLN A O   1 
ATOM   364  C  CB  . GLN A 1 47  ? 9.710   -5.244  -14.303 1.00 8.79  ? 51  GLN A CB  1 
ATOM   365  C  CG  . GLN A 1 47  ? 9.384   -5.253  -15.779 1.00 10.03 ? 51  GLN A CG  1 
ATOM   366  C  CD  . GLN A 1 47  ? 8.066   -5.925  -16.038 1.00 12.89 ? 51  GLN A CD  1 
ATOM   367  O  OE1 . GLN A 1 47  ? 7.068   -5.278  -16.366 1.00 14.50 ? 51  GLN A OE1 1 
ATOM   368  N  NE2 . GLN A 1 47  ? 8.021   -7.233  -15.812 1.00 9.78  ? 51  GLN A NE2 1 
ATOM   369  N  N   . ALA A 1 48  ? 9.678   -3.977  -11.294 1.00 7.04  ? 52  ALA A N   1 
ATOM   370  C  CA  . ALA A 1 48  ? 9.871   -4.184  -9.868  1.00 7.37  ? 52  ALA A CA  1 
ATOM   371  C  C   . ALA A 1 48  ? 8.607   -3.803  -9.102  1.00 7.16  ? 52  ALA A C   1 
ATOM   372  O  O   . ALA A 1 48  ? 8.303   -4.437  -8.106  1.00 7.70  ? 52  ALA A O   1 
ATOM   373  C  CB  . ALA A 1 48  ? 11.079  -3.405  -9.349  1.00 8.40  ? 52  ALA A CB  1 
ATOM   374  N  N   . LEU A 1 49  ? 7.881   -2.775  -9.553  1.00 6.62  ? 53  LEU A N   1 
ATOM   375  C  CA  . LEU A 1 49  ? 6.645   -2.394  -8.873  1.00 7.73  ? 53  LEU A CA  1 
ATOM   376  C  C   . LEU A 1 49  ? 5.550   -3.450  -9.023  1.00 7.43  ? 53  LEU A C   1 
ATOM   377  O  O   . LEU A 1 49  ? 4.908   -3.817  -8.049  1.00 7.03  ? 53  LEU A O   1 
ATOM   378  C  CB  . LEU A 1 49  ? 6.138   -1.020  -9.307  1.00 7.17  ? 53  LEU A CB  1 
ATOM   379  C  CG  . LEU A 1 49  ? 5.030   -0.472  -8.397  1.00 6.65  ? 53  LEU A CG  1 
ATOM   380  C  CD1 . LEU A 1 49  ? 5.623   -0.061  -7.058  1.00 9.01  ? 53  LEU A CD1 1 
ATOM   381  C  CD2 . LEU A 1 49  ? 4.349   0.690   -9.075  1.00 9.40  ? 53  LEU A CD2 1 
ATOM   382  N  N   . TYR A 1 50  ? 5.356   -3.956  -10.235 1.00 7.37  ? 54  TYR A N   1 
ATOM   383  C  CA  . TYR A 1 50  ? 4.379   -5.047  -10.421 1.00 7.28  ? 54  TYR A CA  1 
ATOM   384  C  C   . TYR A 1 50  ? 4.773   -6.270  -9.625  1.00 8.07  ? 54  TYR A C   1 
ATOM   385  O  O   . TYR A 1 50  ? 3.920   -6.891  -9.000  1.00 8.76  ? 54  TYR A O   1 
ATOM   386  C  CB  . TYR A 1 50  ? 4.233   -5.381  -11.905 1.00 8.89  ? 54  TYR A CB  1 
ATOM   387  C  CG  . TYR A 1 50  ? 3.300   -4.464  -12.641 1.00 8.54  ? 54  TYR A CG  1 
ATOM   388  C  CD1 . TYR A 1 50  ? 1.935   -4.513  -12.386 1.00 10.07 ? 54  TYR A CD1 1 
ATOM   389  C  CD2 . TYR A 1 50  ? 3.774   -3.550  -13.596 1.00 8.25  ? 54  TYR A CD2 1 
ATOM   390  C  CE1 . TYR A 1 50  ? 1.041   -3.676  -13.057 1.00 9.12  ? 54  TYR A CE1 1 
ATOM   391  C  CE2 . TYR A 1 50  ? 2.896   -2.712  -14.290 1.00 8.51  ? 54  TYR A CE2 1 
ATOM   392  C  CZ  . TYR A 1 50  ? 1.514   -2.784  -14.020 1.00 8.48  ? 54  TYR A CZ  1 
ATOM   393  O  OH  . TYR A 1 50  ? 0.612   -1.977  -14.673 1.00 12.15 ? 54  TYR A OH  1 
ATOM   394  N  N   . GLY A 1 51  ? 6.049   -6.638  -9.635  1.00 8.38  ? 55  GLY A N   1 
ATOM   395  C  CA  . GLY A 1 51  ? 6.495   -7.783  -8.850  1.00 8.50  ? 55  GLY A CA  1 
ATOM   396  C  C   . GLY A 1 51  ? 6.215   -7.607  -7.365  1.00 8.66  ? 55  GLY A C   1 
ATOM   397  O  O   . GLY A 1 51  ? 5.745   -8.534  -6.682  1.00 10.19 ? 55  GLY A O   1 
ATOM   398  N  N   . GLY A 1 52  ? 6.503   -6.417  -6.847  1.00 8.16  ? 56  GLY A N   1 
ATOM   399  C  CA  . GLY A 1 52  ? 6.251   -6.175  -5.425  1.00 7.88  ? 56  GLY A CA  1 
ATOM   400  C  C   . GLY A 1 52  ? 4.776   -6.176  -5.087  1.00 8.04  ? 56  GLY A C   1 
ATOM   401  O  O   . GLY A 1 52  ? 4.372   -6.679  -4.045  1.00 7.75  ? 56  GLY A O   1 
ATOM   402  N  N   . ALA A 1 53  ? 3.961   -5.628  -5.991  1.00 8.14  ? 57  ALA A N   1 
ATOM   403  C  CA  . ALA A 1 53  ? 2.518   -5.588  -5.781  1.00 7.17  ? 57  ALA A CA  1 
ATOM   404  C  C   . ALA A 1 53  ? 1.951   -6.999  -5.770  1.00 7.53  ? 57  ALA A C   1 
ATOM   405  O  O   . ALA A 1 53  ? 1.098   -7.312  -4.932  1.00 7.92  ? 57  ALA A O   1 
ATOM   406  C  CB  . ALA A 1 53  ? 1.840   -4.774  -6.867  1.00 8.16  ? 57  ALA A CB  1 
ATOM   407  N  N   . GLU A 1 54  ? 2.451   -7.859  -6.660  1.00 8.12  ? 58  GLU A N   1 
ATOM   408  C  CA  . GLU A 1 54  ? 1.986   -9.263  -6.694  1.00 9.02  ? 58  GLU A CA  1 
ATOM   409  C  C   . GLU A 1 54  ? 2.360   -9.986  -5.391  1.00 8.95  ? 58  GLU A C   1 
ATOM   410  O  O   . GLU A 1 54  ? 1.559   -10.783 -4.845  1.00 8.71  ? 58  GLU A O   1 
ATOM   411  C  CB  . GLU A 1 54  ? 2.521   -10.002 -7.923  1.00 9.33  ? 58  GLU A CB  1 
ATOM   412  C  CG  . GLU A 1 54  ? 1.847   -11.376 -8.170  1.00 12.60 ? 58  GLU A CG  1 
ATOM   413  C  CD  . GLU A 1 54  ? 2.430   -12.531 -7.371  1.00 16.61 ? 58  GLU A CD  1 
ATOM   414  O  OE1 . GLU A 1 54  ? 3.509   -12.371 -6.773  1.00 18.06 ? 58  GLU A OE1 1 
ATOM   415  O  OE2 . GLU A 1 54  ? 1.792   -13.616 -7.349  1.00 18.56 ? 58  GLU A OE2 1 
ATOM   416  N  N   . ALA A 1 55  ? 3.571   -9.722  -4.903  1.00 8.03  ? 59  ALA A N   1 
ATOM   417  C  CA  . ALA A 1 55  ? 4.017   -10.349 -3.663  1.00 7.79  ? 59  ALA A CA  1 
ATOM   418  C  C   . ALA A 1 55  ? 3.163   -9.895  -2.472  1.00 8.96  ? 59  ALA A C   1 
ATOM   419  O  O   . ALA A 1 55  ? 2.872   -10.691 -1.580  1.00 10.74 ? 59  ALA A O   1 
ATOM   420  C  CB  . ALA A 1 55  ? 5.485   -10.033 -3.430  1.00 8.52  ? 59  ALA A CB  1 
ATOM   421  N  N   . LEU A 1 56  ? 2.759   -8.631  -2.474  1.00 9.15  ? 60  LEU A N   1 
ATOM   422  C  CA  . LEU A 1 56  ? 1.914   -8.129  -1.384  1.00 8.93  ? 60  LEU A CA  1 
ATOM   423  C  C   . LEU A 1 56  ? 0.542   -8.790  -1.454  1.00 8.95  ? 60  LEU A C   1 
ATOM   424  O  O   . LEU A 1 56  ? -0.006  -9.160  -0.424  1.00 9.61  ? 60  LEU A O   1 
ATOM   425  C  CB  . LEU A 1 56  ? 1.809   -6.605  -1.419  1.00 10.29 ? 60  LEU A CB  1 
ATOM   426  C  CG  . LEU A 1 56  ? 0.988   -5.898  -0.331  1.00 12.21 ? 60  LEU A CG  1 
ATOM   427  C  CD1 . LEU A 1 56  ? 1.301   -6.443  1.058   1.00 12.52 ? 60  LEU A CD1 1 
ATOM   428  C  CD2 . LEU A 1 56  ? 1.287   -4.413  -0.401  1.00 14.83 ? 60  LEU A CD2 1 
ATOM   429  N  N   . TRP A 1 57  ? -0.020  -8.897  -2.657  1.00 8.12  ? 61  TRP A N   1 
ATOM   430  C  CA  . TRP A 1 57  ? -1.244  -9.635  -2.840  1.00 8.59  ? 61  TRP A CA  1 
ATOM   431  C  C   . TRP A 1 57  ? -1.130  -11.043 -2.252  1.00 8.96  ? 61  TRP A C   1 
ATOM   432  O  O   . TRP A 1 57  ? -2.019  -11.461 -1.512  1.00 8.74  ? 61  TRP A O   1 
ATOM   433  C  CB  . TRP A 1 57  ? -1.596  -9.702  -4.339  1.00 8.82  ? 61  TRP A CB  1 
ATOM   434  C  CG  . TRP A 1 57  ? -2.476  -10.872 -4.653  1.00 9.25  ? 61  TRP A CG  1 
ATOM   435  C  CD1 . TRP A 1 57  ? -2.133  -11.986 -5.379  1.00 8.77  ? 61  TRP A CD1 1 
ATOM   436  C  CD2 . TRP A 1 57  ? -3.840  -11.067 -4.227  1.00 9.87  ? 61  TRP A CD2 1 
ATOM   437  N  NE1 . TRP A 1 57  ? -3.205  -12.853 -5.455  1.00 11.53 ? 61  TRP A NE1 1 
ATOM   438  C  CE2 . TRP A 1 57  ? -4.258  -12.320 -4.747  1.00 8.96  ? 61  TRP A CE2 1 
ATOM   439  C  CE3 . TRP A 1 57  ? -4.749  -10.306 -3.465  1.00 11.11 ? 61  TRP A CE3 1 
ATOM   440  C  CZ2 . TRP A 1 57  ? -5.554  -12.824 -4.539  1.00 10.81 ? 61  TRP A CZ2 1 
ATOM   441  C  CZ3 . TRP A 1 57  ? -6.033  -10.827 -3.243  1.00 11.08 ? 61  TRP A CZ3 1 
ATOM   442  C  CH2 . TRP A 1 57  ? -6.423  -12.068 -3.784  1.00 8.77  ? 61  TRP A CH2 1 
ATOM   443  N  N   . GLN A 1 58  ? -0.063  -11.770 -2.588  1.00 9.81  ? 62  GLN A N   1 
ATOM   444  C  CA  . GLN A 1 58  ? 0.090   -13.138 -2.060  1.00 10.56 ? 62  GLN A CA  1 
ATOM   445  C  C   . GLN A 1 58  ? 0.187   -13.128 -0.546  1.00 11.47 ? 62  GLN A C   1 
ATOM   446  O  O   . GLN A 1 58  ? -0.337  -14.027 0.109   1.00 12.14 ? 62  GLN A O   1 
ATOM   447  C  CB  . GLN A 1 58  ? 1.297   -13.858 -2.647  1.00 12.07 ? 62  GLN A CB  1 
ATOM   448  C  CG  . GLN A 1 58  ? 1.203   -14.089 -4.154  1.00 12.80 ? 62  GLN A CG  1 
ATOM   449  C  CD  . GLN A 1 58  ? 0.015   -14.951 -4.633  1.00 16.10 ? 62  GLN A CD  1 
ATOM   450  O  OE1 . GLN A 1 58  ? -0.242  -15.046 -5.845  1.00 19.73 ? 62  GLN A OE1 1 
ATOM   451  N  NE2 . GLN A 1 58  ? -0.719  -15.556 -3.702  1.00 17.33 ? 62  GLN A NE2 1 
ATOM   452  N  N   . GLY A 1 59  ? 0.824   -12.104 0.007   1.00 10.98 ? 63  GLY A N   1 
ATOM   453  C  CA  . GLY A 1 59  ? 0.931   -12.000 1.468   1.00 12.47 ? 63  GLY A CA  1 
ATOM   454  C  C   . GLY A 1 59  ? -0.437  -11.811 2.090   1.00 12.61 ? 63  GLY A C   1 
ATOM   455  O  O   . GLY A 1 59  ? -0.760  -12.416 3.115   1.00 14.51 ? 63  GLY A O   1 
ATOM   456  N  N   . LEU A 1 60  ? -1.256  -10.956 1.483   1.00 12.17 ? 64  LEU A N   1 
ATOM   457  C  CA  . LEU A 1 60  ? -2.579  -10.723 2.051   1.00 12.30 ? 64  LEU A CA  1 
ATOM   458  C  C   . LEU A 1 60  ? -3.492  -11.924 1.855   1.00 12.06 ? 64  LEU A C   1 
ATOM   459  O  O   . LEU A 1 60  ? -4.217  -12.321 2.786   1.00 12.35 ? 64  LEU A O   1 
ATOM   460  C  CB  . LEU A 1 60  ? -3.213  -9.447  1.476   1.00 12.09 ? 64  LEU A CB  1 
ATOM   461  C  CG  . LEU A 1 60  ? -4.530  -9.014  2.118   1.00 12.70 ? 64  LEU A CG  1 
ATOM   462  C  CD1 . LEU A 1 60  ? -4.384  -8.747  3.621   1.00 12.82 ? 64  LEU A CD1 1 
ATOM   463  C  CD2 . LEU A 1 60  ? -5.124  -7.817  1.408   1.00 13.11 ? 64  LEU A CD2 1 
ATOM   464  N  N   . ALA A 1 61  ? -3.482  -12.481 0.646   1.00 11.82 ? 65  ALA A N   1 
ATOM   465  C  CA  . ALA A 1 61  ? -4.279  -13.666 0.339   1.00 11.90 ? 65  ALA A CA  1 
ATOM   466  C  C   . ALA A 1 61  ? -3.915  -14.809 1.293   1.00 13.17 ? 65  ALA A C   1 
ATOM   467  O  O   . ALA A 1 61  ? -4.809  -15.535 1.752   1.00 13.41 ? 65  ALA A O   1 
ATOM   468  C  CB  . ALA A 1 61  ? -4.082  -14.079 -1.128  1.00 11.09 ? 65  ALA A CB  1 
ATOM   469  N  N   . GLY A 1 62  ? -2.622  -14.958 1.606   1.00 14.12 ? 66  GLY A N   1 
ATOM   470  C  CA  . GLY A 1 62  ? -2.165  -16.022 2.530   1.00 15.51 ? 66  GLY A CA  1 
ATOM   471  C  C   . GLY A 1 62  ? -2.789  -15.912 3.911   1.00 16.48 ? 66  GLY A C   1 
ATOM   472  O  O   . GLY A 1 62  ? -3.093  -16.935 4.568   1.00 18.23 ? 66  GLY A O   1 
ATOM   473  N  N   . ILE A 1 63  ? -3.002  -14.681 4.356   1.00 16.22 ? 67  ILE A N   1 
ATOM   474  C  CA  . ILE A 1 63  ? -3.620  -14.403 5.654   1.00 16.47 ? 67  ILE A CA  1 
ATOM   475  C  C   . ILE A 1 63  ? -5.149  -14.504 5.617   1.00 16.15 ? 67  ILE A C   1 
ATOM   476  O  O   . ILE A 1 63  ? -5.752  -15.069 6.534   1.00 17.46 ? 67  ILE A O   1 
ATOM   477  C  CB  . ILE A 1 63  ? -3.207  -13.001 6.165   1.00 17.62 ? 67  ILE A CB  1 
ATOM   478  C  CG1 . ILE A 1 63  ? -1.740  -13.031 6.615   1.00 18.61 ? 67  ILE A CG1 1 
ATOM   479  C  CG2 . ILE A 1 63  ? -4.145  -12.503 7.272   1.00 19.41 ? 67  ILE A CG2 1 
ATOM   480  C  CD1 . ILE A 1 63  ? -0.994  -11.688 6.462   1.00 20.20 ? 67  ILE A CD1 1 
ATOM   481  N  N   . ALA A 1 64  ? -5.761  -13.984 4.554   1.00 14.67 ? 68  ALA A N   1 
ATOM   482  C  CA  . ALA A 1 64  ? -7.203  -13.666 4.533   1.00 14.80 ? 68  ALA A CA  1 
ATOM   483  C  C   . ALA A 1 64  ? -8.085  -14.516 3.621   1.00 14.35 ? 68  ALA A C   1 
ATOM   484  O  O   . ALA A 1 64  ? -9.296  -14.632 3.873   1.00 14.53 ? 68  ALA A O   1 
ATOM   485  C  CB  . ALA A 1 64  ? -7.401  -12.188 4.182   1.00 14.72 ? 68  ALA A CB  1 
ATOM   486  N  N   . ASP A 1 65  ? -7.506  -15.101 2.578   1.00 14.00 ? 69  ASP A N   1 
ATOM   487  C  CA  . ASP A 1 65  ? -8.299  -15.834 1.592   1.00 14.33 ? 69  ASP A CA  1 
ATOM   488  C  C   . ASP A 1 65  ? -8.493  -17.266 2.061   1.00 16.05 ? 69  ASP A C   1 
ATOM   489  O  O   . ASP A 1 65  ? -7.826  -18.176 1.580   1.00 17.78 ? 69  ASP A O   1 
ATOM   490  C  CB  . ASP A 1 65  ? -7.640  -15.812 0.199   1.00 13.54 ? 69  ASP A CB  1 
ATOM   491  C  CG  . ASP A 1 65  ? -8.448  -16.550 -0.845  1.00 14.50 ? 69  ASP A CG  1 
ATOM   492  O  OD1 . ASP A 1 65  ? -9.669  -16.657 -0.690  1.00 16.43 ? 69  ASP A OD1 1 
ATOM   493  O  OD2 . ASP A 1 65  ? -7.855  -17.020 -1.834  1.00 14.38 ? 69  ASP A OD2 1 
ATOM   494  N  N   . ARG A 1 66  ? -9.439  -17.465 2.967   1.00 17.16 ? 70  ARG A N   1 
ATOM   495  C  CA  . ARG A 1 66  ? -9.543  -18.760 3.642   1.00 19.15 ? 70  ARG A CA  1 
ATOM   496  C  C   . ARG A 1 66  ? -10.260 -19.865 2.846   1.00 19.41 ? 70  ARG A C   1 
ATOM   497  O  O   . ARG A 1 66  ? -10.084 -21.047 3.158   1.00 21.59 ? 70  ARG A O   1 
ATOM   498  C  CB  . ARG A 1 66  ? -10.049 -18.608 5.082   1.00 20.01 ? 70  ARG A CB  1 
ATOM   499  C  CG  . ARG A 1 66  ? -8.982  -18.055 6.064   1.00 21.77 ? 70  ARG A CG  1 
ATOM   500  C  CD  . ARG A 1 66  ? -7.713  -18.939 6.112   1.00 23.90 ? 70  ARG A CD  1 
ATOM   501  N  NE  . ARG A 1 66  ? -6.502  -18.182 6.454   1.00 28.17 ? 70  ARG A NE  1 
ATOM   502  C  CZ  . ARG A 1 66  ? -5.738  -18.415 7.523   1.00 30.66 ? 70  ARG A CZ  1 
ATOM   503  N  NH1 . ARG A 1 66  ? -6.035  -19.406 8.364   1.00 31.82 ? 70  ARG A NH1 1 
ATOM   504  N  NH2 . ARG A 1 66  ? -4.663  -17.668 7.743   1.00 32.12 ? 70  ARG A NH2 1 
ATOM   505  N  N   . ASP A 1 67  ? -11.009 -19.498 1.803   1.00 18.85 ? 71  ASP A N   1 
ATOM   506  C  CA  . ASP A 1 67  ? -11.650 -20.491 0.936   1.00 18.13 ? 71  ASP A CA  1 
ATOM   507  C  C   . ASP A 1 67  ? -10.917 -20.706 -0.403  1.00 18.18 ? 71  ASP A C   1 
ATOM   508  O  O   . ASP A 1 67  ? -11.382 -21.476 -1.255  1.00 18.86 ? 71  ASP A O   1 
ATOM   509  C  CB  . ASP A 1 67  ? -13.149 -20.194 0.745   1.00 18.65 ? 71  ASP A CB  1 
ATOM   510  C  CG  . ASP A 1 67  ? -13.410 -18.925 -0.045  1.00 18.61 ? 71  ASP A CG  1 
ATOM   511  O  OD1 . ASP A 1 67  ? -12.431 -18.242 -0.414  1.00 16.40 ? 71  ASP A OD1 1 
ATOM   512  O  OD2 . ASP A 1 67  ? -14.592 -18.599 -0.301  1.00 20.65 ? 71  ASP A OD2 1 
ATOM   513  N  N   . GLY A 1 68  ? -9.778  -20.035 -0.560  1.00 17.14 ? 72  GLY A N   1 
ATOM   514  C  CA  . GLY A 1 68  ? -8.845  -20.313 -1.665  1.00 16.36 ? 72  GLY A CA  1 
ATOM   515  C  C   . GLY A 1 68  ? -9.254  -19.874 -3.061  1.00 15.93 ? 72  GLY A C   1 
ATOM   516  O  O   . GLY A 1 68  ? -8.586  -20.223 -4.038  1.00 17.09 ? 72  GLY A O   1 
ATOM   517  N  N   . ASP A 1 69  ? -10.328 -19.100 -3.172  1.00 14.44 ? 73  ASP A N   1 
ATOM   518  C  CA  . ASP A 1 69  ? -10.851 -18.703 -4.466  1.00 13.69 ? 73  ASP A CA  1 
ATOM   519  C  C   . ASP A 1 69  ? -10.160 -17.460 -5.022  1.00 12.94 ? 73  ASP A C   1 
ATOM   520  O  O   . ASP A 1 69  ? -10.551 -16.966 -6.070  1.00 12.10 ? 73  ASP A O   1 
ATOM   521  C  CB  . ASP A 1 69  ? -12.375 -18.532 -4.431  1.00 13.89 ? 73  ASP A CB  1 
ATOM   522  C  CG  . ASP A 1 69  ? -12.834 -17.308 -3.639  1.00 13.72 ? 73  ASP A CG  1 
ATOM   523  O  OD1 . ASP A 1 69  ? -12.026 -16.708 -2.868  1.00 13.35 ? 73  ASP A OD1 1 
ATOM   524  O  OD2 . ASP A 1 69  ? -14.027 -16.935 -3.799  1.00 16.56 ? 73  ASP A OD2 1 
ATOM   525  N  N   . GLN A 1 70  ? -9.138  -16.962 -4.313  1.00 12.01 ? 74  GLN A N   1 
ATOM   526  C  CA  . GLN A 1 70  ? -8.328  -15.827 -4.799  1.00 11.18 ? 74  GLN A CA  1 
ATOM   527  C  C   . GLN A 1 70  ? -9.134  -14.526 -4.974  1.00 11.49 ? 74  GLN A C   1 
ATOM   528  O  O   . GLN A 1 70  ? -8.856  -13.689 -5.844  1.00 12.19 ? 74  GLN A O   1 
ATOM   529  C  CB  . GLN A 1 70  ? -7.532  -16.257 -6.054  1.00 10.65 ? 74  GLN A CB  1 
ATOM   530  C  CG  . GLN A 1 70  ? -6.504  -17.358 -5.716  1.00 11.17 ? 74  GLN A CG  1 
ATOM   531  C  CD  . GLN A 1 70  ? -5.861  -18.016 -6.931  1.00 12.63 ? 74  GLN A CD  1 
ATOM   532  O  OE1 . GLN A 1 70  ? -6.232  -17.751 -8.077  1.00 12.04 ? 74  GLN A OE1 1 
ATOM   533  N  NE2 . GLN A 1 70  ? -4.896  -18.892 -6.668  1.00 14.51 ? 74  GLN A NE2 1 
ATOM   534  N  N   . ARG A 1 71  ? -10.168 -14.404 -4.139  1.00 11.19 ? 75  ARG A N   1 
ATOM   535  C  CA  . ARG A 1 71  ? -10.912 -13.176 -3.876  1.00 13.02 ? 75  ARG A CA  1 
ATOM   536  C  C   . ARG A 1 71  ? -10.960 -13.093 -2.350  1.00 12.48 ? 75  ARG A C   1 
ATOM   537  O  O   . ARG A 1 71  ? -11.204 -14.110 -1.659  1.00 13.23 ? 75  ARG A O   1 
ATOM   538  C  CB  . ARG A 1 71  ? -12.351 -13.236 -4.415  1.00 13.70 ? 75  ARG A CB  1 
ATOM   539  C  CG  . ARG A 1 71  ? -12.477 -13.279 -5.936  1.00 15.53 ? 75  ARG A CG  1 
ATOM   540  C  CD  . ARG A 1 71  ? -13.939 -13.267 -6.357  1.00 15.99 ? 75  ARG A CD  1 
ATOM   541  N  NE  . ARG A 1 71  ? -14.533 -14.555 -6.055  1.00 21.84 ? 75  ARG A NE  1 
ATOM   542  C  CZ  . ARG A 1 71  ? -14.652 -15.529 -6.942  1.00 24.01 ? 75  ARG A CZ  1 
ATOM   543  N  NH1 . ARG A 1 71  ? -14.229 -15.327 -8.187  1.00 27.52 ? 75  ARG A NH1 1 
ATOM   544  N  NH2 . ARG A 1 71  ? -15.201 -16.685 -6.591  1.00 26.44 ? 75  ARG A NH2 1 
ATOM   545  N  N   . ILE A 1 72  ? -10.690 -11.915 -1.802  1.00 11.64 ? 76  ILE A N   1 
ATOM   546  C  CA  . ILE A 1 72  ? -10.848 -11.721 -0.359  1.00 12.25 ? 76  ILE A CA  1 
ATOM   547  C  C   . ILE A 1 72  ? -12.091 -10.874 -0.145  1.00 11.01 ? 76  ILE A C   1 
ATOM   548  O  O   . ILE A 1 72  ? -12.118 -9.697  -0.505  1.00 10.95 ? 76  ILE A O   1 
ATOM   549  C  CB  . ILE A 1 72  ? -9.646  -10.974 0.254   1.00 11.81 ? 76  ILE A CB  1 
ATOM   550  C  CG1 . ILE A 1 72  ? -8.348  -11.748 -0.018  1.00 13.57 ? 76  ILE A CG1 1 
ATOM   551  C  CG2 . ILE A 1 72  ? -9.868  -10.758 1.760   1.00 13.00 ? 76  ILE A CG2 1 
ATOM   552  C  CD1 . ILE A 1 72  ? -7.064  -10.918 0.227   1.00 14.36 ? 76  ILE A CD1 1 
ATOM   553  N  N   . THR A 1 73  ? -13.138 -11.482 0.411   1.00 12.47 ? 77  THR A N   1 
ATOM   554  C  CA  . THR A 1 73  ? -14.378 -10.766 0.672   1.00 12.88 ? 77  THR A CA  1 
ATOM   555  C  C   . THR A 1 73  ? -14.248 -9.840  1.881   1.00 13.19 ? 77  THR A C   1 
ATOM   556  O  O   . THR A 1 73  ? -13.331 -10.005 2.701   1.00 12.59 ? 77  THR A O   1 
ATOM   557  C  CB  . THR A 1 73  ? -15.551 -11.739 0.912   1.00 13.13 ? 77  THR A CB  1 
ATOM   558  O  OG1 . THR A 1 73  ? -15.251 -12.560 2.039   1.00 13.85 ? 77  THR A OG1 1 
ATOM   559  C  CG2 . THR A 1 73  ? -15.791 -12.610 -0.294  1.00 13.77 ? 77  THR A CG2 1 
ATOM   560  N  N   . ARG A 1 74  ? -15.161 -8.867  1.962   1.00 15.16 ? 78  ARG A N   1 
ATOM   561  C  CA  . ARG A 1 74  ? -15.311 -8.049  3.158   1.00 16.89 ? 78  ARG A CA  1 
ATOM   562  C  C   . ARG A 1 74  ? -15.364 -8.931  4.403   1.00 17.70 ? 78  ARG A C   1 
ATOM   563  O  O   . ARG A 1 74  ? -14.635 -8.692  5.368   1.00 18.57 ? 78  ARG A O   1 
ATOM   564  C  CB  . ARG A 1 74  ? -16.579 -7.211  3.046   1.00 17.64 ? 78  ARG A CB  1 
ATOM   565  C  CG  . ARG A 1 74  ? -16.575 -5.928  3.880   1.00 19.97 ? 78  ARG A CG  1 
ATOM   566  C  CD  . ARG A 1 74  ? -17.789 -5.071  3.540   1.00 23.26 ? 78  ARG A CD  1 
ATOM   567  N  NE  . ARG A 1 74  ? -17.733 -4.526  2.183   1.00 28.78 ? 78  ARG A NE  1 
ATOM   568  C  CZ  . ARG A 1 74  ? -17.157 -3.373  1.858   1.00 30.92 ? 78  ARG A CZ  1 
ATOM   569  N  NH1 . ARG A 1 74  ? -16.568 -2.632  2.792   1.00 33.21 ? 78  ARG A NH1 1 
ATOM   570  N  NH2 . ARG A 1 74  ? -17.169 -2.960  0.595   1.00 32.62 ? 78  ARG A NH2 1 
ATOM   571  N  N   . GLU A 1 75  ? -16.190 -9.980  4.364   1.00 18.29 ? 79  GLU A N   1 
ATOM   572  C  CA  . GLU A 1 75  ? -16.334 -10.896 5.499   1.00 19.15 ? 79  GLU A CA  1 
ATOM   573  C  C   . GLU A 1 75  ? -15.024 -11.581 5.888   1.00 18.69 ? 79  GLU A C   1 
ATOM   574  O  O   . GLU A 1 75  ? -14.672 -11.625 7.075   1.00 19.30 ? 79  GLU A O   1 
ATOM   575  C  CB  . GLU A 1 75  ? -17.446 -11.922 5.231   1.00 19.92 ? 79  GLU A CB  1 
ATOM   576  C  CG  . GLU A 1 75  ? -18.035 -12.585 6.475   1.00 24.27 ? 79  GLU A CG  1 
ATOM   577  C  CD  . GLU A 1 75  ? -18.793 -11.625 7.392   1.00 28.78 ? 79  GLU A CD  1 
ATOM   578  O  OE1 . GLU A 1 75  ? -18.953 -10.432 7.052   1.00 30.28 ? 79  GLU A OE1 1 
ATOM   579  O  OE2 . GLU A 1 75  ? -19.232 -12.072 8.472   1.00 31.32 ? 79  GLU A OE2 1 
ATOM   580  N  N   . GLU A 1 76  ? -14.290 -12.092 4.897   1.00 18.03 ? 80  GLU A N   1 
ATOM   581  C  CA  . GLU A 1 76  ? -12.978 -12.697 5.121   1.00 17.42 ? 80  GLU A CA  1 
ATOM   582  C  C   . GLU A 1 76  ? -11.984 -11.721 5.763   1.00 17.84 ? 80  GLU A C   1 
ATOM   583  O  O   . GLU A 1 76  ? -11.177 -12.097 6.637   1.00 17.97 ? 80  GLU A O   1 
ATOM   584  C  CB  . GLU A 1 76  ? -12.405 -13.226 3.799   1.00 17.38 ? 80  GLU A CB  1 
ATOM   585  C  CG  . GLU A 1 76  ? -12.985 -14.569 3.396   1.00 16.26 ? 80  GLU A CG  1 
ATOM   586  C  CD  . GLU A 1 76  ? -12.477 -15.057 2.042   1.00 16.56 ? 80  GLU A CD  1 
ATOM   587  O  OE1 . GLU A 1 76  ? -12.359 -14.243 1.119   1.00 15.13 ? 80  GLU A OE1 1 
ATOM   588  O  OE2 . GLU A 1 76  ? -12.207 -16.258 1.899   1.00 15.43 ? 80  GLU A OE2 1 
ATOM   589  N  N   . PHE A 1 77  ? -12.037 -10.476 5.316   1.00 18.11 ? 81  PHE A N   1 
ATOM   590  C  CA  . PHE A 1 77  ? -11.152 -9.451  5.855   1.00 18.64 ? 81  PHE A CA  1 
ATOM   591  C  C   . PHE A 1 77  ? -11.522 -9.083  7.287   1.00 19.91 ? 81  PHE A C   1 
ATOM   592  O  O   . PHE A 1 77  ? -10.650 -9.041  8.139   1.00 19.28 ? 81  PHE A O   1 
ATOM   593  C  CB  . PHE A 1 77  ? -11.157 -8.209  4.969   1.00 17.64 ? 81  PHE A CB  1 
ATOM   594  C  CG  . PHE A 1 77  ? -10.118 -7.199  5.353   1.00 16.06 ? 81  PHE A CG  1 
ATOM   595  C  CD1 . PHE A 1 77  ? -8.801  -7.343  4.918   1.00 15.45 ? 81  PHE A CD1 1 
ATOM   596  C  CD2 . PHE A 1 77  ? -10.444 -6.110  6.154   1.00 15.54 ? 81  PHE A CD2 1 
ATOM   597  C  CE1 . PHE A 1 77  ? -7.820  -6.417  5.277   1.00 17.03 ? 81  PHE A CE1 1 
ATOM   598  C  CE2 . PHE A 1 77  ? -9.468  -5.186  6.505   1.00 14.58 ? 81  PHE A CE2 1 
ATOM   599  C  CZ  . PHE A 1 77  ? -8.167  -5.333  6.072   1.00 16.97 ? 81  PHE A CZ  1 
ATOM   600  N  N   . VAL A 1 78  ? -12.809 -8.829  7.532   1.00 20.88 ? 82  VAL A N   1 
ATOM   601  C  CA  . VAL A 1 78  ? -13.307 -8.413  8.853   1.00 22.84 ? 82  VAL A CA  1 
ATOM   602  C  C   . VAL A 1 78  ? -13.146 -9.549  9.866   1.00 23.52 ? 82  VAL A C   1 
ATOM   603  O  O   . VAL A 1 78  ? -12.521 -9.355  10.911  1.00 24.75 ? 82  VAL A O   1 
ATOM   604  C  CB  . VAL A 1 78  ? -14.786 -7.909  8.789   1.00 22.54 ? 82  VAL A CB  1 
ATOM   605  C  CG1 . VAL A 1 78  ? -15.346 -7.643  10.186  1.00 23.91 ? 82  VAL A CG1 1 
ATOM   606  C  CG2 . VAL A 1 78  ? -14.896 -6.648  7.937   1.00 22.81 ? 82  VAL A CG2 1 
ATOM   607  N  N   . THR A 1 79  ? -13.677 -10.733 9.544   1.00 24.27 ? 83  THR A N   1 
ATOM   608  C  CA  . THR A 1 79  ? -13.686 -11.887 10.482  1.00 24.85 ? 83  THR A CA  1 
ATOM   609  C  C   . THR A 1 79  ? -12.333 -12.605 10.634  1.00 24.98 ? 83  THR A C   1 
ATOM   610  O  O   . THR A 1 79  ? -12.098 -13.307 11.628  1.00 26.51 ? 83  THR A O   1 
ATOM   611  C  CB  . THR A 1 79  ? -14.774 -12.954 10.107  1.00 25.36 ? 83  THR A CB  1 
ATOM   612  O  OG1 . THR A 1 79  ? -14.469 -13.508 8.816   1.00 25.02 ? 83  THR A OG1 1 
ATOM   613  C  CG2 . THR A 1 79  ? -16.189 -12.328 10.082  1.00 24.63 ? 83  THR A CG2 1 
ATOM   614  N  N   . GLY A 1 80  ? -11.451 -12.441 9.655   1.00 24.95 ? 84  GLY A N   1 
ATOM   615  C  CA  . GLY A 1 80  ? -10.177 -13.159 9.645   1.00 24.12 ? 84  GLY A CA  1 
ATOM   616  C  C   . GLY A 1 80  ? -8.962  -12.252 9.710   1.00 23.71 ? 84  GLY A C   1 
ATOM   617  O  O   . GLY A 1 80  ? -8.196  -12.297 10.683  1.00 24.29 ? 84  GLY A O   1 
ATOM   618  N  N   . ALA A 1 81  ? -8.812  -11.407 8.688   1.00 22.34 ? 85  ALA A N   1 
ATOM   619  C  CA  . ALA A 1 81  ? -7.582  -10.653 8.463   1.00 20.93 ? 85  ALA A CA  1 
ATOM   620  C  C   . ALA A 1 81  ? -7.245  -9.631  9.547   1.00 19.88 ? 85  ALA A C   1 
ATOM   621  O  O   . ALA A 1 81  ? -6.082  -9.472  9.888   1.00 19.66 ? 85  ALA A O   1 
ATOM   622  C  CB  . ALA A 1 81  ? -7.601  -9.969  7.080   1.00 21.12 ? 85  ALA A CB  1 
ATOM   623  N  N   . VAL A 1 82  ? -8.251  -8.938  10.064  1.00 18.90 ? 86  VAL A N   1 
ATOM   624  C  CA  . VAL A 1 82  ? -8.020  -7.862  11.039  1.00 18.72 ? 86  VAL A CA  1 
ATOM   625  C  C   . VAL A 1 82  ? -7.203  -8.311  12.253  1.00 19.15 ? 86  VAL A C   1 
ATOM   626  O  O   . VAL A 1 82  ? -6.196  -7.672  12.580  1.00 17.36 ? 86  VAL A O   1 
ATOM   627  C  CB  . VAL A 1 82  ? -9.337  -7.183  11.479  1.00 18.25 ? 86  VAL A CB  1 
ATOM   628  C  CG1 . VAL A 1 82  ? -9.089  -6.137  12.589  1.00 19.40 ? 86  VAL A CG1 1 
ATOM   629  C  CG2 . VAL A 1 82  ? -10.015 -6.552  10.289  1.00 18.41 ? 86  VAL A CG2 1 
ATOM   630  N  N   . LYS A 1 83  ? -7.643  -9.382  12.920  1.00 20.06 ? 87  LYS A N   1 
ATOM   631  C  CA  . LYS A 1 83  ? -6.926  -9.901  14.089  1.00 22.58 ? 87  LYS A CA  1 
ATOM   632  C  C   . LYS A 1 83  ? -5.520  -10.351 13.719  1.00 22.46 ? 87  LYS A C   1 
ATOM   633  O  O   . LYS A 1 83  ? -4.550  -9.985  14.380  1.00 22.75 ? 87  LYS A O   1 
ATOM   634  C  CB  . LYS A 1 83  ? -7.679  -11.053 14.770  1.00 22.40 ? 87  LYS A CB  1 
ATOM   635  C  CG  . LYS A 1 83  ? -6.798  -11.804 15.785  1.00 23.80 ? 87  LYS A CG  1 
ATOM   636  C  CD  . LYS A 1 83  ? -7.564  -12.781 16.670  1.00 25.23 ? 87  LYS A CD  1 
ATOM   637  C  CE  . LYS A 1 83  ? -6.607  -13.792 17.319  1.00 28.54 ? 87  LYS A CE  1 
ATOM   638  N  NZ  . LYS A 1 83  ? -6.011  -14.764 16.324  1.00 31.75 ? 87  LYS A NZ  1 
ATOM   639  N  N   . ARG A 1 84  ? -5.419  -11.144 12.656  1.00 23.42 ? 88  ARG A N   1 
ATOM   640  C  CA  . ARG A 1 84  ? -4.126  -11.643 12.207  1.00 23.92 ? 88  ARG A CA  1 
ATOM   641  C  C   . ARG A 1 84  ? -3.163  -10.494 11.876  1.00 23.66 ? 88  ARG A C   1 
ATOM   642  O  O   . ARG A 1 84  ? -1.988  -10.544 12.233  1.00 23.80 ? 88  ARG A O   1 
ATOM   643  C  CB  . ARG A 1 84  ? -4.286  -12.620 11.035  1.00 24.33 ? 88  ARG A CB  1 
ATOM   644  C  CG  . ARG A 1 84  ? -5.035  -13.903 11.395  1.00 27.16 ? 88  ARG A CG  1 
ATOM   645  C  CD  . ARG A 1 84  ? -4.513  -15.091 10.595  1.00 31.49 ? 88  ARG A CD  1 
ATOM   646  N  NE  . ARG A 1 84  ? -5.525  -16.126 10.385  1.00 35.24 ? 88  ARG A NE  1 
ATOM   647  C  CZ  . ARG A 1 84  ? -5.760  -17.142 11.214  1.00 36.95 ? 88  ARG A CZ  1 
ATOM   648  N  NH1 . ARG A 1 84  ? -5.067  -17.277 12.339  1.00 38.31 ? 88  ARG A NH1 1 
ATOM   649  N  NH2 . ARG A 1 84  ? -6.704  -18.024 10.921  1.00 37.64 ? 88  ARG A NH2 1 
ATOM   650  N  N   . LEU A 1 85  ? -3.657  -9.449  11.212  1.00 23.55 ? 89  LEU A N   1 
ATOM   651  C  CA  . LEU A 1 85  ? -2.820  -8.281  10.921  1.00 23.47 ? 89  LEU A CA  1 
ATOM   652  C  C   . LEU A 1 85  ? -2.386  -7.573  12.198  1.00 23.92 ? 89  LEU A C   1 
ATOM   653  O  O   . LEU A 1 85  ? -1.218  -7.193  12.328  1.00 24.37 ? 89  LEU A O   1 
ATOM   654  C  CB  . LEU A 1 85  ? -3.544  -7.291  10.008  1.00 22.44 ? 89  LEU A CB  1 
ATOM   655  C  CG  . LEU A 1 85  ? -3.740  -7.732  8.557   1.00 22.15 ? 89  LEU A CG  1 
ATOM   656  C  CD1 . LEU A 1 85  ? -4.556  -6.691  7.816   1.00 21.03 ? 89  LEU A CD1 1 
ATOM   657  C  CD2 . LEU A 1 85  ? -2.403  -7.975  7.872   1.00 21.80 ? 89  LEU A CD2 1 
ATOM   658  N  N   . ARG A 1 86  ? -3.329  -7.407  13.133  1.00 24.07 ? 90  ARG A N   1 
ATOM   659  C  CA  . ARG A 1 86  ? -3.055  -6.763  14.417  1.00 24.22 ? 90  ARG A CA  1 
ATOM   660  C  C   . ARG A 1 86  ? -2.042  -7.565  15.235  1.00 24.13 ? 90  ARG A C   1 
ATOM   661  O  O   . ARG A 1 86  ? -1.176  -6.981  15.889  1.00 24.76 ? 90  ARG A O   1 
ATOM   662  C  CB  . ARG A 1 86  ? -4.345  -6.574  15.232  1.00 24.12 ? 90  ARG A CB  1 
ATOM   663  C  CG  . ARG A 1 86  ? -4.106  -6.035  16.654  1.00 23.50 ? 90  ARG A CG  1 
ATOM   664  C  CD  . ARG A 1 86  ? -5.378  -6.025  17.511  1.00 25.20 ? 90  ARG A CD  1 
ATOM   665  N  NE  . ARG A 1 86  ? -6.467  -5.332  16.847  1.00 25.97 ? 90  ARG A NE  1 
ATOM   666  C  CZ  . ARG A 1 86  ? -7.636  -5.879  16.531  1.00 24.28 ? 90  ARG A CZ  1 
ATOM   667  N  NH1 . ARG A 1 86  ? -7.917  -7.145  16.847  1.00 26.10 ? 90  ARG A NH1 1 
ATOM   668  N  NH2 . ARG A 1 86  ? -8.535  -5.151  15.907  1.00 23.30 ? 90  ARG A NH2 1 
ATOM   669  N  N   . ASP A 1 87  ? -2.143  -8.890  15.175  1.00 24.10 ? 91  ASP A N   1 
ATOM   670  C  CA  . ASP A 1 87  ? -1.244  -9.774  15.929  1.00 24.26 ? 91  ASP A CA  1 
ATOM   671  C  C   . ASP A 1 87  ? 0.182   -9.839  15.372  1.00 24.07 ? 91  ASP A C   1 
ATOM   672  O  O   . ASP A 1 87  ? 1.139   -9.869  16.147  1.00 24.77 ? 91  ASP A O   1 
ATOM   673  C  CB  . ASP A 1 87  ? -1.839  -11.178 16.066  1.00 24.45 ? 91  ASP A CB  1 
ATOM   674  C  CG  . ASP A 1 87  ? -3.009  -11.238 17.045  1.00 26.09 ? 91  ASP A CG  1 
ATOM   675  O  OD1 . ASP A 1 87  ? -3.320  -10.230 17.716  1.00 28.90 ? 91  ASP A OD1 1 
ATOM   676  O  OD2 . ASP A 1 87  ? -3.619  -12.317 17.134  1.00 29.37 ? 91  ASP A OD2 1 
ATOM   677  N  N   . LYS A 1 88  ? 0.325   -9.849  14.042  1.00 23.27 ? 92  LYS A N   1 
ATOM   678  C  CA  . LYS A 1 88  ? 1.652   -9.891  13.401  1.00 22.91 ? 92  LYS A CA  1 
ATOM   679  C  C   . LYS A 1 88  ? 1.878   -8.776  12.334  1.00 21.34 ? 92  LYS A C   1 
ATOM   680  O  O   . LYS A 1 88  ? 2.154   -9.079  11.164  1.00 20.93 ? 92  LYS A O   1 
ATOM   681  C  CB  . LYS A 1 88  ? 1.957   -11.296 12.834  1.00 23.47 ? 92  LYS A CB  1 
ATOM   682  C  CG  . LYS A 1 88  ? 0.965   -11.813 11.785  1.00 25.33 ? 92  LYS A CG  1 
ATOM   683  C  CD  . LYS A 1 88  ? 1.367   -13.194 11.244  1.00 24.38 ? 92  LYS A CD  1 
ATOM   684  C  CE  . LYS A 1 88  ? 0.684   -13.515 9.901   1.00 26.51 ? 92  LYS A CE  1 
ATOM   685  N  NZ  . LYS A 1 88  ? 0.861   -14.952 9.487   1.00 26.35 ? 92  LYS A NZ  1 
ATOM   686  N  N   . PRO A 1 89  ? 1.797   -7.491  12.749  1.00 19.99 ? 93  PRO A N   1 
ATOM   687  C  CA  . PRO A 1 89  ? 1.903   -6.339  11.831  1.00 19.74 ? 93  PRO A CA  1 
ATOM   688  C  C   . PRO A 1 89  ? 3.265   -6.178  11.150  1.00 19.33 ? 93  PRO A C   1 
ATOM   689  O  O   . PRO A 1 89  ? 3.319   -5.853  9.944   1.00 18.19 ? 93  PRO A O   1 
ATOM   690  C  CB  . PRO A 1 89  ? 1.598   -5.135  12.741  1.00 19.95 ? 93  PRO A CB  1 
ATOM   691  C  CG  . PRO A 1 89  ? 1.913   -5.601  14.112  1.00 20.53 ? 93  PRO A CG  1 
ATOM   692  C  CD  . PRO A 1 89  ? 1.592   -7.053  14.143  1.00 20.18 ? 93  PRO A CD  1 
ATOM   693  N  N   . ASP A 1 90  ? 4.351   -6.391  11.897  1.00 18.06 ? 94  ASP A N   1 
ATOM   694  C  CA  . ASP A 1 90  ? 5.705   -6.269  11.344  1.00 17.42 ? 94  ASP A CA  1 
ATOM   695  C  C   . ASP A 1 90  ? 5.970   -7.325  10.275  1.00 16.68 ? 94  ASP A C   1 
ATOM   696  O  O   . ASP A 1 90  ? 6.601   -7.040  9.259   1.00 15.46 ? 94  ASP A O   1 
ATOM   697  C  CB  . ASP A 1 90  ? 6.762   -6.402  12.449  1.00 17.93 ? 94  ASP A CB  1 
ATOM   698  C  CG  . ASP A 1 90  ? 6.986   -5.114  13.216  1.00 21.44 ? 94  ASP A CG  1 
ATOM   699  O  OD1 . ASP A 1 90  ? 6.112   -4.217  13.179  1.00 24.73 ? 94  ASP A OD1 1 
ATOM   700  O  OD2 . ASP A 1 90  ? 8.058   -5.021  13.866  1.00 25.29 ? 94  ASP A OD2 1 
ATOM   701  N  N   . ARG A 1 91  ? 5.512   -8.550  10.518  1.00 16.27 ? 95  ARG A N   1 
ATOM   702  C  CA  . ARG A 1 91  ? 5.670   -9.616  9.530   1.00 16.47 ? 95  ARG A CA  1 
ATOM   703  C  C   . ARG A 1 91  ? 4.900   -9.277  8.244   1.00 16.06 ? 95  ARG A C   1 
ATOM   704  O  O   . ARG A 1 91  ? 5.405   -9.465  7.129   1.00 15.70 ? 95  ARG A O   1 
ATOM   705  C  CB  . ARG A 1 91  ? 5.225   -10.962 10.109  1.00 17.71 ? 95  ARG A CB  1 
ATOM   706  C  CG  . ARG A 1 91  ? 6.340   -11.738 10.825  1.00 19.98 ? 95  ARG A CG  1 
ATOM   707  C  CD  . ARG A 1 91  ? 6.119   -13.237 10.647  1.00 24.64 ? 95  ARG A CD  1 
ATOM   708  N  NE  . ARG A 1 91  ? 5.324   -13.763 11.736  1.00 26.35 ? 95  ARG A NE  1 
ATOM   709  C  CZ  . ARG A 1 91  ? 4.752   -14.962 11.770  1.00 24.43 ? 95  ARG A CZ  1 
ATOM   710  N  NH1 . ARG A 1 91  ? 4.858   -15.818 10.757  1.00 20.12 ? 95  ARG A NH1 1 
ATOM   711  N  NH2 . ARG A 1 91  ? 4.052   -15.296 12.839  1.00 24.99 ? 95  ARG A NH2 1 
ATOM   712  N  N   . PHE A 1 92  ? 3.687   -8.755  8.396   1.00 14.98 ? 96  PHE A N   1 
ATOM   713  C  CA  . PHE A 1 92  ? 2.933   -8.355  7.213   1.00 13.93 ? 96  PHE A CA  1 
ATOM   714  C  C   . PHE A 1 92  ? 3.641   -7.220  6.469   1.00 13.72 ? 96  PHE A C   1 
ATOM   715  O  O   . PHE A 1 92  ? 3.783   -7.270  5.250   1.00 12.64 ? 96  PHE A O   1 
ATOM   716  C  CB  . PHE A 1 92  ? 1.502   -7.956  7.547   1.00 13.61 ? 96  PHE A CB  1 
ATOM   717  C  CG  . PHE A 1 92  ? 0.689   -7.579  6.325   1.00 14.09 ? 96  PHE A CG  1 
ATOM   718  C  CD1 . PHE A 1 92  ? 0.392   -8.521  5.351   1.00 15.60 ? 96  PHE A CD1 1 
ATOM   719  C  CD2 . PHE A 1 92  ? 0.221   -6.292  6.167   1.00 13.61 ? 96  PHE A CD2 1 
ATOM   720  C  CE1 . PHE A 1 92  ? -0.374  -8.173  4.229   1.00 13.89 ? 96  PHE A CE1 1 
ATOM   721  C  CE2 . PHE A 1 92  ? -0.559  -5.935  5.036   1.00 13.33 ? 96  PHE A CE2 1 
ATOM   722  C  CZ  . PHE A 1 92  ? -0.833  -6.883  4.063   1.00 14.41 ? 96  PHE A CZ  1 
ATOM   723  N  N   . ALA A 1 93  ? 4.112   -6.213  7.215   1.00 13.21 ? 97  ALA A N   1 
ATOM   724  C  CA  . ALA A 1 93  ? 4.857   -5.098  6.613   1.00 13.19 ? 97  ALA A CA  1 
ATOM   725  C  C   . ALA A 1 93  ? 6.095   -5.571  5.866   1.00 13.16 ? 97  ALA A C   1 
ATOM   726  O  O   . ALA A 1 93  ? 6.434   -4.998  4.822   1.00 13.28 ? 97  ALA A O   1 
ATOM   727  C  CB  . ALA A 1 93  ? 5.230   -4.072  7.664   1.00 12.68 ? 97  ALA A CB  1 
ATOM   728  N  N   . GLU A 1 94  ? 6.772   -6.606  6.377   1.00 13.13 ? 98  GLU A N   1 
ATOM   729  C  CA  . GLU A 1 94  ? 7.863   -7.206  5.633   1.00 13.10 ? 98  GLU A CA  1 
ATOM   730  C  C   . GLU A 1 94  ? 7.433   -7.815  4.302   1.00 12.88 ? 98  GLU A C   1 
ATOM   731  O  O   . GLU A 1 94  ? 8.203   -7.768  3.335   1.00 12.87 ? 98  GLU A O   1 
ATOM   732  C  CB  . GLU A 1 94  ? 8.653   -8.229  6.466   1.00 13.73 ? 98  GLU A CB  1 
ATOM   733  C  CG  . GLU A 1 94  ? 9.460   -7.618  7.601   1.00 14.51 ? 98  GLU A CG  1 
ATOM   734  C  CD  . GLU A 1 94  ? 10.439  -6.521  7.152   1.00 15.28 ? 98  GLU A CD  1 
ATOM   735  O  OE1 . GLU A 1 94  ? 11.106  -6.696  6.108   1.00 15.42 ? 98  GLU A OE1 1 
ATOM   736  O  OE2 . GLU A 1 94  ? 10.513  -5.476  7.842   1.00 19.19 ? 98  GLU A OE2 1 
ATOM   737  N  N   . MET A 1 95  ? 6.231   -8.388  4.237   1.00 12.27 ? 99  MET A N   1 
ATOM   738  C  CA  . MET A 1 95  ? 5.721   -8.928  2.955   1.00 12.31 ? 99  MET A CA  1 
ATOM   739  C  C   . MET A 1 95  ? 5.470   -7.789  1.960   1.00 11.41 ? 99  MET A C   1 
ATOM   740  O  O   . MET A 1 95  ? 5.541   -7.995  0.743   1.00 11.57 ? 99  MET A O   1 
ATOM   741  C  CB  . MET A 1 95  ? 4.454   -9.768  3.170   1.00 13.80 ? 99  MET A CB  1 
ATOM   742  C  CG  . MET A 1 95  ? 4.694   -10.998 4.037   1.00 15.97 ? 99  MET A CG  1 
ATOM   743  S  SD  . MET A 1 95  ? 5.382   -12.394 3.115   1.00 15.80 ? 99  MET A SD  1 
ATOM   744  C  CE  . MET A 1 95  ? 4.021   -13.083 2.172   1.00 17.67 ? 99  MET A CE  1 
ATOM   745  N  N   . ALA A 1 96  ? 5.224   -6.593  2.495   1.00 10.48 ? 100 ALA A N   1 
ATOM   746  C  CA  . ALA A 1 96  ? 5.046   -5.372  1.668   1.00 9.66  ? 100 ALA A CA  1 
ATOM   747  C  C   . ALA A 1 96  ? 6.328   -4.646  1.299   1.00 10.12 ? 100 ALA A C   1 
ATOM   748  O  O   . ALA A 1 96  ? 6.295   -3.714  0.465   1.00 9.55  ? 100 ALA A O   1 
ATOM   749  C  CB  . ALA A 1 96  ? 4.119   -4.384  2.352   1.00 10.60 ? 100 ALA A CB  1 
ATOM   750  N  N   . ARG A 1 97  ? 7.440   -5.004  1.931   1.00 9.82  ? 101 ARG A N   1 
ATOM   751  C  CA  . ARG A 1 97  ? 8.657   -4.245  1.735   1.00 10.42 ? 101 ARG A CA  1 
ATOM   752  C  C   . ARG A 1 97  ? 9.091   -4.197  0.250   1.00 10.03 ? 101 ARG A C   1 
ATOM   753  O  O   . ARG A 1 97  ? 9.482   -3.144  -0.218  1.00 10.54 ? 101 ARG A O   1 
ATOM   754  C  CB  . ARG A 1 97  ? 9.805   -4.784  2.608   1.00 9.66  ? 101 ARG A CB  1 
ATOM   755  C  CG  . ARG A 1 97  ? 10.974  -3.831  2.643   1.00 11.94 ? 101 ARG A CG  1 
ATOM   756  C  CD  . ARG A 1 97  ? 12.138  -4.357  3.478   1.00 10.08 ? 101 ARG A CD  1 
ATOM   757  N  NE  . ARG A 1 97  ? 11.854  -4.217  4.905   1.00 11.52 ? 101 ARG A NE  1 
ATOM   758  C  CZ  . ARG A 1 97  ? 12.113  -3.142  5.633   1.00 11.46 ? 101 ARG A CZ  1 
ATOM   759  N  NH1 . ARG A 1 97  ? 12.635  -2.060  5.090   1.00 13.59 ? 101 ARG A NH1 1 
ATOM   760  N  NH2 . ARG A 1 97  ? 11.834  -3.155  6.924   1.00 14.07 ? 101 ARG A NH2 1 
ATOM   761  N  N   . PRO A 1 98  ? 9.025   -5.321  -0.497  1.00 9.36  ? 102 PRO A N   1 
ATOM   762  C  CA  . PRO A 1 98  ? 9.406   -5.192  -1.925  1.00 9.28  ? 102 PRO A CA  1 
ATOM   763  C  C   . PRO A 1 98  ? 8.551   -4.183  -2.687  1.00 8.93  ? 102 PRO A C   1 
ATOM   764  O  O   . PRO A 1 98  ? 9.095   -3.376  -3.470  1.00 9.13  ? 102 PRO A O   1 
ATOM   765  C  CB  . PRO A 1 98  ? 9.212   -6.617  -2.466  1.00 9.72  ? 102 PRO A CB  1 
ATOM   766  C  CG  . PRO A 1 98  ? 9.477   -7.457  -1.204  1.00 8.84  ? 102 PRO A CG  1 
ATOM   767  C  CD  . PRO A 1 98  ? 8.771   -6.726  -0.121  1.00 9.60  ? 102 PRO A CD  1 
ATOM   768  N  N   . PHE A 1 99  ? 7.241   -4.191  -2.434  1.00 9.05  ? 103 PHE A N   1 
ATOM   769  C  CA  . PHE A 1 99  ? 6.361   -3.187  -3.039  1.00 8.49  ? 103 PHE A CA  1 
ATOM   770  C  C   . PHE A 1 99  ? 6.759   -1.771  -2.614  1.00 8.43  ? 103 PHE A C   1 
ATOM   771  O  O   . PHE A 1 99  ? 6.883   -0.866  -3.441  1.00 7.80  ? 103 PHE A O   1 
ATOM   772  C  CB  . PHE A 1 99  ? 4.895   -3.432  -2.662  1.00 9.08  ? 103 PHE A CB  1 
ATOM   773  C  CG  . PHE A 1 99  ? 3.952   -2.365  -3.176  1.00 9.82  ? 103 PHE A CG  1 
ATOM   774  C  CD1 . PHE A 1 99  ? 3.638   -2.294  -4.532  1.00 9.88  ? 103 PHE A CD1 1 
ATOM   775  C  CD2 . PHE A 1 99  ? 3.389   -1.434  -2.302  1.00 10.89 ? 103 PHE A CD2 1 
ATOM   776  C  CE1 . PHE A 1 99  ? 2.766   -1.305  -5.014  1.00 11.40 ? 103 PHE A CE1 1 
ATOM   777  C  CE2 . PHE A 1 99  ? 2.512   -0.452  -2.781  1.00 12.82 ? 103 PHE A CE2 1 
ATOM   778  C  CZ  . PHE A 1 99  ? 2.204   -0.395  -4.127  1.00 11.43 ? 103 PHE A CZ  1 
ATOM   779  N  N   . LEU A 1 100 ? 6.937   -1.572  -1.316  1.00 7.45  ? 104 LEU A N   1 
ATOM   780  C  CA  . LEU A 1 100 ? 7.253   -0.232  -0.813  1.00 8.20  ? 104 LEU A CA  1 
ATOM   781  C  C   . LEU A 1 100 ? 8.620   0.265   -1.302  1.00 7.10  ? 104 LEU A C   1 
ATOM   782  O  O   . LEU A 1 100 ? 8.780   1.431   -1.657  1.00 7.50  ? 104 LEU A O   1 
ATOM   783  C  CB  . LEU A 1 100 ? 7.141   -0.198  0.715   1.00 8.09  ? 104 LEU A CB  1 
ATOM   784  C  CG  . LEU A 1 100 ? 5.737   -0.498  1.276   1.00 9.42  ? 104 LEU A CG  1 
ATOM   785  C  CD1 . LEU A 1 100 ? 5.813   -0.685  2.800   1.00 11.13 ? 104 LEU A CD1 1 
ATOM   786  C  CD2 . LEU A 1 100 ? 4.745   0.598   0.932   1.00 11.49 ? 104 LEU A CD2 1 
ATOM   787  N  N   . HIS A 1 101 ? 9.594   -0.636  -1.370  1.00 7.68  ? 105 HIS A N   1 
ATOM   788  C  CA  . HIS A 1 101 ? 10.899  -0.277  -1.918  1.00 8.52  ? 105 HIS A CA  1 
ATOM   789  C  C   . HIS A 1 101 ? 10.795  0.144   -3.380  1.00 8.16  ? 105 HIS A C   1 
ATOM   790  O  O   . HIS A 1 101 ? 11.377  1.152   -3.816  1.00 9.33  ? 105 HIS A O   1 
ATOM   791  C  CB  . HIS A 1 101 ? 11.843  -1.463  -1.786  1.00 9.71  ? 105 HIS A CB  1 
ATOM   792  C  CG  . HIS A 1 101 ? 13.265  -1.147  -2.134  1.00 10.30 ? 105 HIS A CG  1 
ATOM   793  N  ND1 . HIS A 1 101 ? 13.837  -1.393  -3.368  1.00 12.14 ? 105 HIS A ND1 1 
ATOM   794  C  CD2 . HIS A 1 101 ? 14.239  -0.590  -1.377  1.00 11.76 ? 105 HIS A CD2 1 
ATOM   795  C  CE1 . HIS A 1 101 ? 15.098  -0.990  -3.347  1.00 7.56  ? 105 HIS A CE1 1 
ATOM   796  N  NE2 . HIS A 1 101 ? 15.367  -0.511  -2.150  1.00 15.69 ? 105 HIS A NE2 1 
ATOM   797  N  N   . ALA A 1 102 ? 10.041  -0.646  -4.145  1.00 7.92  ? 106 ALA A N   1 
ATOM   798  C  CA  . ALA A 1 102 ? 9.828   -0.346  -5.566  1.00 7.40  ? 106 ALA A CA  1 
ATOM   799  C  C   . ALA A 1 102 ? 9.063   0.959   -5.792  1.00 7.38  ? 106 ALA A C   1 
ATOM   800  O  O   . ALA A 1 102 ? 9.347   1.702   -6.747  1.00 7.14  ? 106 ALA A O   1 
ATOM   801  C  CB  . ALA A 1 102 ? 9.117   -1.520  -6.245  1.00 7.60  ? 106 ALA A CB  1 
ATOM   802  N  N   . ALA A 1 103 ? 8.116   1.244   -4.896  1.00 7.78  ? 107 ALA A N   1 
ATOM   803  C  CA  . ALA A 1 103 ? 7.321   2.454   -4.961  1.00 7.68  ? 107 ALA A CA  1 
ATOM   804  C  C   . ALA A 1 103 ? 8.212   3.657   -4.704  1.00 7.46  ? 107 ALA A C   1 
ATOM   805  O  O   . ALA A 1 103 ? 8.109   4.674   -5.391  1.00 7.23  ? 107 ALA A O   1 
ATOM   806  C  CB  . ALA A 1 103 ? 6.175   2.388   -3.932  1.00 8.32  ? 107 ALA A CB  1 
ATOM   807  N  N   . LEU A 1 104 ? 9.118   3.554   -3.734  1.00 8.12  ? 108 LEU A N   1 
ATOM   808  C  CA  . LEU A 1 104 ? 10.068  4.651   -3.531  1.00 8.06  ? 108 LEU A CA  1 
ATOM   809  C  C   . LEU A 1 104 ? 10.905  4.913   -4.782  1.00 7.95  ? 108 LEU A C   1 
ATOM   810  O  O   . LEU A 1 104 ? 11.201  6.059   -5.122  1.00 9.45  ? 108 LEU A O   1 
ATOM   811  C  CB  . LEU A 1 104 ? 10.997  4.373   -2.340  1.00 7.72  ? 108 LEU A CB  1 
ATOM   812  C  CG  . LEU A 1 104 ? 10.258  4.518   -1.002  1.00 9.90  ? 108 LEU A CG  1 
ATOM   813  C  CD1 . LEU A 1 104 ? 11.021  3.897   0.123   1.00 12.02 ? 108 LEU A CD1 1 
ATOM   814  C  CD2 . LEU A 1 104 ? 9.990   5.994   -0.622  1.00 11.35 ? 108 LEU A CD2 1 
ATOM   815  N  N   . GLY A 1 105 ? 11.308  3.844   -5.463  1.00 7.88  ? 109 GLY A N   1 
ATOM   816  C  CA  . GLY A 1 105 ? 12.106  4.007   -6.692  1.00 6.47  ? 109 GLY A CA  1 
ATOM   817  C  C   . GLY A 1 105 ? 11.323  4.745   -7.760  1.00 7.45  ? 109 GLY A C   1 
ATOM   818  O  O   . GLY A 1 105 ? 11.863  5.604   -8.471  1.00 8.70  ? 109 GLY A O   1 
ATOM   819  N  N   . VAL A 1 106 ? 10.046  4.399   -7.890  1.00 7.27  ? 110 VAL A N   1 
ATOM   820  C  CA  . VAL A 1 106 ? 9.191   5.075   -8.862  1.00 7.54  ? 110 VAL A CA  1 
ATOM   821  C  C   . VAL A 1 106 ? 9.005   6.559   -8.570  1.00 7.58  ? 110 VAL A C   1 
ATOM   822  O  O   . VAL A 1 106 ? 8.978   7.388   -9.506  1.00 9.24  ? 110 VAL A O   1 
ATOM   823  C  CB  . VAL A 1 106 ? 7.816   4.356   -8.972  1.00 6.40  ? 110 VAL A CB  1 
ATOM   824  C  CG1 . VAL A 1 106 ? 6.828   5.139   -9.798  1.00 7.04  ? 110 VAL A CG1 1 
ATOM   825  C  CG2 . VAL A 1 106 ? 8.008   2.987   -9.578  1.00 8.28  ? 110 VAL A CG2 1 
ATOM   826  N  N   . ALA A 1 107 ? 8.860   6.877   -7.280  1.00 8.12  ? 111 ALA A N   1 
ATOM   827  C  CA  . ALA A 1 107 ? 8.577   8.245   -6.848  1.00 8.61  ? 111 ALA A CA  1 
ATOM   828  C  C   . ALA A 1 107 ? 9.833   9.128   -6.704  1.00 9.03  ? 111 ALA A C   1 
ATOM   829  O  O   . ALA A 1 107 ? 9.725   10.330  -6.416  1.00 9.88  ? 111 ALA A O   1 
ATOM   830  C  CB  . ALA A 1 107 ? 7.757   8.235   -5.542  1.00 8.75  ? 111 ALA A CB  1 
ATOM   831  N  N   . ASP A 1 108 ? 11.009  8.533   -6.884  1.00 9.04  ? 112 ASP A N   1 
ATOM   832  C  CA  . ASP A 1 108 ? 12.278  9.269   -6.891  1.00 9.78  ? 112 ASP A CA  1 
ATOM   833  C  C   . ASP A 1 108 ? 12.522  9.819   -8.293  1.00 10.62 ? 112 ASP A C   1 
ATOM   834  O  O   . ASP A 1 108 ? 12.997  9.110   -9.167  1.00 12.07 ? 112 ASP A O   1 
ATOM   835  C  CB  . ASP A 1 108 ? 13.411  8.331   -6.461  1.00 9.79  ? 112 ASP A CB  1 
ATOM   836  C  CG  . ASP A 1 108 ? 14.780  8.953   -6.621  1.00 11.49 ? 112 ASP A CG  1 
ATOM   837  O  OD1 . ASP A 1 108 ? 14.851  10.192  -6.804  1.00 11.84 ? 112 ASP A OD1 1 
ATOM   838  O  OD2 . ASP A 1 108 ? 15.783  8.204   -6.493  1.00 14.18 ? 112 ASP A OD2 1 
ATOM   839  N  N   . THR A 1 109 ? 12.162  11.078  -8.509  1.00 9.50  ? 113 THR A N   1 
ATOM   840  C  CA  . THR A 1 109 ? 12.106  11.621  -9.858  1.00 11.46 ? 113 THR A CA  1 
ATOM   841  C  C   . THR A 1 109 ? 13.457  12.125  -10.370 1.00 11.59 ? 113 THR A C   1 
ATOM   842  O  O   . THR A 1 109 ? 13.637  12.268  -11.582 1.00 12.76 ? 113 THR A O   1 
ATOM   843  C  CB  . THR A 1 109 ? 11.063  12.731  -9.979  1.00 11.20 ? 113 THR A CB  1 
ATOM   844  O  OG1 . THR A 1 109 ? 11.458  13.855  -9.183  1.00 13.11 ? 113 THR A OG1 1 
ATOM   845  C  CG2 . THR A 1 109 ? 9.695   12.232  -9.560  1.00 12.99 ? 113 THR A CG2 1 
ATOM   846  N  N   . ASP A 1 110 ? 14.408  12.379  -9.469  1.00 11.30 ? 114 ASP A N   1 
ATOM   847  C  CA  . ASP A 1 110 ? 15.733  12.853  -9.904  1.00 11.96 ? 114 ASP A CA  1 
ATOM   848  C  C   . ASP A 1 110 ? 16.822  11.785  -9.782  1.00 12.05 ? 114 ASP A C   1 
ATOM   849  O  O   . ASP A 1 110 ? 17.967  12.020  -10.190 1.00 12.74 ? 114 ASP A O   1 
ATOM   850  C  CB  . ASP A 1 110 ? 16.153  14.163  -9.209  1.00 11.71 ? 114 ASP A CB  1 
ATOM   851  C  CG  . ASP A 1 110 ? 16.256  14.040  -7.712  1.00 13.35 ? 114 ASP A CG  1 
ATOM   852  O  OD1 . ASP A 1 110 ? 15.937  12.971  -7.137  1.00 11.91 ? 114 ASP A OD1 1 
ATOM   853  O  OD2 . ASP A 1 110 ? 16.681  15.034  -7.077  1.00 13.14 ? 114 ASP A OD2 1 
ATOM   854  N  N   . GLY A 1 111 ? 16.484  10.625  -9.232  1.00 12.19 ? 115 GLY A N   1 
ATOM   855  C  CA  . GLY A 1 111 ? 17.424  9.477   -9.154  1.00 11.79 ? 115 GLY A CA  1 
ATOM   856  C  C   . GLY A 1 111 ? 18.423  9.476   -7.991  1.00 12.68 ? 115 GLY A C   1 
ATOM   857  O  O   . GLY A 1 111 ? 19.375  8.686   -7.963  1.00 14.27 ? 115 GLY A O   1 
ATOM   858  N  N   . ASP A 1 112 ? 18.202  10.353  -7.019  1.00 12.60 ? 116 ASP A N   1 
ATOM   859  C  CA  . ASP A 1 112 ? 19.143  10.491  -5.905  1.00 13.46 ? 116 ASP A CA  1 
ATOM   860  C  C   . ASP A 1 112 ? 18.823  9.591   -4.710  1.00 13.66 ? 116 ASP A C   1 
ATOM   861  O  O   . ASP A 1 112 ? 19.398  9.783   -3.612  1.00 15.51 ? 116 ASP A O   1 
ATOM   862  C  CB  . ASP A 1 112 ? 19.236  11.943  -5.450  1.00 13.78 ? 116 ASP A CB  1 
ATOM   863  C  CG  . ASP A 1 112 ? 17.967  12.443  -4.819  1.00 14.12 ? 116 ASP A CG  1 
ATOM   864  O  OD1 . ASP A 1 112 ? 17.038  11.646  -4.590  1.00 12.61 ? 116 ASP A OD1 1 
ATOM   865  O  OD2 . ASP A 1 112 ? 17.864  13.662  -4.563  1.00 14.17 ? 116 ASP A OD2 1 
ATOM   866  N  N   . GLY A 1 113 ? 17.882  8.662   -4.886  1.00 13.81 ? 117 GLY A N   1 
ATOM   867  C  CA  . GLY A 1 113 ? 17.527  7.723   -3.817  1.00 14.25 ? 117 GLY A CA  1 
ATOM   868  C  C   . GLY A 1 113 ? 16.619  8.266   -2.732  1.00 13.85 ? 117 GLY A C   1 
ATOM   869  O  O   . GLY A 1 113 ? 16.377  7.599   -1.720  1.00 14.97 ? 117 GLY A O   1 
ATOM   870  N  N   . ALA A 1 114 ? 16.131  9.490   -2.930  1.00 12.32 ? 118 ALA A N   1 
ATOM   871  C  CA  . ALA A 1 114 ? 15.253  10.130  -1.976  1.00 11.12 ? 118 ALA A CA  1 
ATOM   872  C  C   . ALA A 1 114 ? 13.947  10.562  -2.624  1.00 10.36 ? 118 ALA A C   1 
ATOM   873  O  O   . ALA A 1 114 ? 13.887  10.795  -3.819  1.00 10.17 ? 118 ALA A O   1 
ATOM   874  C  CB  . ALA A 1 114 ? 15.947  11.297  -1.333  1.00 10.88 ? 118 ALA A CB  1 
ATOM   875  N  N   . VAL A 1 115 ? 12.897  10.651  -1.817  1.00 10.01 ? 119 VAL A N   1 
ATOM   876  C  CA  . VAL A 1 115 ? 11.571  10.996  -2.314  1.00 9.43  ? 119 VAL A CA  1 
ATOM   877  C  C   . VAL A 1 115 ? 11.053  12.176  -1.478  1.00 9.00  ? 119 VAL A C   1 
ATOM   878  O  O   . VAL A 1 115 ? 11.138  12.153  -0.248  1.00 9.93  ? 119 VAL A O   1 
ATOM   879  C  CB  . VAL A 1 115 ? 10.603  9.796   -2.179  1.00 8.91  ? 119 VAL A CB  1 
ATOM   880  C  CG1 . VAL A 1 115 ? 9.186   10.186  -2.550  1.00 10.89 ? 119 VAL A CG1 1 
ATOM   881  C  CG2 . VAL A 1 115 ? 11.090  8.660   -3.038  1.00 10.58 ? 119 VAL A CG2 1 
ATOM   882  N  N   . THR A 1 116 ? 10.530  13.189  -2.150  1.00 9.45  ? 120 THR A N   1 
ATOM   883  C  CA  . THR A 1 116 ? 9.970   14.342  -1.429  1.00 9.49  ? 120 THR A CA  1 
ATOM   884  C  C   . THR A 1 116 ? 8.612   14.039  -0.786  1.00 10.07 ? 120 THR A C   1 
ATOM   885  O  O   . THR A 1 116 ? 7.880   13.144  -1.209  1.00 10.27 ? 120 THR A O   1 
ATOM   886  C  CB  . THR A 1 116 ? 9.805   15.560  -2.353  1.00 9.13  ? 120 THR A CB  1 
ATOM   887  O  OG1 . THR A 1 116 ? 8.818   15.262  -3.342  1.00 11.42 ? 120 THR A OG1 1 
ATOM   888  C  CG2 . THR A 1 116 ? 11.122  15.911  -3.064  1.00 10.26 ? 120 THR A CG2 1 
ATOM   889  N  N   . VAL A 1 117 ? 8.256   14.843  0.214   1.00 10.30 ? 121 VAL A N   1 
ATOM   890  C  CA  . VAL A 1 117 ? 6.890   14.830  0.744   1.00 10.55 ? 121 VAL A CA  1 
ATOM   891  C  C   . VAL A 1 117 ? 5.829   15.057  -0.377  1.00 10.90 ? 121 VAL A C   1 
ATOM   892  O  O   . VAL A 1 117 ? 4.794   14.364  -0.428  1.00 10.50 ? 121 VAL A O   1 
ATOM   893  C  CB  . VAL A 1 117 ? 6.758   15.893  1.877   1.00 11.33 ? 121 VAL A CB  1 
ATOM   894  C  CG1 . VAL A 1 117 ? 5.285   16.111  2.253   1.00 10.45 ? 121 VAL A CG1 1 
ATOM   895  C  CG2 . VAL A 1 117 ? 7.525   15.440  3.100   1.00 11.86 ? 121 VAL A CG2 1 
ATOM   896  N  N   . ALA A 1 118 ? 6.073   16.007  -1.267  1.00 10.72 ? 122 ALA A N   1 
ATOM   897  C  CA  . ALA A 1 118 ? 5.114   16.307  -2.344  1.00 9.94  ? 122 ALA A CA  1 
ATOM   898  C  C   . ALA A 1 118 ? 4.887   15.077  -3.243  1.00 9.73  ? 122 ALA A C   1 
ATOM   899  O  O   . ALA A 1 118 ? 3.777   14.783  -3.666  1.00 9.77  ? 122 ALA A O   1 
ATOM   900  C  CB  . ALA A 1 118 ? 5.587   17.507  -3.168  1.00 11.28 ? 122 ALA A CB  1 
ATOM   901  N  N   . ASP A 1 119 ? 5.967   14.349  -3.532  1.00 8.90  ? 123 ASP A N   1 
ATOM   902  C  CA  . ASP A 1 119 ? 5.840   13.168  -4.390  1.00 8.96  ? 123 ASP A CA  1 
ATOM   903  C  C   . ASP A 1 119 ? 5.243   11.970  -3.644  1.00 8.55  ? 123 ASP A C   1 
ATOM   904  O  O   . ASP A 1 119 ? 4.578   11.127  -4.243  1.00 7.58  ? 123 ASP A O   1 
ATOM   905  C  CB  . ASP A 1 119 ? 7.187   12.855  -5.049  1.00 8.91  ? 123 ASP A CB  1 
ATOM   906  C  CG  . ASP A 1 119 ? 7.541   13.880  -6.135  1.00 9.37  ? 123 ASP A CG  1 
ATOM   907  O  OD1 . ASP A 1 119 ? 6.588   14.492  -6.697  1.00 11.11 ? 123 ASP A OD1 1 
ATOM   908  O  OD2 . ASP A 1 119 ? 8.744   14.108  -6.444  1.00 10.12 ? 123 ASP A OD2 1 
ATOM   909  N  N   . THR A 1 120 ? 5.471   11.913  -2.330  1.00 8.55  ? 124 THR A N   1 
ATOM   910  C  CA  . THR A 1 120 ? 4.773   10.961  -1.488  1.00 8.83  ? 124 THR A CA  1 
ATOM   911  C  C   . THR A 1 120 ? 3.257   11.190  -1.551  1.00 8.94  ? 124 THR A C   1 
ATOM   912  O  O   . THR A 1 120 ? 2.492   10.222  -1.661  1.00 9.90  ? 124 THR A O   1 
ATOM   913  C  CB  . THR A 1 120 ? 5.286   11.041  -0.058  1.00 9.51  ? 124 THR A CB  1 
ATOM   914  O  OG1 . THR A 1 120 ? 6.679   10.712  -0.085  1.00 9.79  ? 124 THR A OG1 1 
ATOM   915  C  CG2 . THR A 1 120 ? 4.546   10.035  0.853   1.00 9.41  ? 124 THR A CG2 1 
ATOM   916  N  N   . ALA A 1 121 ? 2.826   12.447  -1.488  1.00 8.77  ? 125 ALA A N   1 
ATOM   917  C  CA  . ALA A 1 121 ? 1.409   12.762  -1.633  1.00 8.19  ? 125 ALA A CA  1 
ATOM   918  C  C   . ALA A 1 121 ? 0.835   12.279  -2.972  1.00 8.84  ? 125 ALA A C   1 
ATOM   919  O  O   . ALA A 1 121 ? -0.279  11.722  -3.023  1.00 9.44  ? 125 ALA A O   1 
ATOM   920  C  CB  . ALA A 1 121 ? 1.167   14.268  -1.419  1.00 7.81  ? 125 ALA A CB  1 
ATOM   921  N  N   . ARG A 1 122 ? 1.605   12.460  -4.052  1.00 9.70  ? 126 ARG A N   1 
ATOM   922  C  CA  . ARG A 1 122 ? 1.199   11.987  -5.390  1.00 9.95  ? 126 ARG A CA  1 
ATOM   923  C  C   . ARG A 1 122 ? 1.006   10.486  -5.402  1.00 10.13 ? 126 ARG A C   1 
ATOM   924  O  O   . ARG A 1 122 ? 0.056   9.978   -5.995  1.00 11.59 ? 126 ARG A O   1 
ATOM   925  C  CB  . ARG A 1 122 ? 2.253   12.358  -6.422  1.00 9.89  ? 126 ARG A CB  1 
ATOM   926  C  CG  . ARG A 1 122 ? 2.264   13.829  -6.736  1.00 11.01 ? 126 ARG A CG  1 
ATOM   927  C  CD  . ARG A 1 122 ? 3.477   14.182  -7.627  1.00 9.78  ? 126 ARG A CD  1 
ATOM   928  N  NE  . ARG A 1 122 ? 3.467   13.518  -8.932  1.00 11.23 ? 126 ARG A NE  1 
ATOM   929  C  CZ  . ARG A 1 122 ? 4.509   13.493  -9.759  1.00 12.06 ? 126 ARG A CZ  1 
ATOM   930  N  NH1 . ARG A 1 122 ? 5.649   14.063  -9.399  1.00 13.55 ? 126 ARG A NH1 1 
ATOM   931  N  NH2 . ARG A 1 122 ? 4.417   12.894  -10.935 1.00 12.59 ? 126 ARG A NH2 1 
ATOM   932  N  N   . ALA A 1 123 ? 1.930   9.777   -4.758  1.00 8.82  ? 127 ALA A N   1 
ATOM   933  C  CA  . ALA A 1 123 ? 1.784   8.324   -4.657  1.00 8.90  ? 127 ALA A CA  1 
ATOM   934  C  C   . ALA A 1 123 ? 0.485   7.940   -3.963  1.00 8.82  ? 127 ALA A C   1 
ATOM   935  O  O   . ALA A 1 123 ? -0.262  7.089   -4.450  1.00 9.40  ? 127 ALA A O   1 
ATOM   936  C  CB  . ALA A 1 123 ? 2.989   7.679   -3.930  1.00 8.74  ? 127 ALA A CB  1 
ATOM   937  N  N   . LEU A 1 124 ? 0.216   8.581   -2.827  1.00 8.36  ? 128 LEU A N   1 
ATOM   938  C  CA  . LEU A 1 124 ? -1.007  8.310   -2.082  1.00 8.37  ? 128 LEU A CA  1 
ATOM   939  C  C   . LEU A 1 124 ? -2.263  8.586   -2.911  1.00 8.40  ? 128 LEU A C   1 
ATOM   940  O  O   . LEU A 1 124 ? -3.221  7.808   -2.822  1.00 8.70  ? 128 LEU A O   1 
ATOM   941  C  CB  . LEU A 1 124 ? -1.009  9.115   -0.789  1.00 8.20  ? 128 LEU A CB  1 
ATOM   942  C  CG  . LEU A 1 124 ? 0.099   8.657   0.172   1.00 8.91  ? 128 LEU A CG  1 
ATOM   943  C  CD1 . LEU A 1 124 ? 0.025   9.507   1.438   1.00 11.86 ? 128 LEU A CD1 1 
ATOM   944  C  CD2 . LEU A 1 124 ? 0.043   7.165   0.495   1.00 13.10 ? 128 LEU A CD2 1 
ATOM   945  N  N   . THR A 1 125 ? -2.263  9.656   -3.710  1.00 9.38  ? 129 THR A N   1 
ATOM   946  C  CA  . THR A 1 125 ? -3.431  9.918   -4.565  1.00 10.00 ? 129 THR A CA  1 
ATOM   947  C  C   . THR A 1 125 ? -3.583  8.847   -5.643  1.00 9.71  ? 129 THR A C   1 
ATOM   948  O  O   . THR A 1 125 ? -4.702  8.457   -5.995  1.00 10.73 ? 129 THR A O   1 
ATOM   949  C  CB  . THR A 1 125 ? -3.468  11.314  -5.184  1.00 11.19 ? 129 THR A CB  1 
ATOM   950  O  OG1 . THR A 1 125 ? -2.389  11.476  -6.115  1.00 14.76 ? 129 THR A OG1 1 
ATOM   951  C  CG2 . THR A 1 125 ? -3.422  12.370  -4.103  1.00 10.19 ? 129 THR A CG2 1 
ATOM   952  N  N   . ALA A 1 126 ? -2.461  8.353   -6.161  1.00 9.89  ? 130 ALA A N   1 
ATOM   953  C  CA  . ALA A 1 126 ? -2.539  7.244   -7.126  1.00 9.83  ? 130 ALA A CA  1 
ATOM   954  C  C   . ALA A 1 126 ? -3.210  6.024   -6.500  1.00 10.54 ? 130 ALA A C   1 
ATOM   955  O  O   . ALA A 1 126 ? -3.900  5.268   -7.196  1.00 11.72 ? 130 ALA A O   1 
ATOM   956  C  CB  . ALA A 1 126 ? -1.181  6.882   -7.685  1.00 9.70  ? 130 ALA A CB  1 
ATOM   957  N  N   . PHE A 1 127 ? -3.058  5.875   -5.187  1.00 10.42 ? 131 PHE A N   1 
ATOM   958  C  CA  . PHE A 1 127 ? -3.672  4.769   -4.419  1.00 11.35 ? 131 PHE A CA  1 
ATOM   959  C  C   . PHE A 1 127 ? -5.045  5.140   -3.865  1.00 11.31 ? 131 PHE A C   1 
ATOM   960  O  O   . PHE A 1 127 ? -5.551  4.466   -2.942  1.00 12.66 ? 131 PHE A O   1 
ATOM   961  C  CB  . PHE A 1 127 ? -2.762  4.297   -3.258  1.00 11.02 ? 131 PHE A CB  1 
ATOM   962  C  CG  . PHE A 1 127 ? -1.398  3.850   -3.700  1.00 11.61 ? 131 PHE A CG  1 
ATOM   963  C  CD1 . PHE A 1 127 ? -1.236  3.207   -4.928  1.00 11.42 ? 131 PHE A CD1 1 
ATOM   964  C  CD2 . PHE A 1 127 ? -0.283  4.077   -2.908  1.00 13.91 ? 131 PHE A CD2 1 
ATOM   965  C  CE1 . PHE A 1 127 ? 0.043   2.798   -5.356  1.00 13.70 ? 131 PHE A CE1 1 
ATOM   966  C  CE2 . PHE A 1 127 ? 0.982   3.684   -3.326  1.00 13.82 ? 131 PHE A CE2 1 
ATOM   967  C  CZ  . PHE A 1 127 ? 1.137   3.041   -4.554  1.00 14.02 ? 131 PHE A CZ  1 
ATOM   968  N  N   . GLY A 1 128 ? -5.642  6.207   -4.390  1.00 11.24 ? 132 GLY A N   1 
ATOM   969  C  CA  . GLY A 1 128 ? -7.031  6.508   -4.056  1.00 11.75 ? 132 GLY A CA  1 
ATOM   970  C  C   . GLY A 1 128 ? -7.281  7.480   -2.917  1.00 11.59 ? 132 GLY A C   1 
ATOM   971  O  O   . GLY A 1 128 ? -8.432  7.756   -2.582  1.00 13.51 ? 132 GLY A O   1 
ATOM   972  N  N   . VAL A 1 129 ? -6.226  8.042   -2.347  1.00 11.68 ? 133 VAL A N   1 
ATOM   973  C  CA  . VAL A 1 129 ? -6.383  8.981   -1.239  1.00 10.96 ? 133 VAL A CA  1 
ATOM   974  C  C   . VAL A 1 129 ? -6.667  10.381  -1.803  1.00 11.42 ? 133 VAL A C   1 
ATOM   975  O  O   . VAL A 1 129 ? -5.935  10.861  -2.670  1.00 10.83 ? 133 VAL A O   1 
ATOM   976  C  CB  . VAL A 1 129 ? -5.146  8.991   -0.309  1.00 11.66 ? 133 VAL A CB  1 
ATOM   977  C  CG1 . VAL A 1 129 ? -5.354  9.944   0.893   1.00 11.29 ? 133 VAL A CG1 1 
ATOM   978  C  CG2 . VAL A 1 129 ? -4.860  7.600   0.215   1.00 11.01 ? 133 VAL A CG2 1 
ATOM   979  N  N   . PRO A 1 130 ? -7.776  11.020  -1.370  1.00 10.75 ? 134 PRO A N   1 
ATOM   980  C  CA  . PRO A 1 130 ? -8.079  12.381  -1.846  1.00 11.54 ? 134 PRO A CA  1 
ATOM   981  C  C   . PRO A 1 130 ? -6.908  13.343  -1.611  1.00 11.10 ? 134 PRO A C   1 
ATOM   982  O  O   . PRO A 1 130 ? -6.179  13.213  -0.632  1.00 9.84  ? 134 PRO A O   1 
ATOM   983  C  CB  . PRO A 1 130 ? -9.266  12.791  -0.975  1.00 12.01 ? 134 PRO A CB  1 
ATOM   984  C  CG  . PRO A 1 130 ? -9.907  11.501  -0.568  1.00 13.56 ? 134 PRO A CG  1 
ATOM   985  C  CD  . PRO A 1 130 ? -8.802  10.522  -0.425  1.00 12.19 ? 134 PRO A CD  1 
ATOM   986  N  N   . GLU A 1 131 ? -6.712  14.260  -2.551  1.00 11.38 ? 135 GLU A N   1 
ATOM   987  C  CA  . GLU A 1 131 ? -5.558  15.144  -2.567  1.00 12.00 ? 135 GLU A CA  1 
ATOM   988  C  C   . GLU A 1 131 ? -5.257  15.838  -1.235  1.00 11.43 ? 135 GLU A C   1 
ATOM   989  O  O   . GLU A 1 131 ? -4.109  15.865  -0.785  1.00 11.06 ? 135 GLU A O   1 
ATOM   990  C  CB  . GLU A 1 131 ? -5.747  16.183  -3.666  1.00 12.47 ? 135 GLU A CB  1 
ATOM   991  C  CG  . GLU A 1 131 ? -4.568  17.024  -3.908  1.00 15.94 ? 135 GLU A CG  1 
ATOM   992  C  CD  . GLU A 1 131 ? -4.887  18.080  -4.894  1.00 18.28 ? 135 GLU A CD  1 
ATOM   993  O  OE1 . GLU A 1 131 ? -4.759  17.792  -6.097  1.00 16.24 ? 135 GLU A OE1 1 
ATOM   994  O  OE2 . GLU A 1 131 ? -5.276  19.195  -4.475  1.00 22.02 ? 135 GLU A OE2 1 
ATOM   995  N  N   . ASP A 1 132 ? -6.269  16.412  -0.584  1.00 11.13 ? 136 ASP A N   1 
ATOM   996  C  CA  . ASP A 1 132 ? -6.030  17.142  0.676   1.00 12.09 ? 136 ASP A CA  1 
ATOM   997  C  C   . ASP A 1 132 ? -5.552  16.185  1.754   1.00 12.15 ? 136 ASP A C   1 
ATOM   998  O  O   . ASP A 1 132 ? -4.586  16.470  2.477   1.00 13.34 ? 136 ASP A O   1 
ATOM   999  C  CB  . ASP A 1 132 ? -7.299  17.897  1.131   1.00 13.03 ? 136 ASP A CB  1 
ATOM   1000 C  CG  . ASP A 1 132 ? -7.061  18.776  2.349   1.00 15.55 ? 136 ASP A CG  1 
ATOM   1001 O  OD1 . ASP A 1 132 ? -6.143  19.611  2.347   1.00 19.66 ? 136 ASP A OD1 1 
ATOM   1002 O  OD2 . ASP A 1 132 ? -7.797  18.618  3.348   1.00 17.99 ? 136 ASP A OD2 1 
ATOM   1003 N  N   . LEU A 1 133 ? -6.220  15.044  1.859   1.00 11.52 ? 137 LEU A N   1 
ATOM   1004 C  CA  . LEU A 1 133 ? -5.816  14.061  2.851   1.00 11.40 ? 137 LEU A CA  1 
ATOM   1005 C  C   . LEU A 1 133 ? -4.409  13.534  2.567   1.00 11.04 ? 137 LEU A C   1 
ATOM   1006 O  O   . LEU A 1 133 ? -3.625  13.268  3.502   1.00 12.72 ? 137 LEU A O   1 
ATOM   1007 C  CB  . LEU A 1 133 ? -6.786  12.876  2.859   1.00 12.17 ? 137 LEU A CB  1 
ATOM   1008 C  CG  . LEU A 1 133 ? -6.866  12.201  4.218   1.00 16.99 ? 137 LEU A CG  1 
ATOM   1009 C  CD1 . LEU A 1 133 ? -7.610  13.120  5.222   1.00 20.06 ? 137 LEU A CD1 1 
ATOM   1010 C  CD2 . LEU A 1 133 ? -7.533  10.831  4.118   1.00 19.39 ? 137 LEU A CD2 1 
ATOM   1011 N  N   . ALA A 1 134 ? -4.101  13.343  1.287   1.00 11.68 ? 138 ALA A N   1 
ATOM   1012 C  CA  . ALA A 1 134 ? -2.799  12.817  0.892   1.00 11.24 ? 138 ALA A CA  1 
ATOM   1013 C  C   . ALA A 1 134 ? -1.681  13.761  1.276   1.00 11.86 ? 138 ALA A C   1 
ATOM   1014 O  O   . ALA A 1 134 ? -0.602  13.313  1.648   1.00 11.74 ? 138 ALA A O   1 
ATOM   1015 C  CB  . ALA A 1 134 ? -2.794  12.543  -0.602  1.00 10.31 ? 138 ALA A CB  1 
ATOM   1016 N  N   . ARG A 1 135 ? -1.913  15.068  1.176   1.00 11.77 ? 139 ARG A N   1 
ATOM   1017 C  CA  . ARG A 1 135 ? -0.914  16.039  1.633   1.00 13.38 ? 139 ARG A CA  1 
ATOM   1018 C  C   . ARG A 1 135 ? -0.672  15.907  3.134   1.00 12.93 ? 139 ARG A C   1 
ATOM   1019 O  O   . ARG A 1 135 ? 0.469   15.933  3.602   1.00 12.98 ? 139 ARG A O   1 
ATOM   1020 C  CB  . ARG A 1 135 ? -1.359  17.461  1.299   1.00 12.94 ? 139 ARG A CB  1 
ATOM   1021 C  CG  . ARG A 1 135 ? -1.335  17.800  -0.181  1.00 15.46 ? 139 ARG A CG  1 
ATOM   1022 C  CD  . ARG A 1 135 ? -1.568  19.297  -0.442  1.00 15.67 ? 139 ARG A CD  1 
ATOM   1023 N  NE  . ARG A 1 135 ? -2.903  19.760  -0.072  1.00 19.91 ? 139 ARG A NE  1 
ATOM   1024 C  CZ  . ARG A 1 135 ? -3.913  19.933  -0.927  1.00 19.76 ? 139 ARG A CZ  1 
ATOM   1025 N  NH1 . ARG A 1 135 ? -3.748  19.702  -2.224  1.00 17.94 ? 139 ARG A NH1 1 
ATOM   1026 N  NH2 . ARG A 1 135 ? -5.092  20.367  -0.481  1.00 19.67 ? 139 ARG A NH2 1 
ATOM   1027 N  N   . GLN A 1 136 ? -1.758  15.773  3.890   1.00 12.89 ? 140 GLN A N   1 
ATOM   1028 C  CA  . GLN A 1 136 ? -1.679  15.606  5.339   1.00 14.40 ? 140 GLN A CA  1 
ATOM   1029 C  C   . GLN A 1 136 ? -0.930  14.335  5.707   1.00 13.65 ? 140 GLN A C   1 
ATOM   1030 O  O   . GLN A 1 136 ? -0.037  14.360  6.564   1.00 13.55 ? 140 GLN A O   1 
ATOM   1031 C  CB  . GLN A 1 136 ? -3.078  15.581  5.965   1.00 14.45 ? 140 GLN A CB  1 
ATOM   1032 C  CG  . GLN A 1 136 ? -3.902  16.848  5.773   1.00 17.98 ? 140 GLN A CG  1 
ATOM   1033 C  CD  . GLN A 1 136 ? -5.267  16.780  6.466   1.00 18.91 ? 140 GLN A CD  1 
ATOM   1034 O  OE1 . GLN A 1 136 ? -5.385  16.279  7.592   1.00 25.34 ? 140 GLN A OE1 1 
ATOM   1035 N  NE2 . GLN A 1 136 ? -6.299  17.276  5.793   1.00 23.80 ? 140 GLN A NE2 1 
ATOM   1036 N  N   . ALA A 1 137 ? -1.262  13.221  5.057   1.00 12.19 ? 141 ALA A N   1 
ATOM   1037 C  CA  . ALA A 1 137 ? -0.608  11.950  5.392   1.00 12.04 ? 141 ALA A CA  1 
ATOM   1038 C  C   . ALA A 1 137 ? 0.866   11.966  4.977   1.00 11.62 ? 141 ALA A C   1 
ATOM   1039 O  O   . ALA A 1 137 ? 1.715   11.468  5.712   1.00 12.10 ? 141 ALA A O   1 
ATOM   1040 C  CB  . ALA A 1 137 ? -1.340  10.757  4.749   1.00 11.43 ? 141 ALA A CB  1 
ATOM   1041 N  N   . ALA A 1 138 ? 1.149   12.502  3.795   1.00 11.49 ? 142 ALA A N   1 
ATOM   1042 C  CA  . ALA A 1 138 ? 2.547   12.595  3.344   1.00 11.96 ? 142 ALA A CA  1 
ATOM   1043 C  C   . ALA A 1 138 ? 3.414   13.356  4.346   1.00 12.28 ? 142 ALA A C   1 
ATOM   1044 O  O   . ALA A 1 138 ? 4.500   12.900  4.688   1.00 12.18 ? 142 ALA A O   1 
ATOM   1045 C  CB  . ALA A 1 138 ? 2.649   13.235  1.952   1.00 11.58 ? 142 ALA A CB  1 
ATOM   1046 N  N   . ALA A 1 139 ? 2.920   14.501  4.816   1.00 12.87 ? 143 ALA A N   1 
ATOM   1047 C  CA  . ALA A 1 139 ? 3.612   15.312  5.798   1.00 13.19 ? 143 ALA A CA  1 
ATOM   1048 C  C   . ALA A 1 139 ? 3.909   14.527  7.080   1.00 13.90 ? 143 ALA A C   1 
ATOM   1049 O  O   . ALA A 1 139 ? 5.012   14.648  7.610   1.00 13.40 ? 143 ALA A O   1 
ATOM   1050 C  CB  . ALA A 1 139 ? 2.793   16.560  6.117   1.00 14.49 ? 143 ALA A CB  1 
ATOM   1051 N  N   . ALA A 1 140 ? 2.929   13.743  7.547   1.00 13.35 ? 144 ALA A N   1 
ATOM   1052 C  CA  . ALA A 1 140 ? 3.045   12.968  8.782   1.00 13.83 ? 144 ALA A CA  1 
ATOM   1053 C  C   . ALA A 1 140 ? 4.058   11.851  8.659   1.00 14.35 ? 144 ALA A C   1 
ATOM   1054 O  O   . ALA A 1 140 ? 4.639   11.412  9.655   1.00 14.76 ? 144 ALA A O   1 
ATOM   1055 C  CB  . ALA A 1 140 ? 1.673   12.412  9.204   1.00 15.48 ? 144 ALA A CB  1 
ATOM   1056 N  N   . LEU A 1 141 ? 4.276   11.379  7.431   1.00 13.28 ? 145 LEU A N   1 
ATOM   1057 C  CA  . LEU A 1 141 ? 5.286   10.351  7.189   1.00 13.99 ? 145 LEU A CA  1 
ATOM   1058 C  C   . LEU A 1 141 ? 6.727   10.841  7.356   1.00 13.51 ? 145 LEU A C   1 
ATOM   1059 O  O   . LEU A 1 141 ? 7.638   10.026  7.551   1.00 14.72 ? 145 LEU A O   1 
ATOM   1060 C  CB  . LEU A 1 141 ? 5.089   9.754   5.791   1.00 13.35 ? 145 LEU A CB  1 
ATOM   1061 C  CG  . LEU A 1 141 ? 3.872   8.826   5.675   1.00 14.16 ? 145 LEU A CG  1 
ATOM   1062 C  CD1 . LEU A 1 141 ? 3.648   8.459   4.234   1.00 13.78 ? 145 LEU A CD1 1 
ATOM   1063 C  CD2 . LEU A 1 141 ? 4.078   7.594   6.530   1.00 14.85 ? 145 LEU A CD2 1 
ATOM   1064 N  N   . ASP A 1 142 ? 6.937   12.151  7.234   1.00 13.30 ? 146 ASP A N   1 
ATOM   1065 C  CA  . ASP A 1 142 ? 8.271   12.746  7.381   1.00 13.16 ? 146 ASP A CA  1 
ATOM   1066 C  C   . ASP A 1 142 ? 8.556   12.972  8.858   1.00 13.47 ? 146 ASP A C   1 
ATOM   1067 O  O   . ASP A 1 142 ? 8.476   14.090  9.353   1.00 14.23 ? 146 ASP A O   1 
ATOM   1068 C  CB  . ASP A 1 142 ? 8.345   14.065  6.613   1.00 12.60 ? 146 ASP A CB  1 
ATOM   1069 C  CG  . ASP A 1 142 ? 9.727   14.690  6.646   1.00 13.47 ? 146 ASP A CG  1 
ATOM   1070 O  OD1 . ASP A 1 142 ? 10.692  13.970  6.915   1.00 13.46 ? 146 ASP A OD1 1 
ATOM   1071 O  OD2 . ASP A 1 142 ? 9.832   15.917  6.432   1.00 13.99 ? 146 ASP A OD2 1 
ATOM   1072 N  N   . THR A 1 143 ? 8.871   11.891  9.556   1.00 14.37 ? 147 THR A N   1 
ATOM   1073 C  CA  . THR A 1 143 ? 8.961   11.945  11.022  1.00 14.92 ? 147 THR A CA  1 
ATOM   1074 C  C   . THR A 1 143 ? 10.198  12.661  11.540  1.00 15.00 ? 147 THR A C   1 
ATOM   1075 O  O   . THR A 1 143 ? 10.237  13.050  12.710  1.00 14.95 ? 147 THR A O   1 
ATOM   1076 C  CB  . THR A 1 143 ? 8.884   10.556  11.651  1.00 15.62 ? 147 THR A CB  1 
ATOM   1077 O  OG1 . THR A 1 143 ? 9.871   9.718   11.049  1.00 17.43 ? 147 THR A OG1 1 
ATOM   1078 C  CG2 . THR A 1 143 ? 7.483   9.978   11.448  1.00 17.51 ? 147 THR A CG2 1 
ATOM   1079 N  N   . ASP A 1 144 ? 11.189  12.877  10.679  1.00 14.80 ? 148 ASP A N   1 
ATOM   1080 C  CA  . ASP A 1 144 ? 12.394  13.605  11.094  1.00 14.88 ? 148 ASP A CA  1 
ATOM   1081 C  C   . ASP A 1 144 ? 12.468  15.004  10.495  1.00 15.59 ? 148 ASP A C   1 
ATOM   1082 O  O   . ASP A 1 144 ? 13.393  15.766  10.770  1.00 16.88 ? 148 ASP A O   1 
ATOM   1083 C  CB  . ASP A 1 144 ? 13.688  12.786  10.860  1.00 13.67 ? 148 ASP A CB  1 
ATOM   1084 C  CG  . ASP A 1 144 ? 13.953  12.466  9.386   1.00 15.06 ? 148 ASP A CG  1 
ATOM   1085 O  OD1 . ASP A 1 144 ? 13.149  12.848  8.506   1.00 13.95 ? 148 ASP A OD1 1 
ATOM   1086 O  OD2 . ASP A 1 144 ? 14.988  11.829  9.099   1.00 15.03 ? 148 ASP A OD2 1 
ATOM   1087 N  N   . GLY A 1 145 ? 11.485  15.339  9.669   1.00 16.12 ? 149 GLY A N   1 
ATOM   1088 C  CA  . GLY A 1 145 ? 11.313  16.718  9.208   1.00 16.65 ? 149 GLY A CA  1 
ATOM   1089 C  C   . GLY A 1 145 ? 12.307  17.257  8.180   1.00 16.75 ? 149 GLY A C   1 
ATOM   1090 O  O   . GLY A 1 145 ? 12.438  18.472  8.030   1.00 17.43 ? 149 GLY A O   1 
ATOM   1091 N  N   . ASP A 1 146 ? 13.021  16.368  7.482   1.00 15.21 ? 150 ASP A N   1 
ATOM   1092 C  CA  . ASP A 1 146 ? 14.020  16.773  6.478   1.00 14.56 ? 150 ASP A CA  1 
ATOM   1093 C  C   . ASP A 1 146 ? 13.437  16.906  5.068   1.00 13.57 ? 150 ASP A C   1 
ATOM   1094 O  O   . ASP A 1 146 ? 14.169  17.166  4.099   1.00 15.18 ? 150 ASP A O   1 
ATOM   1095 C  CB  . ASP A 1 146 ? 15.233  15.824  6.466   1.00 14.43 ? 150 ASP A CB  1 
ATOM   1096 C  CG  . ASP A 1 146 ? 14.853  14.353  6.305   1.00 13.90 ? 150 ASP A CG  1 
ATOM   1097 O  OD1 . ASP A 1 146 ? 13.734  14.059  5.822   1.00 12.31 ? 150 ASP A OD1 1 
ATOM   1098 O  OD2 . ASP A 1 146 ? 15.673  13.471  6.672   1.00 15.95 ? 150 ASP A OD2 1 
ATOM   1099 N  N   . GLY A 1 147 ? 12.128  16.715  4.949   1.00 13.16 ? 151 GLY A N   1 
ATOM   1100 C  CA  . GLY A 1 147 ? 11.424  16.966  3.678   1.00 13.81 ? 151 GLY A CA  1 
ATOM   1101 C  C   . GLY A 1 147 ? 11.428  15.760  2.758   1.00 13.56 ? 151 GLY A C   1 
ATOM   1102 O  O   . GLY A 1 147 ? 10.873  15.801  1.657   1.00 14.38 ? 151 GLY A O   1 
ATOM   1103 N  N   . LYS A 1 148 ? 12.060  14.688  3.219   1.00 13.59 ? 152 LYS A N   1 
ATOM   1104 C  CA  . LYS A 1 148 ? 12.179  13.473  2.436   1.00 13.67 ? 152 LYS A CA  1 
ATOM   1105 C  C   . LYS A 1 148 ? 11.483  12.344  3.171   1.00 12.61 ? 152 LYS A C   1 
ATOM   1106 O  O   . LYS A 1 148 ? 11.508  12.299  4.394   1.00 13.11 ? 152 LYS A O   1 
ATOM   1107 C  CB  . LYS A 1 148 ? 13.648  13.125  2.218   1.00 14.98 ? 152 LYS A CB  1 
ATOM   1108 C  CG  . LYS A 1 148 ? 14.374  14.118  1.301   1.00 18.71 ? 152 LYS A CG  1 
ATOM   1109 C  CD  . LYS A 1 148 ? 15.400  14.963  2.016   1.00 25.15 ? 152 LYS A CD  1 
ATOM   1110 C  CE  . LYS A 1 148 ? 16.223  15.769  1.000   1.00 27.39 ? 152 LYS A CE  1 
ATOM   1111 N  NZ  . LYS A 1 148 ? 17.020  16.858  1.638   1.00 31.76 ? 152 LYS A NZ  1 
ATOM   1112 N  N   . VAL A 1 149 ? 10.872  11.429  2.427   1.00 11.52 ? 153 VAL A N   1 
ATOM   1113 C  CA  . VAL A 1 149 ? 10.171  10.322  3.042   1.00 12.01 ? 153 VAL A CA  1 
ATOM   1114 C  C   . VAL A 1 149 ? 10.873  9.045   2.606   1.00 11.64 ? 153 VAL A C   1 
ATOM   1115 O  O   . VAL A 1 149 ? 10.967  8.765   1.415   1.00 13.05 ? 153 VAL A O   1 
ATOM   1116 C  CB  . VAL A 1 149 ? 8.681   10.316  2.591   1.00 12.05 ? 153 VAL A CB  1 
ATOM   1117 C  CG1 . VAL A 1 149 ? 7.967   9.063   3.074   1.00 13.25 ? 153 VAL A CG1 1 
ATOM   1118 C  CG2 . VAL A 1 149 ? 7.978   11.571  3.085   1.00 13.58 ? 153 VAL A CG2 1 
ATOM   1119 N  N   . GLY A 1 150 ? 11.408  8.289   3.566   1.00 10.88 ? 154 GLY A N   1 
ATOM   1120 C  CA  . GLY A 1 150 ? 12.211  7.116   3.191   1.00 10.49 ? 154 GLY A CA  1 
ATOM   1121 C  C   . GLY A 1 150 ? 11.630  5.794   3.641   1.00 10.10 ? 154 GLY A C   1 
ATOM   1122 O  O   . GLY A 1 150 ? 10.583  5.734   4.300   1.00 8.91  ? 154 GLY A O   1 
ATOM   1123 N  N   . GLU A 1 151 ? 12.333  4.729   3.306   1.00 9.94  ? 155 GLU A N   1 
ATOM   1124 C  CA  . GLU A 1 151 ? 11.834  3.392   3.607   1.00 11.25 ? 155 GLU A CA  1 
ATOM   1125 C  C   . GLU A 1 151 ? 11.684  3.166   5.109   1.00 10.84 ? 155 GLU A C   1 
ATOM   1126 O  O   . GLU A 1 151 ? 10.748  2.485   5.538   1.00 11.79 ? 155 GLU A O   1 
ATOM   1127 C  CB  . GLU A 1 151 ? 12.771  2.339   3.005   1.00 10.67 ? 155 GLU A CB  1 
ATOM   1128 C  CG  . GLU A 1 151 ? 12.245  0.874   3.077   1.00 11.08 ? 155 GLU A CG  1 
ATOM   1129 C  CD  . GLU A 1 151 ? 12.971  -0.036  2.109   1.00 12.22 ? 155 GLU A CD  1 
ATOM   1130 O  OE1 . GLU A 1 151 ? 13.463  0.460   1.090   1.00 13.57 ? 155 GLU A OE1 1 
ATOM   1131 O  OE2 . GLU A 1 151 ? 13.062  -1.242  2.373   1.00 14.71 ? 155 GLU A OE2 1 
ATOM   1132 N  N   . THR A 1 152 ? 12.597  3.728   5.911   1.00 11.51 ? 156 THR A N   1 
ATOM   1133 C  CA  . THR A 1 152 ? 12.539  3.534   7.370   1.00 12.36 ? 156 THR A CA  1 
ATOM   1134 C  C   . THR A 1 152 ? 11.367  4.292   7.987   1.00 12.25 ? 156 THR A C   1 
ATOM   1135 O  O   . THR A 1 152 ? 10.975  4.032   9.138   1.00 13.20 ? 156 THR A O   1 
ATOM   1136 C  CB  . THR A 1 152 ? 13.871  3.893   8.067   1.00 12.89 ? 156 THR A CB  1 
ATOM   1137 O  OG1 . THR A 1 152 ? 14.170  5.265   7.820   1.00 15.97 ? 156 THR A OG1 1 
ATOM   1138 C  CG2 . THR A 1 152 ? 15.000  3.022   7.538   1.00 14.33 ? 156 THR A CG2 1 
ATOM   1139 N  N   . GLU A 1 153 ? 10.794  5.220   7.224   1.00 11.76 ? 157 GLU A N   1 
ATOM   1140 C  CA  . GLU A 1 153 ? 9.572   5.918   7.646   1.00 12.13 ? 157 GLU A CA  1 
ATOM   1141 C  C   . GLU A 1 153 ? 8.326   5.175   7.170   1.00 12.92 ? 157 GLU A C   1 
ATOM   1142 O  O   . GLU A 1 153 ? 7.405   4.939   7.961   1.00 14.67 ? 157 GLU A O   1 
ATOM   1143 C  CB  . GLU A 1 153 ? 9.585   7.392   7.192   1.00 11.24 ? 157 GLU A CB  1 
ATOM   1144 C  CG  . GLU A 1 153 ? 10.640  8.231   7.983   1.00 10.99 ? 157 GLU A CG  1 
ATOM   1145 C  CD  . GLU A 1 153 ? 10.970  9.595   7.402   1.00 12.90 ? 157 GLU A CD  1 
ATOM   1146 O  OE1 . GLU A 1 153 ? 10.911  9.763   6.172   1.00 13.31 ? 157 GLU A OE1 1 
ATOM   1147 O  OE2 . GLU A 1 153 ? 11.333  10.538  8.168   1.00 13.50 ? 157 GLU A OE2 1 
ATOM   1148 N  N   . ILE A 1 154 ? 8.294   4.765   5.899   1.00 12.13 ? 158 ILE A N   1 
ATOM   1149 C  CA  . ILE A 1 154 ? 7.071   4.158   5.373   1.00 12.86 ? 158 ILE A CA  1 
ATOM   1150 C  C   . ILE A 1 154 ? 6.800   2.722   5.818   1.00 11.90 ? 158 ILE A C   1 
ATOM   1151 O  O   . ILE A 1 154 ? 5.639   2.347   5.955   1.00 11.78 ? 158 ILE A O   1 
ATOM   1152 C  CB  . ILE A 1 154 ? 6.914   4.320   3.840   1.00 12.79 ? 158 ILE A CB  1 
ATOM   1153 C  CG1 . ILE A 1 154 ? 7.928   3.492   3.038   1.00 12.67 ? 158 ILE A CG1 1 
ATOM   1154 C  CG2 . ILE A 1 154 ? 7.017   5.781   3.436   1.00 14.46 ? 158 ILE A CG2 1 
ATOM   1155 C  CD1 . ILE A 1 154 ? 7.623   3.503   1.532   1.00 14.09 ? 158 ILE A CD1 1 
ATOM   1156 N  N   . VAL A 1 155 ? 7.832   1.912   6.028   1.00 11.59 ? 159 VAL A N   1 
ATOM   1157 C  CA  . VAL A 1 155 ? 7.537   0.528   6.376   1.00 12.04 ? 159 VAL A CA  1 
ATOM   1158 C  C   . VAL A 1 155 ? 6.852   0.403   7.746   1.00 12.51 ? 159 VAL A C   1 
ATOM   1159 O  O   . VAL A 1 155 ? 5.799   -0.219  7.838   1.00 11.83 ? 159 VAL A O   1 
ATOM   1160 C  CB  . VAL A 1 155 ? 8.746   -0.430  6.172   1.00 12.06 ? 159 VAL A CB  1 
ATOM   1161 C  CG1 . VAL A 1 155 ? 8.393   -1.858  6.577   1.00 13.25 ? 159 VAL A CG1 1 
ATOM   1162 C  CG2 . VAL A 1 155 ? 9.175   -0.405  4.704   1.00 12.14 ? 159 VAL A CG2 1 
ATOM   1163 N  N   . PRO A 1 156 ? 7.403   1.043   8.809   1.00 13.08 ? 160 PRO A N   1 
ATOM   1164 C  CA  . PRO A 1 156 ? 6.651   0.998   10.080  1.00 13.57 ? 160 PRO A CA  1 
ATOM   1165 C  C   . PRO A 1 156 ? 5.303   1.741   10.041  1.00 13.04 ? 160 PRO A C   1 
ATOM   1166 O  O   . PRO A 1 156 ? 4.357   1.335   10.718  1.00 13.90 ? 160 PRO A O   1 
ATOM   1167 C  CB  . PRO A 1 156 ? 7.602   1.665   11.082  1.00 14.29 ? 160 PRO A CB  1 
ATOM   1168 C  CG  . PRO A 1 156 ? 8.520   2.452   10.283  1.00 15.26 ? 160 PRO A CG  1 
ATOM   1169 C  CD  . PRO A 1 156 ? 8.690   1.746   8.965   1.00 13.56 ? 160 PRO A CD  1 
ATOM   1170 N  N   . ALA A 1 157 ? 5.187   2.805   9.242   1.00 12.24 ? 161 ALA A N   1 
ATOM   1171 C  CA  . ALA A 1 157 ? 3.866   3.472   9.097   1.00 13.06 ? 161 ALA A CA  1 
ATOM   1172 C  C   . ALA A 1 157 ? 2.840   2.527   8.458   1.00 13.51 ? 161 ALA A C   1 
ATOM   1173 O  O   . ALA A 1 157 ? 1.668   2.514   8.835   1.00 13.76 ? 161 ALA A O   1 
ATOM   1174 C  CB  . ALA A 1 157 ? 3.980   4.733   8.283   1.00 13.46 ? 161 ALA A CB  1 
ATOM   1175 N  N   . PHE A 1 158 ? 3.293   1.737   7.491   1.00 12.38 ? 162 PHE A N   1 
ATOM   1176 C  CA  . PHE A 1 158 ? 2.434   0.773   6.829   1.00 12.03 ? 162 PHE A CA  1 
ATOM   1177 C  C   . PHE A 1 158 ? 1.998   -0.279  7.866   1.00 12.52 ? 162 PHE A C   1 
ATOM   1178 O  O   . PHE A 1 158 ? 0.805   -0.576  7.972   1.00 12.12 ? 162 PHE A O   1 
ATOM   1179 C  CB  . PHE A 1 158 ? 3.199   0.160   5.649   1.00 11.67 ? 162 PHE A CB  1 
ATOM   1180 C  CG  . PHE A 1 158 ? 2.440   -0.908  4.899   1.00 12.19 ? 162 PHE A CG  1 
ATOM   1181 C  CD1 . PHE A 1 158 ? 1.818   -0.604  3.692   1.00 12.42 ? 162 PHE A CD1 1 
ATOM   1182 C  CD2 . PHE A 1 158 ? 2.395   -2.228  5.376   1.00 13.02 ? 162 PHE A CD2 1 
ATOM   1183 C  CE1 . PHE A 1 158 ? 1.105   -1.582  2.998   1.00 11.49 ? 162 PHE A CE1 1 
ATOM   1184 C  CE2 . PHE A 1 158 ? 1.702   -3.219  4.676   1.00 14.13 ? 162 PHE A CE2 1 
ATOM   1185 C  CZ  . PHE A 1 158 ? 1.069   -2.894  3.485   1.00 10.89 ? 162 PHE A CZ  1 
ATOM   1186 N  N   . ALA A 1 159 ? 2.959   -0.778  8.650   1.00 12.88 ? 163 ALA A N   1 
ATOM   1187 C  CA  . ALA A 1 159 ? 2.699   -1.754  9.720   1.00 13.96 ? 163 ALA A CA  1 
ATOM   1188 C  C   . ALA A 1 159 ? 1.662   -1.218  10.719  1.00 13.96 ? 163 ALA A C   1 
ATOM   1189 O  O   . ALA A 1 159 ? 0.735   -1.937  11.124  1.00 14.48 ? 163 ALA A O   1 
ATOM   1190 C  CB  . ALA A 1 159 ? 3.988   -2.105  10.447  1.00 14.12 ? 163 ALA A CB  1 
ATOM   1191 N  N   . ARG A 1 160 ? 1.817   0.045   11.113  1.00 14.95 ? 164 ARG A N   1 
ATOM   1192 C  CA  . ARG A 1 160 ? 0.898   0.695   12.042  1.00 16.09 ? 164 ARG A CA  1 
ATOM   1193 C  C   . ARG A 1 160 ? -0.495  0.910   11.440  1.00 15.08 ? 164 ARG A C   1 
ATOM   1194 O  O   . ARG A 1 160 ? -1.518  0.650   12.096  1.00 15.21 ? 164 ARG A O   1 
ATOM   1195 C  CB  . ARG A 1 160 ? 1.459   2.043   12.511  1.00 16.64 ? 164 ARG A CB  1 
ATOM   1196 C  CG  . ARG A 1 160 ? 2.588   1.966   13.533  1.00 18.44 ? 164 ARG A CG  1 
ATOM   1197 C  CD  . ARG A 1 160 ? 3.126   3.361   13.879  1.00 20.26 ? 164 ARG A CD  1 
ATOM   1198 N  NE  . ARG A 1 160 ? 3.720   4.020   12.711  1.00 26.19 ? 164 ARG A NE  1 
ATOM   1199 C  CZ  . ARG A 1 160 ? 4.582   5.036   12.774  1.00 27.47 ? 164 ARG A CZ  1 
ATOM   1200 N  NH1 . ARG A 1 160 ? 4.941   5.541   13.951  1.00 28.45 ? 164 ARG A NH1 1 
ATOM   1201 N  NH2 . ARG A 1 160 ? 5.076   5.563   11.666  1.00 28.40 ? 164 ARG A NH2 1 
ATOM   1202 N  N   . TYR A 1 161 ? -0.554  1.409   10.204  1.00 13.83 ? 165 TYR A N   1 
ATOM   1203 C  CA  . TYR A 1 161 ? -1.850  1.665   9.570   1.00 14.00 ? 165 TYR A CA  1 
ATOM   1204 C  C   . TYR A 1 161 ? -2.694  0.384   9.480   1.00 14.07 ? 165 TYR A C   1 
ATOM   1205 O  O   . TYR A 1 161 ? -3.911  0.442   9.695   1.00 15.00 ? 165 TYR A O   1 
ATOM   1206 C  CB  . TYR A 1 161 ? -1.694  2.299   8.178   1.00 14.58 ? 165 TYR A CB  1 
ATOM   1207 C  CG  . TYR A 1 161 ? -3.009  2.493   7.463   1.00 13.85 ? 165 TYR A CG  1 
ATOM   1208 C  CD1 . TYR A 1 161 ? -3.908  3.477   7.854   1.00 16.50 ? 165 TYR A CD1 1 
ATOM   1209 C  CD2 . TYR A 1 161 ? -3.367  1.662   6.404   1.00 13.99 ? 165 TYR A CD2 1 
ATOM   1210 C  CE1 . TYR A 1 161 ? -5.137  3.631   7.190   1.00 13.15 ? 165 TYR A CE1 1 
ATOM   1211 C  CE2 . TYR A 1 161 ? -4.590  1.824   5.726   1.00 14.16 ? 165 TYR A CE2 1 
ATOM   1212 C  CZ  . TYR A 1 161 ? -5.459  2.792   6.137   1.00 15.50 ? 165 TYR A CZ  1 
ATOM   1213 O  OH  . TYR A 1 161 ? -6.658  2.940   5.473   1.00 17.56 ? 165 TYR A OH  1 
ATOM   1214 N  N   . PHE A 1 162 ? -2.059  -0.756  9.190   1.00 14.22 ? 166 PHE A N   1 
ATOM   1215 C  CA  . PHE A 1 162 ? -2.804  -2.028  9.089   1.00 13.79 ? 166 PHE A CA  1 
ATOM   1216 C  C   . PHE A 1 162 ? -2.960  -2.790  10.437  1.00 14.86 ? 166 PHE A C   1 
ATOM   1217 O  O   . PHE A 1 162 ? -3.425  -3.954  10.488  1.00 15.35 ? 166 PHE A O   1 
ATOM   1218 C  CB  . PHE A 1 162 ? -2.292  -2.883  7.915   1.00 13.53 ? 166 PHE A CB  1 
ATOM   1219 C  CG  . PHE A 1 162 ? -2.658  -2.307  6.558   1.00 12.78 ? 166 PHE A CG  1 
ATOM   1220 C  CD1 . PHE A 1 162 ? -3.987  -2.280  6.150   1.00 13.14 ? 166 PHE A CD1 1 
ATOM   1221 C  CD2 . PHE A 1 162 ? -1.697  -1.719  5.733   1.00 12.31 ? 166 PHE A CD2 1 
ATOM   1222 C  CE1 . PHE A 1 162 ? -4.359  -1.723  4.914   1.00 14.59 ? 166 PHE A CE1 1 
ATOM   1223 C  CE2 . PHE A 1 162 ? -2.055  -1.176  4.493   1.00 12.39 ? 166 PHE A CE2 1 
ATOM   1224 C  CZ  . PHE A 1 162 ? -3.389  -1.167  4.090   1.00 14.11 ? 166 PHE A CZ  1 
ATOM   1225 N  N   . THR A 1 163 ? -2.585  -2.095  11.517  1.00 15.28 ? 167 THR A N   1 
ATOM   1226 C  CA  . THR A 1 163 ? -2.900  -2.504  12.876  1.00 15.89 ? 167 THR A CA  1 
ATOM   1227 C  C   . THR A 1 163 ? -4.116  -1.707  13.320  1.00 16.03 ? 167 THR A C   1 
ATOM   1228 O  O   . THR A 1 163 ? -4.005  -0.582  13.835  1.00 16.60 ? 167 THR A O   1 
ATOM   1229 C  CB  . THR A 1 163 ? -1.714  -2.241  13.814  1.00 15.83 ? 167 THR A CB  1 
ATOM   1230 O  OG1 . THR A 1 163 ? -0.569  -2.947  13.332  1.00 17.37 ? 167 THR A OG1 1 
ATOM   1231 C  CG2 . THR A 1 163 ? -2.024  -2.699  15.239  1.00 16.69 ? 167 THR A CG2 1 
ATOM   1232 N  N   . VAL A 1 164 ? -5.292  -2.272  13.095  1.00 16.23 ? 168 VAL A N   1 
ATOM   1233 C  CA  . VAL A 1 164 ? -6.514  -1.575  13.435  1.00 16.87 ? 168 VAL A CA  1 
ATOM   1234 C  C   . VAL A 1 164 ? -6.656  -1.638  14.962  1.00 17.49 ? 168 VAL A C   1 
ATOM   1235 O  O   . VAL A 1 164 ? -6.830  -2.717  15.524  1.00 17.34 ? 168 VAL A O   1 
ATOM   1236 C  CB  . VAL A 1 164 ? -7.731  -2.210  12.750  1.00 16.63 ? 168 VAL A CB  1 
ATOM   1237 C  CG1 . VAL A 1 164 ? -8.969  -1.439  13.131  1.00 18.05 ? 168 VAL A CG1 1 
ATOM   1238 C  CG2 . VAL A 1 164 ? -7.537  -2.235  11.220  1.00 18.26 ? 168 VAL A CG2 1 
ATOM   1239 N  N   . PRO A 1 165 ? -6.548  -0.483  15.644  1.00 18.58 ? 169 PRO A N   1 
ATOM   1240 C  CA  . PRO A 1 165 ? -6.551  -0.564  17.103  1.00 18.68 ? 169 PRO A CA  1 
ATOM   1241 C  C   . PRO A 1 165 ? -7.941  -0.935  17.603  1.00 18.53 ? 169 PRO A C   1 
ATOM   1242 O  O   . PRO A 1 165 ? -8.937  -0.555  16.971  1.00 17.58 ? 169 PRO A O   1 
ATOM   1243 C  CB  . PRO A 1 165 ? -6.163  0.851   17.542  1.00 19.53 ? 169 PRO A CB  1 
ATOM   1244 C  CG  . PRO A 1 165 ? -6.514  1.718   16.398  1.00 19.04 ? 169 PRO A CG  1 
ATOM   1245 C  CD  . PRO A 1 165 ? -6.428  0.897   15.151  1.00 19.05 ? 169 PRO A CD  1 
ATOM   1246 N  N   . ALA A 1 166 ? -8.003  -1.686  18.705  1.00 18.17 ? 170 ALA A N   1 
ATOM   1247 C  CA  . ALA A 1 166 ? -9.262  -2.035  19.361  1.00 17.93 ? 170 ALA A CA  1 
ATOM   1248 C  C   . ALA A 1 166 ? -9.842  -0.799  20.022  1.00 18.04 ? 170 ALA A C   1 
ATOM   1249 O  O   . ALA A 1 166 ? -10.933 -0.842  20.585  1.00 18.44 ? 170 ALA A O   1 
ATOM   1250 C  CB  . ALA A 1 166 ? -9.053  -3.118  20.410  1.00 18.02 ? 170 ALA A CB  1 
HETATM 1251 CA CA  . CA  B 2 .   ? 15.622  11.713  7.271   1.00 8.87  ? 1   CA  A CA  1 
HETATM 1252 CA CA  . CA  C 2 .   ? 14.853  12.055  -5.439  1.00 9.41  ? 2   CA  A CA  1 
HETATM 1253 CA CA  . CA  D 2 .   ? 6.630   -8.700  -16.126 1.00 10.63 ? 3   CA  A CA  1 
HETATM 1254 CA CA  . CA  E 2 .   ? -11.737 -5.088  -5.750  1.00 9.00  ? 171 CA  A CA  1 
HETATM 1255 CA CA  . CA  F 2 .   ? -12.000 -15.982 -0.645  1.00 11.76 ? 172 CA  A CA  1 
HETATM 1256 CA CA  . CA  G 2 .   ? -7.335  20.262  4.525   1.00 14.45 ? 173 CA  A CA  1 
HETATM 1257 CA CA  . CA  H 2 .   ? -12.995 -9.876  -8.685  1.00 8.57  ? 174 CA  A CA  1 
HETATM 1258 CA CA  . CA  I 2 .   ? 12.180  12.125  6.525   1.00 12.22 ? 175 CA  A CA  1 
HETATM 1259 CA CA  . CA  J 2 .   ? -1.905  13.970  -6.887  1.00 38.07 ? 176 CA  A CA  1 
HETATM 1260 CA CA  . CA  K 2 .   ? -5.668  19.370  -7.229  1.00 16.93 ? 177 CA  A CA  1 
HETATM 1261 CA CA  . CA  L 2 .   ? 16.830  14.764  -5.187  1.00 19.87 ? 178 CA  A CA  1 
HETATM 1262 O  O   . HOH M 3 .   ? -7.309  4.339   -0.876  1.00 20.06 ? 4   HOH A O   1 
HETATM 1263 O  O   . HOH M 3 .   ? -9.057  16.718  -1.325  1.00 9.93  ? 179 HOH A O   1 
HETATM 1264 O  O   . HOH M 3 .   ? 14.095  10.977  6.170   1.00 14.79 ? 180 HOH A O   1 
HETATM 1265 O  O   . HOH M 3 .   ? 10.601  0.392   -8.796  1.00 9.66  ? 181 HOH A O   1 
HETATM 1266 O  O   . HOH M 3 .   ? 13.070  -4.988  -12.418 1.00 12.05 ? 182 HOH A O   1 
HETATM 1267 O  O   . HOH M 3 .   ? 5.717   -6.503  -1.510  1.00 9.84  ? 183 HOH A O   1 
HETATM 1268 O  O   . HOH M 3 .   ? 0.896   2.633   -16.033 1.00 9.47  ? 184 HOH A O   1 
HETATM 1269 O  O   . HOH M 3 .   ? -7.422  -10.809 -10.284 1.00 19.84 ? 185 HOH A O   1 
HETATM 1270 O  O   . HOH M 3 .   ? 11.356  -4.202  -4.871  1.00 12.98 ? 186 HOH A O   1 
HETATM 1271 O  O   . HOH M 3 .   ? 8.650   10.975  -12.636 1.00 18.57 ? 187 HOH A O   1 
HETATM 1272 O  O   . HOH M 3 .   ? -7.064  -12.539 -7.625  1.00 9.34  ? 188 HOH A O   1 
HETATM 1273 O  O   . HOH M 3 .   ? 6.557   17.142  -6.796  1.00 14.92 ? 189 HOH A O   1 
HETATM 1274 O  O   . HOH M 3 .   ? 13.678  2.152   -14.704 1.00 10.39 ? 190 HOH A O   1 
HETATM 1275 O  O   . HOH M 3 .   ? 10.522  12.661  -5.054  1.00 8.88  ? 191 HOH A O   1 
HETATM 1276 O  O   . HOH M 3 .   ? 14.437  5.079   1.364   1.00 15.39 ? 192 HOH A O   1 
HETATM 1277 O  O   . HOH M 3 .   ? 1.347   -0.154  -16.382 1.00 15.22 ? 193 HOH A O   1 
HETATM 1278 O  O   . HOH M 3 .   ? 10.242  8.990   -11.213 1.00 14.19 ? 194 HOH A O   1 
HETATM 1279 O  O   . HOH M 3 .   ? 11.566  -7.023  -11.218 1.00 16.57 ? 195 HOH A O   1 
HETATM 1280 O  O   . HOH M 3 .   ? -5.583  -4.945  12.021  1.00 15.81 ? 196 HOH A O   1 
HETATM 1281 O  O   . HOH M 3 .   ? 4.623   -12.365 -0.522  1.00 20.20 ? 197 HOH A O   1 
HETATM 1282 O  O   . HOH M 3 .   ? -0.970  3.316   -17.936 1.00 20.53 ? 198 HOH A O   1 
HETATM 1283 O  O   . HOH M 3 .   ? 3.142   3.966   -17.023 1.00 11.03 ? 199 HOH A O   1 
HETATM 1284 O  O   . HOH M 3 .   ? 7.904   18.273  -0.917  1.00 13.33 ? 200 HOH A O   1 
HETATM 1285 O  O   . HOH M 3 .   ? -5.304  1.690   -12.702 1.00 21.52 ? 201 HOH A O   1 
HETATM 1286 O  O   . HOH M 3 .   ? -9.825  -9.612  -11.038 1.00 18.04 ? 202 HOH A O   1 
HETATM 1287 O  O   . HOH M 3 .   ? 12.953  12.967  -6.397  1.00 10.59 ? 203 HOH A O   1 
HETATM 1288 O  O   . HOH M 3 .   ? -14.934 -1.556  -10.191 1.00 14.80 ? 204 HOH A O   1 
HETATM 1289 O  O   . HOH M 3 .   ? 6.171   -0.140  -21.034 1.00 15.57 ? 205 HOH A O   1 
HETATM 1290 O  O   . HOH M 3 .   ? 4.786   8.176   10.480  1.00 26.22 ? 206 HOH A O   1 
HETATM 1291 O  O   . HOH M 3 .   ? 10.076  -5.989  -6.532  1.00 11.20 ? 207 HOH A O   1 
HETATM 1292 O  O   . HOH M 3 .   ? 8.761   17.275  -5.132  1.00 16.32 ? 208 HOH A O   1 
HETATM 1293 O  O   . HOH M 3 .   ? -12.804 -1.402  -12.201 1.00 20.75 ? 209 HOH A O   1 
HETATM 1294 O  O   . HOH M 3 .   ? 7.211   -11.490 6.930   1.00 18.43 ? 210 HOH A O   1 
HETATM 1295 O  O   . HOH M 3 .   ? 8.650   -4.952  9.449   1.00 22.77 ? 211 HOH A O   1 
HETATM 1296 O  O   . HOH M 3 .   ? 8.908   -8.457  -5.706  1.00 17.90 ? 212 HOH A O   1 
HETATM 1297 O  O   . HOH M 3 .   ? 12.469  -0.214  8.028   1.00 24.26 ? 213 HOH A O   1 
HETATM 1298 O  O   . HOH M 3 .   ? -10.324 -13.327 -8.363  1.00 11.60 ? 214 HOH A O   1 
HETATM 1299 O  O   . HOH M 3 .   ? 13.500  9.353   0.748   1.00 18.14 ? 215 HOH A O   1 
HETATM 1300 O  O   . HOH M 3 .   ? 12.029  -7.142  -8.326  1.00 18.98 ? 216 HOH A O   1 
HETATM 1301 O  O   . HOH M 3 .   ? 14.979  16.829  -5.176  1.00 17.22 ? 217 HOH A O   1 
HETATM 1302 O  O   . HOH M 3 .   ? -3.357  -15.513 -6.887  1.00 27.56 ? 218 HOH A O   1 
HETATM 1303 O  O   . HOH M 3 .   ? 7.779   -8.308  -12.240 1.00 11.78 ? 219 HOH A O   1 
HETATM 1304 O  O   . HOH M 3 .   ? -9.761  15.543  1.093   1.00 15.52 ? 220 HOH A O   1 
HETATM 1305 O  O   . HOH M 3 .   ? 7.968   -10.477 -10.576 1.00 21.51 ? 221 HOH A O   1 
HETATM 1306 O  O   . HOH M 3 .   ? -2.626  7.555   -12.268 1.00 18.23 ? 222 HOH A O   1 
HETATM 1307 O  O   . HOH M 3 .   ? 21.779  7.677   -6.466  1.00 20.91 ? 223 HOH A O   1 
HETATM 1308 O  O   . HOH M 3 .   ? -11.503 -6.304  -7.759  1.00 9.91  ? 224 HOH A O   1 
HETATM 1309 O  O   . HOH M 3 .   ? -9.603  4.133   3.159   1.00 22.01 ? 225 HOH A O   1 
HETATM 1310 O  O   . HOH M 3 .   ? 8.796   11.980  14.807  1.00 18.15 ? 226 HOH A O   1 
HETATM 1311 O  O   . HOH M 3 .   ? -5.763  6.388   -8.999  1.00 19.99 ? 227 HOH A O   1 
HETATM 1312 O  O   . HOH M 3 .   ? 5.575   -13.868 -2.834  1.00 28.19 ? 228 HOH A O   1 
HETATM 1313 O  O   . HOH M 3 .   ? -9.197  2.809   -2.146  1.00 20.34 ? 229 HOH A O   1 
HETATM 1314 O  O   . HOH M 3 .   ? 2.210   17.929  2.609   1.00 15.82 ? 230 HOH A O   1 
HETATM 1315 O  O   . HOH M 3 .   ? -3.289  4.008   -16.977 1.00 26.62 ? 231 HOH A O   1 
HETATM 1316 O  O   . HOH M 3 .   ? -6.970  -1.155  -8.885  1.00 16.82 ? 232 HOH A O   1 
HETATM 1317 O  O   . HOH M 3 .   ? 12.249  4.209   -15.767 1.00 18.05 ? 233 HOH A O   1 
HETATM 1318 O  O   . HOH M 3 .   ? 5.978   -11.260 -7.118  1.00 18.35 ? 234 HOH A O   1 
HETATM 1319 O  O   . HOH M 3 .   ? -9.160  3.417   -4.936  1.00 24.42 ? 235 HOH A O   1 
HETATM 1320 O  O   . HOH M 3 .   ? 3.559   2.020   -19.082 1.00 15.85 ? 236 HOH A O   1 
HETATM 1321 O  O   . HOH M 3 .   ? 15.718  5.607   -6.496  1.00 20.78 ? 237 HOH A O   1 
HETATM 1322 O  O   . HOH M 3 .   ? 13.984  6.510   -0.984  1.00 16.72 ? 238 HOH A O   1 
HETATM 1323 O  O   . HOH M 3 .   ? -17.401 -8.967  0.035   1.00 22.43 ? 239 HOH A O   1 
HETATM 1324 O  O   . HOH M 3 .   ? 13.141  15.734  -6.926  1.00 16.56 ? 240 HOH A O   1 
HETATM 1325 O  O   . HOH M 3 .   ? -4.485  -9.888  -13.898 1.00 30.01 ? 241 HOH A O   1 
HETATM 1326 O  O   . HOH M 3 .   ? 8.382   -2.167  10.181  1.00 28.94 ? 242 HOH A O   1 
HETATM 1327 O  O   . HOH M 3 .   ? 10.119  -5.634  -19.249 1.00 25.11 ? 243 HOH A O   1 
HETATM 1328 O  O   . HOH M 3 .   ? 0.928   -6.856  -9.855  1.00 16.96 ? 244 HOH A O   1 
HETATM 1329 O  O   . HOH M 3 .   ? -9.483  -4.722  -10.582 1.00 16.56 ? 245 HOH A O   1 
HETATM 1330 O  O   . HOH M 3 .   ? 13.109  -5.473  -3.322  1.00 19.49 ? 246 HOH A O   1 
HETATM 1331 O  O   . HOH M 3 .   ? 8.415   17.838  6.071   1.00 19.25 ? 247 HOH A O   1 
HETATM 1332 O  O   . HOH M 3 .   ? -6.941  1.636   -9.168  1.00 19.35 ? 248 HOH A O   1 
HETATM 1333 O  O   . HOH M 3 .   ? -15.810 -14.713 -3.028  1.00 24.64 ? 249 HOH A O   1 
HETATM 1334 O  O   . HOH M 3 .   ? -4.125  3.610   -14.267 1.00 25.81 ? 250 HOH A O   1 
HETATM 1335 O  O   . HOH M 3 .   ? 2.742   6.183   -18.404 1.00 20.91 ? 251 HOH A O   1 
HETATM 1336 O  O   . HOH M 3 .   ? 12.909  9.495   10.025  1.00 18.31 ? 252 HOH A O   1 
HETATM 1337 O  O   . HOH M 3 .   ? 6.771   -10.427 0.002   1.00 21.97 ? 253 HOH A O   1 
HETATM 1338 O  O   . HOH M 3 .   ? -12.024 5.193   3.382   1.00 20.59 ? 254 HOH A O   1 
HETATM 1339 O  O   . HOH M 3 .   ? 3.317   -0.814  -24.427 1.00 29.64 ? 255 HOH A O   1 
HETATM 1340 O  O   . HOH M 3 .   ? 14.363  -3.271  0.770   1.00 22.24 ? 256 HOH A O   1 
HETATM 1341 O  O   . HOH M 3 .   ? -18.518 -10.363 2.359   1.00 22.01 ? 257 HOH A O   1 
HETATM 1342 O  O   . HOH M 3 .   ? 8.799   19.394  -3.192  1.00 17.07 ? 258 HOH A O   1 
HETATM 1343 O  O   . HOH M 3 .   ? -1.949  13.730  -9.679  1.00 18.40 ? 259 HOH A O   1 
HETATM 1344 O  O   . HOH M 3 .   ? 5.464   19.587  0.060   1.00 20.90 ? 260 HOH A O   1 
HETATM 1345 O  O   . HOH M 3 .   ? 9.543   15.538  -8.521  1.00 20.37 ? 261 HOH A O   1 
HETATM 1346 O  O   . HOH M 3 .   ? -17.613 -8.311  -3.974  1.00 20.29 ? 262 HOH A O   1 
HETATM 1347 O  O   . HOH M 3 .   ? 0.353   -14.037 -9.607  1.00 25.71 ? 263 HOH A O   1 
HETATM 1348 O  O   . HOH M 3 .   ? 14.671  2.500   -0.075  1.00 26.25 ? 264 HOH A O   1 
HETATM 1349 O  O   . HOH M 3 .   ? 15.170  4.893   4.699   1.00 26.40 ? 265 HOH A O   1 
HETATM 1350 O  O   . HOH M 3 .   ? -17.838 -0.077  15.957  1.00 28.00 ? 266 HOH A O   1 
HETATM 1351 O  O   . HOH M 3 .   ? -5.258  -17.497 -2.284  1.00 19.02 ? 267 HOH A O   1 
HETATM 1352 O  O   . HOH M 3 .   ? -9.518  -22.220 5.279   1.00 34.75 ? 268 HOH A O   1 
HETATM 1353 O  O   . HOH M 3 .   ? -4.626  14.438  8.914   1.00 39.44 ? 269 HOH A O   1 
HETATM 1354 O  O   . HOH M 3 .   ? -3.526  -16.368 -4.180  1.00 27.62 ? 270 HOH A O   1 
HETATM 1355 O  O   . HOH M 3 .   ? 0.299   15.927  8.805   1.00 21.99 ? 271 HOH A O   1 
HETATM 1356 O  O   . HOH M 3 .   ? 4.188   18.996  4.128   1.00 23.08 ? 272 HOH A O   1 
HETATM 1357 O  O   . HOH M 3 .   ? 17.981  4.217   -5.423  1.00 36.21 ? 273 HOH A O   1 
HETATM 1358 O  O   . HOH M 3 .   ? -15.989 1.512   18.316  1.00 22.92 ? 274 HOH A O   1 
HETATM 1359 O  O   . HOH M 3 .   ? -14.918 -1.322  -0.908  1.00 25.25 ? 275 HOH A O   1 
HETATM 1360 O  O   . HOH M 3 .   ? -10.188 -0.740  -11.915 1.00 27.79 ? 276 HOH A O   1 
HETATM 1361 O  O   . HOH M 3 .   ? 0.871   20.414  2.733   1.00 24.54 ? 277 HOH A O   1 
HETATM 1362 O  O   . HOH M 3 .   ? 13.893  2.348   -3.434  1.00 19.57 ? 278 HOH A O   1 
HETATM 1363 O  O   . HOH M 3 .   ? -16.858 -14.671 2.679   1.00 24.16 ? 279 HOH A O   1 
HETATM 1364 O  O   . HOH M 3 .   ? 1.450   -2.071  15.016  1.00 24.69 ? 280 HOH A O   1 
HETATM 1365 O  O   . HOH M 3 .   ? 0.145   -0.788  -18.933 1.00 24.51 ? 281 HOH A O   1 
HETATM 1366 O  O   . HOH M 3 .   ? 13.801  5.767   -3.756  1.00 29.73 ? 282 HOH A O   1 
HETATM 1367 O  O   . HOH M 3 .   ? 0.662   4.820   10.238  1.00 18.71 ? 283 HOH A O   1 
HETATM 1368 O  O   . HOH M 3 .   ? -14.459 -15.715 -1.079  1.00 20.01 ? 284 HOH A O   1 
HETATM 1369 O  O   . HOH M 3 .   ? 0.991   -13.852 4.699   1.00 24.29 ? 285 HOH A O   1 
HETATM 1370 O  O   . HOH M 3 .   ? -0.411  -5.412  17.795  1.00 34.00 ? 286 HOH A O   1 
HETATM 1371 O  O   . HOH M 3 .   ? 13.224  -3.061  -6.567  1.00 14.70 ? 287 HOH A O   1 
HETATM 1372 O  O   . HOH M 3 .   ? 15.452  15.148  -2.662  1.00 20.65 ? 288 HOH A O   1 
HETATM 1373 O  O   . HOH M 3 .   ? 12.575  -5.017  -0.513  1.00 22.54 ? 289 HOH A O   1 
HETATM 1374 O  O   . HOH M 3 .   ? 3.175   17.788  0.089   1.00 18.97 ? 290 HOH A O   1 
HETATM 1375 O  O   . HOH M 3 .   ? 0.086   -16.039 6.316   1.00 32.35 ? 291 HOH A O   1 
HETATM 1376 O  O   . HOH M 3 .   ? 13.044  -0.661  -8.186  1.00 11.01 ? 292 HOH A O   1 
HETATM 1377 O  O   . HOH M 3 .   ? 14.424  -1.470  -10.583 1.00 11.64 ? 293 HOH A O   1 
HETATM 1378 O  O   . HOH M 3 .   ? 16.485  0.174   -11.258 1.00 16.21 ? 294 HOH A O   1 
HETATM 1379 O  O   . HOH M 3 .   ? 14.512  1.511   -7.567  1.00 24.78 ? 295 HOH A O   1 
HETATM 1380 O  O   . HOH M 3 .   ? -0.544  -4.413  10.357  1.00 27.13 ? 296 HOH A O   1 
HETATM 1381 O  O   . HOH M 3 .   ? 6.374   6.378   -2.301  1.00 25.29 ? 297 HOH A O   1 
HETATM 1382 O  O   . HOH M 3 .   ? -13.118 -2.494  19.823  1.00 23.00 ? 298 HOH A O   1 
HETATM 1383 O  O   . HOH M 3 .   ? -8.467  7.975   1.958   1.00 22.88 ? 299 HOH A O   1 
HETATM 1384 O  O   . HOH M 3 .   ? 15.769  1.450   -5.244  1.00 22.85 ? 300 HOH A O   1 
HETATM 1385 O  O   . HOH M 3 .   ? 19.636  12.414  -2.103  1.00 20.98 ? 301 HOH A O   1 
HETATM 1386 O  O   . HOH M 3 .   ? -0.789  -16.567 -1.062  1.00 34.09 ? 302 HOH A O   1 
HETATM 1387 O  O   . HOH M 3 .   ? -3.854  20.933  2.309   1.00 43.47 ? 303 HOH A O   1 
HETATM 1388 O  O   . HOH M 3 .   ? -10.530 -10.412 12.327  1.00 39.03 ? 304 HOH A O   1 
HETATM 1389 O  O   . HOH M 3 .   ? 4.458   0.304   15.833  1.00 96.89 ? 305 HOH A O   1 
HETATM 1390 O  O   . HOH M 3 .   ? -5.701  -2.432  20.135  1.00 33.03 ? 306 HOH A O   1 
HETATM 1391 O  O   . HOH M 3 .   ? -17.352 -11.650 -6.356  1.00 33.41 ? 307 HOH A O   1 
HETATM 1392 O  O   . HOH M 3 .   ? 15.745  10.728  4.896   1.00 18.93 ? 308 HOH A O   1 
HETATM 1393 O  O   . HOH M 3 .   ? 2.315   8.831   -17.587 1.00 40.17 ? 309 HOH A O   1 
HETATM 1394 O  O   . HOH M 3 .   ? -15.882 -3.254  9.391   1.00 40.62 ? 310 HOH A O   1 
HETATM 1395 O  O   . HOH M 3 .   ? -12.288 1.627   -3.025  1.00 45.70 ? 311 HOH A O   1 
HETATM 1396 O  O   . HOH M 3 .   ? -13.923 3.042   4.144   1.00 34.02 ? 312 HOH A O   1 
HETATM 1397 O  O   . HOH M 3 .   ? -6.748  10.031  -5.277  1.00 28.73 ? 313 HOH A O   1 
HETATM 1398 O  O   . HOH M 3 .   ? -2.580  0.662   15.665  1.00 22.25 ? 314 HOH A O   1 
HETATM 1399 O  O   . HOH M 3 .   ? -0.831  -8.050  -8.217  1.00 21.83 ? 315 HOH A O   1 
HETATM 1400 O  O   . HOH M 3 .   ? -10.232 -14.746 6.588   1.00 24.29 ? 316 HOH A O   1 
HETATM 1401 O  O   . HOH M 3 .   ? -12.993 -16.188 6.745   1.00 35.37 ? 317 HOH A O   1 
HETATM 1402 O  O   . HOH M 3 .   ? 4.709   -9.402  13.619  1.00 20.72 ? 318 HOH A O   1 
HETATM 1403 O  O   . HOH M 3 .   ? -5.097  2.903   -7.612  1.00 22.45 ? 319 HOH A O   1 
HETATM 1404 O  O   . HOH M 3 .   ? 9.701   18.176  0.948   1.00 27.81 ? 320 HOH A O   1 
HETATM 1405 O  O   . HOH M 3 .   ? -3.646  -8.678  -11.833 1.00 25.45 ? 321 HOH A O   1 
HETATM 1406 O  O   . HOH M 3 .   ? -13.333 -18.160 3.590   1.00 26.87 ? 322 HOH A O   1 
HETATM 1407 O  O   . HOH M 3 .   ? -17.331 4.934   17.789  1.00 20.64 ? 323 HOH A O   1 
HETATM 1408 O  O   . HOH M 3 .   ? 5.593   13.168  11.610  1.00 23.26 ? 324 HOH A O   1 
HETATM 1409 O  O   . HOH M 3 .   ? -4.448  -19.611 -3.663  1.00 27.99 ? 325 HOH A O   1 
HETATM 1410 O  O   . HOH M 3 .   ? -3.329  2.644   12.487  1.00 23.98 ? 326 HOH A O   1 
HETATM 1411 O  O   . HOH M 3 .   ? 4.416   -2.412  14.329  1.00 23.95 ? 327 HOH A O   1 
HETATM 1412 O  O   . HOH M 3 .   ? -7.963  -15.166 8.377   1.00 40.92 ? 328 HOH A O   1 
HETATM 1413 O  O   . HOH M 3 .   ? 14.052  17.047  -0.738  1.00 29.80 ? 329 HOH A O   1 
HETATM 1414 O  O   . HOH M 3 .   ? 1.354   13.545  -12.728 1.00 23.26 ? 330 HOH A O   1 
HETATM 1415 O  O   . HOH M 3 .   ? 3.615   -3.765  -21.139 1.00 23.60 ? 331 HOH A O   1 
HETATM 1416 O  O   . HOH M 3 .   ? 13.553  -5.722  -15.066 1.00 23.71 ? 332 HOH A O   1 
HETATM 1417 O  O   . HOH M 3 .   ? 7.059   6.217   10.369  1.00 21.23 ? 333 HOH A O   1 
HETATM 1418 O  O   . HOH M 3 .   ? 11.233  8.708   -13.905 1.00 26.43 ? 334 HOH A O   1 
HETATM 1419 O  O   . HOH M 3 .   ? -6.586  4.619   1.751   1.00 31.88 ? 335 HOH A O   1 
HETATM 1420 O  O   . HOH M 3 .   ? -1.758  -16.218 9.258   1.00 41.40 ? 336 HOH A O   1 
HETATM 1421 O  O   . HOH M 3 .   ? 4.506   -13.828 -5.292  1.00 29.65 ? 337 HOH A O   1 
HETATM 1422 O  O   . HOH M 3 .   ? -1.020  18.385  -3.447  1.00 29.70 ? 338 HOH A O   1 
HETATM 1423 O  O   . HOH M 3 .   ? 7.034   13.171  -12.077 1.00 24.49 ? 339 HOH A O   1 
HETATM 1424 O  O   . HOH M 3 .   ? 4.576   -13.655 15.174  1.00 30.52 ? 340 HOH A O   1 
HETATM 1425 O  O   . HOH M 3 .   ? -14.986 -0.646  3.427   1.00 31.73 ? 341 HOH A O   1 
HETATM 1426 O  O   . HOH M 3 .   ? -6.024  -4.164  -12.647 1.00 25.62 ? 342 HOH A O   1 
HETATM 1427 O  O   . HOH M 3 .   ? -3.870  -3.052  -14.252 1.00 35.25 ? 343 HOH A O   1 
HETATM 1428 O  O   . HOH M 3 .   ? 16.585  18.467  4.007   1.00 30.56 ? 344 HOH A O   1 
HETATM 1429 O  O   . HOH M 3 .   ? -8.851  0.667   20.184  1.00 21.04 ? 345 HOH A O   1 
HETATM 1430 O  O   . HOH M 3 .   ? -3.567  3.432   14.985  1.00 27.09 ? 346 HOH A O   1 
HETATM 1431 O  O   . HOH M 3 .   ? -13.136 5.487   12.863  1.00 27.03 ? 347 HOH A O   1 
HETATM 1432 O  O   . HOH M 3 .   ? 6.491   2.884   14.251  1.00 38.91 ? 348 HOH A O   1 
HETATM 1433 O  O   . HOH M 3 .   ? 11.510  7.186   11.312  1.00 25.42 ? 349 HOH A O   1 
HETATM 1434 O  O   . HOH M 3 .   ? -4.408  10.966  6.845   1.00 41.69 ? 350 HOH A O   1 
HETATM 1435 O  O   . HOH M 3 .   ? -15.643 -15.172 6.375   1.00 31.42 ? 351 HOH A O   1 
HETATM 1436 O  O   . HOH M 3 .   ? 1.084   -4.550  8.667   1.00 31.19 ? 352 HOH A O   1 
HETATM 1437 O  O   . HOH M 3 .   ? -1.511  -11.315 9.724   1.00 44.14 ? 353 HOH A O   1 
HETATM 1438 O  O   . HOH M 3 .   ? 8.625   19.368  3.623   1.00 24.91 ? 354 HOH A O   1 
HETATM 1439 O  O   . HOH M 3 .   ? -8.261  -2.354  -10.921 1.00 26.51 ? 355 HOH A O   1 
HETATM 1440 O  O   . HOH M 3 .   ? -1.889  -19.346 2.866   1.00 30.61 ? 356 HOH A O   1 
HETATM 1441 O  O   . HOH M 3 .   ? -2.711  22.929  1.379   1.00 52.60 ? 357 HOH A O   1 
HETATM 1442 O  O   . HOH M 3 .   ? 10.941  -1.690  9.688   1.00 33.15 ? 358 HOH A O   1 
HETATM 1443 O  O   . HOH M 3 .   ? 3.121   15.359  -13.214 1.00 29.04 ? 359 HOH A O   1 
HETATM 1444 O  O   . HOH M 3 .   ? 2.438   -11.956 6.848   1.00 33.80 ? 360 HOH A O   1 
HETATM 1445 O  O   . HOH M 3 .   ? 13.872  -8.391  -6.186  1.00 46.46 ? 361 HOH A O   1 
HETATM 1446 O  O   . HOH M 3 .   ? -7.232  4.114   -6.169  1.00 51.21 ? 362 HOH A O   1 
HETATM 1447 O  O   . HOH M 3 .   ? -5.340  19.851  5.156   1.00 30.86 ? 363 HOH A O   1 
HETATM 1448 O  O   . HOH M 3 .   ? 14.945  17.964  10.336  1.00 30.02 ? 364 HOH A O   1 
HETATM 1449 O  O   . HOH M 3 .   ? 10.250  -6.826  10.806  1.00 36.42 ? 365 HOH A O   1 
HETATM 1450 O  O   . HOH M 3 .   ? 15.946  -7.239  -14.213 1.00 24.60 ? 366 HOH A O   1 
HETATM 1451 O  O   . HOH M 3 .   ? 3.716   -1.128  -21.672 1.00 22.63 ? 367 HOH A O   1 
HETATM 1452 O  O   . HOH M 3 .   ? -1.814  4.745   11.343  1.00 23.44 ? 368 HOH A O   1 
HETATM 1453 O  O   . HOH M 3 .   ? -15.509 6.693   12.836  1.00 24.47 ? 369 HOH A O   1 
HETATM 1454 O  O   . HOH M 3 .   ? 17.522  -7.332  -16.583 1.00 25.01 ? 370 HOH A O   1 
HETATM 1455 O  O   . HOH M 3 .   ? 16.269  19.044  8.175   1.00 26.29 ? 371 HOH A O   1 
HETATM 1456 O  O   . HOH M 3 .   ? 16.122  -9.170  -16.210 1.00 31.69 ? 372 HOH A O   1 
HETATM 1457 O  O   . HOH M 3 .   ? 17.897  14.115  -1.250  1.00 29.45 ? 373 HOH A O   1 
HETATM 1458 O  O   . HOH M 3 .   ? -3.594  18.767  3.931   1.00 23.02 ? 374 HOH A O   1 
HETATM 1459 O  O   . HOH M 3 .   ? 5.102   0.149   13.178  1.00 24.74 ? 375 HOH A O   1 
HETATM 1460 O  O   . HOH M 3 .   ? 13.575  10.031  3.962   1.00 59.35 ? 376 HOH A O   1 
HETATM 1461 O  O   . HOH M 3 .   ? -7.145  9.176   -7.633  1.00 45.71 ? 377 HOH A O   1 
HETATM 1462 O  O   . HOH M 3 .   ? -1.896  -0.441  18.285  1.00 27.24 ? 378 HOH A O   1 
HETATM 1463 O  O   . HOH M 3 .   ? 14.928  14.108  -4.312  1.00 12.92 ? 379 HOH A O   1 
# 
